data_7WWN
# 
_entry.id   7WWN 
# 
_audit_conform.dict_name       mmcif_pdbx.dic 
_audit_conform.dict_version    5.392 
_audit_conform.dict_location   http://mmcif.pdb.org/dictionaries/ascii/mmcif_pdbx.dic 
# 
loop_
_database_2.database_id 
_database_2.database_code 
_database_2.pdbx_database_accession 
_database_2.pdbx_DOI 
PDB   7WWN         pdb_00007wwn 10.2210/pdb7wwn/pdb 
WWPDB D_1300027661 ?            ?                   
# 
loop_
_pdbx_audit_revision_history.ordinal 
_pdbx_audit_revision_history.data_content_type 
_pdbx_audit_revision_history.major_revision 
_pdbx_audit_revision_history.minor_revision 
_pdbx_audit_revision_history.revision_date 
1 'Structure model' 1 0 2022-04-06 
2 'Structure model' 1 1 2022-09-14 
3 'Structure model' 1 2 2024-05-29 
# 
_pdbx_audit_revision_details.ordinal             1 
_pdbx_audit_revision_details.revision_ordinal    1 
_pdbx_audit_revision_details.data_content_type   'Structure model' 
_pdbx_audit_revision_details.provider            repository 
_pdbx_audit_revision_details.type                'Initial release' 
_pdbx_audit_revision_details.description         ? 
_pdbx_audit_revision_details.details             ? 
# 
loop_
_pdbx_audit_revision_group.ordinal 
_pdbx_audit_revision_group.revision_ordinal 
_pdbx_audit_revision_group.data_content_type 
_pdbx_audit_revision_group.group 
1 2 'Structure model' 'Database references' 
2 3 'Structure model' 'Data collection'     
# 
loop_
_pdbx_audit_revision_category.ordinal 
_pdbx_audit_revision_category.revision_ordinal 
_pdbx_audit_revision_category.data_content_type 
_pdbx_audit_revision_category.category 
1 2 'Structure model' citation        
2 2 'Structure model' citation_author 
3 3 'Structure model' chem_comp_atom  
4 3 'Structure model' chem_comp_bond  
# 
loop_
_pdbx_audit_revision_item.ordinal 
_pdbx_audit_revision_item.revision_ordinal 
_pdbx_audit_revision_item.data_content_type 
_pdbx_audit_revision_item.item 
1  2 'Structure model' '_citation.country'                 
2  2 'Structure model' '_citation.journal_abbrev'          
3  2 'Structure model' '_citation.journal_id_ASTM'         
4  2 'Structure model' '_citation.journal_id_CSD'          
5  2 'Structure model' '_citation.journal_id_ISSN'         
6  2 'Structure model' '_citation.journal_volume'          
7  2 'Structure model' '_citation.page_first'              
8  2 'Structure model' '_citation.page_last'               
9  2 'Structure model' '_citation.pdbx_database_id_DOI'    
10 2 'Structure model' '_citation.pdbx_database_id_PubMed' 
11 2 'Structure model' '_citation.title'                   
12 2 'Structure model' '_citation.year'                    
# 
_pdbx_database_status.status_code                     REL 
_pdbx_database_status.status_code_sf                  REL 
_pdbx_database_status.status_code_mr                  ? 
_pdbx_database_status.entry_id                        7WWN 
_pdbx_database_status.recvd_initial_deposition_date   2022-02-14 
_pdbx_database_status.SG_entry                        N 
_pdbx_database_status.deposit_site                    PDBJ 
_pdbx_database_status.process_site                    PDBJ 
_pdbx_database_status.status_code_cs                  ? 
_pdbx_database_status.status_code_nmr_data            ? 
_pdbx_database_status.methods_development_category    ? 
_pdbx_database_status.pdb_format_compatible           Y 
# 
_pdbx_contact_author.id                 3 
_pdbx_contact_author.email              sekar@iisc.ac.in 
_pdbx_contact_author.name_first         sekar 
_pdbx_contact_author.name_last          kanagaraj 
_pdbx_contact_author.name_mi            ? 
_pdbx_contact_author.role               'principal investigator/group leader' 
_pdbx_contact_author.identifier_ORCID   0000-0002-9755-862X 
# 
loop_
_audit_author.name 
_audit_author.pdbx_ordinal 
_audit_author.identifier_ORCID 
'Yuvaraj, I.' 1 0000-0002-4896-8796 
'Sekar, K.'   2 0000-0002-9755-862X 
# 
_citation.abstract                  ? 
_citation.abstract_id_CAS           ? 
_citation.book_id_ISBN              ? 
_citation.book_publisher            ? 
_citation.book_publisher_city       ? 
_citation.book_title                ? 
_citation.coordinate_linkage        ? 
_citation.country                   US 
_citation.database_id_Medline       ? 
_citation.details                   ? 
_citation.id                        primary 
_citation.journal_abbrev            'Acta Crystallogr.,Sect.F' 
_citation.journal_id_ASTM           ACSFEN 
_citation.journal_id_CSD            ? 
_citation.journal_id_ISSN           2053-230X 
_citation.journal_full              ? 
_citation.journal_issue             ? 
_citation.journal_volume            78 
_citation.language                  ? 
_citation.page_first                338 
_citation.page_last                 346 
_citation.title                     'Structure of the hypothetical protein TTHA1873 from Thermus thermophilus.' 
_citation.year                      2022 
_citation.database_id_CSD           ? 
_citation.pdbx_database_id_DOI      10.1107/S2053230X22008457 
_citation.pdbx_database_id_PubMed   36048084 
_citation.pdbx_database_id_patent   ? 
_citation.unpublished_flag          ? 
# 
loop_
_citation_author.citation_id 
_citation_author.name 
_citation_author.ordinal 
_citation_author.identifier_ORCID 
primary 'Yuvaraj, I.'     1 ?                   
primary 'Chaudhary, S.K.' 2 ?                   
primary 'Jeyakanthan, J.' 3 0000-0002-4594-9610 
primary 'Sekar, K.'       4 ?                   
# 
loop_
_entity.id 
_entity.type 
_entity.src_method 
_entity.pdbx_description 
_entity.formula_weight 
_entity.pdbx_number_of_molecules 
_entity.pdbx_ec 
_entity.pdbx_mutation 
_entity.pdbx_fragment 
_entity.details 
1 polymer     man 'hypothetical protein TTHA1873' 18476.184 1  ? ? ? ? 
2 non-polymer syn 'CALCIUM ION'                   40.078    2  ? ? ? ? 
3 non-polymer syn 'tetraiodomercurate(2-)'        708.208   5  ? ? ? ? 
4 water       nat water                           18.015    75 ? ? ? ? 
# 
_entity_poly.entity_id                      1 
_entity_poly.type                           'polypeptide(L)' 
_entity_poly.nstd_linkage                   no 
_entity_poly.nstd_monomer                   no 
_entity_poly.pdbx_seq_one_letter_code       
;MGNYLEDCATVDVQARPTAYALAISSLGEFNSLTGGTSTDPVAEGNDYYYRFEIRAWEGSSGPQTNVTLNVTRTLGNSTF
AGSGTKGVDFEVELDPDGPFGPASYAPVLSADVQVLAWGPTGVQLRYLPSLAPGATLRFSLRANAVNGTNTTVQADATST
EAPGPYTVFETTTIIP
;
_entity_poly.pdbx_seq_one_letter_code_can   
;MGNYLEDCATVDVQARPTAYALAISSLGEFNSLTGGTSTDPVAEGNDYYYRFEIRAWEGSSGPQTNVTLNVTRTLGNSTF
AGSGTKGVDFEVELDPDGPFGPASYAPVLSADVQVLAWGPTGVQLRYLPSLAPGATLRFSLRANAVNGTNTTVQADATST
EAPGPYTVFETTTIIP
;
_entity_poly.pdbx_strand_id                 A 
_entity_poly.pdbx_target_identifier         ? 
# 
loop_
_pdbx_entity_nonpoly.entity_id 
_pdbx_entity_nonpoly.name 
_pdbx_entity_nonpoly.comp_id 
2 'CALCIUM ION'            CA  
3 'tetraiodomercurate(2-)' 72I 
4 water                    HOH 
# 
loop_
_entity_poly_seq.entity_id 
_entity_poly_seq.num 
_entity_poly_seq.mon_id 
_entity_poly_seq.hetero 
1 1   MET n 
1 2   GLY n 
1 3   ASN n 
1 4   TYR n 
1 5   LEU n 
1 6   GLU n 
1 7   ASP n 
1 8   CYS n 
1 9   ALA n 
1 10  THR n 
1 11  VAL n 
1 12  ASP n 
1 13  VAL n 
1 14  GLN n 
1 15  ALA n 
1 16  ARG n 
1 17  PRO n 
1 18  THR n 
1 19  ALA n 
1 20  TYR n 
1 21  ALA n 
1 22  LEU n 
1 23  ALA n 
1 24  ILE n 
1 25  SER n 
1 26  SER n 
1 27  LEU n 
1 28  GLY n 
1 29  GLU n 
1 30  PHE n 
1 31  ASN n 
1 32  SER n 
1 33  LEU n 
1 34  THR n 
1 35  GLY n 
1 36  GLY n 
1 37  THR n 
1 38  SER n 
1 39  THR n 
1 40  ASP n 
1 41  PRO n 
1 42  VAL n 
1 43  ALA n 
1 44  GLU n 
1 45  GLY n 
1 46  ASN n 
1 47  ASP n 
1 48  TYR n 
1 49  TYR n 
1 50  TYR n 
1 51  ARG n 
1 52  PHE n 
1 53  GLU n 
1 54  ILE n 
1 55  ARG n 
1 56  ALA n 
1 57  TRP n 
1 58  GLU n 
1 59  GLY n 
1 60  SER n 
1 61  SER n 
1 62  GLY n 
1 63  PRO n 
1 64  GLN n 
1 65  THR n 
1 66  ASN n 
1 67  VAL n 
1 68  THR n 
1 69  LEU n 
1 70  ASN n 
1 71  VAL n 
1 72  THR n 
1 73  ARG n 
1 74  THR n 
1 75  LEU n 
1 76  GLY n 
1 77  ASN n 
1 78  SER n 
1 79  THR n 
1 80  PHE n 
1 81  ALA n 
1 82  GLY n 
1 83  SER n 
1 84  GLY n 
1 85  THR n 
1 86  LYS n 
1 87  GLY n 
1 88  VAL n 
1 89  ASP n 
1 90  PHE n 
1 91  GLU n 
1 92  VAL n 
1 93  GLU n 
1 94  LEU n 
1 95  ASP n 
1 96  PRO n 
1 97  ASP n 
1 98  GLY n 
1 99  PRO n 
1 100 PHE n 
1 101 GLY n 
1 102 PRO n 
1 103 ALA n 
1 104 SER n 
1 105 TYR n 
1 106 ALA n 
1 107 PRO n 
1 108 VAL n 
1 109 LEU n 
1 110 SER n 
1 111 ALA n 
1 112 ASP n 
1 113 VAL n 
1 114 GLN n 
1 115 VAL n 
1 116 LEU n 
1 117 ALA n 
1 118 TRP n 
1 119 GLY n 
1 120 PRO n 
1 121 THR n 
1 122 GLY n 
1 123 VAL n 
1 124 GLN n 
1 125 LEU n 
1 126 ARG n 
1 127 TYR n 
1 128 LEU n 
1 129 PRO n 
1 130 SER n 
1 131 LEU n 
1 132 ALA n 
1 133 PRO n 
1 134 GLY n 
1 135 ALA n 
1 136 THR n 
1 137 LEU n 
1 138 ARG n 
1 139 PHE n 
1 140 SER n 
1 141 LEU n 
1 142 ARG n 
1 143 ALA n 
1 144 ASN n 
1 145 ALA n 
1 146 VAL n 
1 147 ASN n 
1 148 GLY n 
1 149 THR n 
1 150 ASN n 
1 151 THR n 
1 152 THR n 
1 153 VAL n 
1 154 GLN n 
1 155 ALA n 
1 156 ASP n 
1 157 ALA n 
1 158 THR n 
1 159 SER n 
1 160 THR n 
1 161 GLU n 
1 162 ALA n 
1 163 PRO n 
1 164 GLY n 
1 165 PRO n 
1 166 TYR n 
1 167 THR n 
1 168 VAL n 
1 169 PHE n 
1 170 GLU n 
1 171 THR n 
1 172 THR n 
1 173 THR n 
1 174 ILE n 
1 175 ILE n 
1 176 PRO n 
# 
_entity_src_gen.entity_id                          1 
_entity_src_gen.pdbx_src_id                        1 
_entity_src_gen.pdbx_alt_source_flag               sample 
_entity_src_gen.pdbx_seq_type                      'Biological sequence' 
_entity_src_gen.pdbx_beg_seq_num                   1 
_entity_src_gen.pdbx_end_seq_num                   176 
_entity_src_gen.gene_src_common_name               ? 
_entity_src_gen.gene_src_genus                     ? 
_entity_src_gen.pdbx_gene_src_gene                 TTHA1873 
_entity_src_gen.gene_src_species                   ? 
_entity_src_gen.gene_src_strain                    HB8 
_entity_src_gen.gene_src_tissue                    ? 
_entity_src_gen.gene_src_tissue_fraction           ? 
_entity_src_gen.gene_src_details                   ? 
_entity_src_gen.pdbx_gene_src_fragment             ? 
_entity_src_gen.pdbx_gene_src_scientific_name      'Thermus thermophilus HB8' 
_entity_src_gen.pdbx_gene_src_ncbi_taxonomy_id     300852 
_entity_src_gen.pdbx_gene_src_variant              ? 
_entity_src_gen.pdbx_gene_src_cell_line            ? 
_entity_src_gen.pdbx_gene_src_atcc                 ? 
_entity_src_gen.pdbx_gene_src_organ                ? 
_entity_src_gen.pdbx_gene_src_organelle            ? 
_entity_src_gen.pdbx_gene_src_cell                 ? 
_entity_src_gen.pdbx_gene_src_cellular_location    ? 
_entity_src_gen.host_org_common_name               ? 
_entity_src_gen.pdbx_host_org_scientific_name      
;Escherichia coli 'BL21-Gold(DE3)pLysS AG'
;
_entity_src_gen.pdbx_host_org_ncbi_taxonomy_id     866768 
_entity_src_gen.host_org_genus                     ? 
_entity_src_gen.pdbx_host_org_gene                 ? 
_entity_src_gen.pdbx_host_org_organ                ? 
_entity_src_gen.host_org_species                   ? 
_entity_src_gen.pdbx_host_org_tissue               ? 
_entity_src_gen.pdbx_host_org_tissue_fraction      ? 
_entity_src_gen.pdbx_host_org_strain               ? 
_entity_src_gen.pdbx_host_org_variant              ? 
_entity_src_gen.pdbx_host_org_cell_line            ? 
_entity_src_gen.pdbx_host_org_atcc                 ? 
_entity_src_gen.pdbx_host_org_culture_collection   ? 
_entity_src_gen.pdbx_host_org_cell                 ? 
_entity_src_gen.pdbx_host_org_organelle            ? 
_entity_src_gen.pdbx_host_org_cellular_location    ? 
_entity_src_gen.pdbx_host_org_vector_type          ? 
_entity_src_gen.pdbx_host_org_vector               ? 
_entity_src_gen.host_org_details                   ? 
_entity_src_gen.expression_system_id               ? 
_entity_src_gen.plasmid_name                       ? 
_entity_src_gen.plasmid_details                    ? 
_entity_src_gen.pdbx_description                   ? 
# 
loop_
_chem_comp.id 
_chem_comp.type 
_chem_comp.mon_nstd_flag 
_chem_comp.name 
_chem_comp.pdbx_synonyms 
_chem_comp.formula 
_chem_comp.formula_weight 
72I non-polymer         . 'tetraiodomercurate(2-)' ? 'Hg I4 -2'       708.208 
ALA 'L-peptide linking' y ALANINE                  ? 'C3 H7 N O2'     89.093  
ARG 'L-peptide linking' y ARGININE                 ? 'C6 H15 N4 O2 1' 175.209 
ASN 'L-peptide linking' y ASPARAGINE               ? 'C4 H8 N2 O3'    132.118 
ASP 'L-peptide linking' y 'ASPARTIC ACID'          ? 'C4 H7 N O4'     133.103 
CA  non-polymer         . 'CALCIUM ION'            ? 'Ca 2'           40.078  
CYS 'L-peptide linking' y CYSTEINE                 ? 'C3 H7 N O2 S'   121.158 
GLN 'L-peptide linking' y GLUTAMINE                ? 'C5 H10 N2 O3'   146.144 
GLU 'L-peptide linking' y 'GLUTAMIC ACID'          ? 'C5 H9 N O4'     147.129 
GLY 'peptide linking'   y GLYCINE                  ? 'C2 H5 N O2'     75.067  
HOH non-polymer         . WATER                    ? 'H2 O'           18.015  
ILE 'L-peptide linking' y ISOLEUCINE               ? 'C6 H13 N O2'    131.173 
LEU 'L-peptide linking' y LEUCINE                  ? 'C6 H13 N O2'    131.173 
LYS 'L-peptide linking' y LYSINE                   ? 'C6 H15 N2 O2 1' 147.195 
MET 'L-peptide linking' y METHIONINE               ? 'C5 H11 N O2 S'  149.211 
PHE 'L-peptide linking' y PHENYLALANINE            ? 'C9 H11 N O2'    165.189 
PRO 'L-peptide linking' y PROLINE                  ? 'C5 H9 N O2'     115.130 
SER 'L-peptide linking' y SERINE                   ? 'C3 H7 N O3'     105.093 
THR 'L-peptide linking' y THREONINE                ? 'C4 H9 N O3'     119.119 
TRP 'L-peptide linking' y TRYPTOPHAN               ? 'C11 H12 N2 O2'  204.225 
TYR 'L-peptide linking' y TYROSINE                 ? 'C9 H11 N O3'    181.189 
VAL 'L-peptide linking' y VALINE                   ? 'C5 H11 N O2'    117.146 
# 
loop_
_pdbx_poly_seq_scheme.asym_id 
_pdbx_poly_seq_scheme.entity_id 
_pdbx_poly_seq_scheme.seq_id 
_pdbx_poly_seq_scheme.mon_id 
_pdbx_poly_seq_scheme.ndb_seq_num 
_pdbx_poly_seq_scheme.pdb_seq_num 
_pdbx_poly_seq_scheme.auth_seq_num 
_pdbx_poly_seq_scheme.pdb_mon_id 
_pdbx_poly_seq_scheme.auth_mon_id 
_pdbx_poly_seq_scheme.pdb_strand_id 
_pdbx_poly_seq_scheme.pdb_ins_code 
_pdbx_poly_seq_scheme.hetero 
A 1 1   MET 1   1   ?   ?   ?   A . n 
A 1 2   GLY 2   2   ?   ?   ?   A . n 
A 1 3   ASN 3   3   ?   ?   ?   A . n 
A 1 4   TYR 4   4   ?   ?   ?   A . n 
A 1 5   LEU 5   5   ?   ?   ?   A . n 
A 1 6   GLU 6   6   ?   ?   ?   A . n 
A 1 7   ASP 7   7   ?   ?   ?   A . n 
A 1 8   CYS 8   8   ?   ?   ?   A . n 
A 1 9   ALA 9   9   ?   ?   ?   A . n 
A 1 10  THR 10  10  ?   ?   ?   A . n 
A 1 11  VAL 11  11  ?   ?   ?   A . n 
A 1 12  ASP 12  12  ?   ?   ?   A . n 
A 1 13  VAL 13  13  ?   ?   ?   A . n 
A 1 14  GLN 14  14  ?   ?   ?   A . n 
A 1 15  ALA 15  15  ?   ?   ?   A . n 
A 1 16  ARG 16  16  ?   ?   ?   A . n 
A 1 17  PRO 17  17  17  PRO PRO A . n 
A 1 18  THR 18  18  18  THR THR A . n 
A 1 19  ALA 19  19  19  ALA ALA A . n 
A 1 20  TYR 20  20  20  TYR TYR A . n 
A 1 21  ALA 21  21  21  ALA ALA A . n 
A 1 22  LEU 22  22  22  LEU LEU A . n 
A 1 23  ALA 23  23  23  ALA ALA A . n 
A 1 24  ILE 24  24  24  ILE ILE A . n 
A 1 25  SER 25  25  25  SER SER A . n 
A 1 26  SER 26  26  26  SER SER A . n 
A 1 27  LEU 27  27  27  LEU LEU A . n 
A 1 28  GLY 28  28  28  GLY GLY A . n 
A 1 29  GLU 29  29  29  GLU GLU A . n 
A 1 30  PHE 30  30  30  PHE PHE A . n 
A 1 31  ASN 31  31  31  ASN ASN A . n 
A 1 32  SER 32  32  32  SER SER A . n 
A 1 33  LEU 33  33  33  LEU LEU A . n 
A 1 34  THR 34  34  34  THR THR A . n 
A 1 35  GLY 35  35  35  GLY GLY A . n 
A 1 36  GLY 36  36  36  GLY GLY A . n 
A 1 37  THR 37  37  37  THR THR A . n 
A 1 38  SER 38  38  38  SER SER A . n 
A 1 39  THR 39  39  39  THR THR A . n 
A 1 40  ASP 40  40  40  ASP ASP A . n 
A 1 41  PRO 41  41  41  PRO PRO A . n 
A 1 42  VAL 42  42  42  VAL VAL A . n 
A 1 43  ALA 43  43  43  ALA ALA A . n 
A 1 44  GLU 44  44  44  GLU GLU A . n 
A 1 45  GLY 45  45  45  GLY GLY A . n 
A 1 46  ASN 46  46  46  ASN ASN A . n 
A 1 47  ASP 47  47  47  ASP ASP A . n 
A 1 48  TYR 48  48  48  TYR TYR A . n 
A 1 49  TYR 49  49  49  TYR TYR A . n 
A 1 50  TYR 50  50  50  TYR TYR A . n 
A 1 51  ARG 51  51  51  ARG ARG A . n 
A 1 52  PHE 52  52  52  PHE PHE A . n 
A 1 53  GLU 53  53  53  GLU GLU A . n 
A 1 54  ILE 54  54  54  ILE ILE A . n 
A 1 55  ARG 55  55  55  ARG ARG A . n 
A 1 56  ALA 56  56  56  ALA ALA A . n 
A 1 57  TRP 57  57  57  TRP TRP A . n 
A 1 58  GLU 58  58  58  GLU GLU A . n 
A 1 59  GLY 59  59  59  GLY GLY A . n 
A 1 60  SER 60  60  60  SER SER A . n 
A 1 61  SER 61  61  61  SER SER A . n 
A 1 62  GLY 62  62  62  GLY GLY A . n 
A 1 63  PRO 63  63  63  PRO PRO A . n 
A 1 64  GLN 64  64  64  GLN GLN A . n 
A 1 65  THR 65  65  65  THR THR A . n 
A 1 66  ASN 66  66  66  ASN ASN A . n 
A 1 67  VAL 67  67  67  VAL VAL A . n 
A 1 68  THR 68  68  68  THR THR A . n 
A 1 69  LEU 69  69  69  LEU LEU A . n 
A 1 70  ASN 70  70  70  ASN ASN A . n 
A 1 71  VAL 71  71  71  VAL VAL A . n 
A 1 72  THR 72  72  72  THR THR A . n 
A 1 73  ARG 73  73  73  ARG ARG A . n 
A 1 74  THR 74  74  74  THR THR A . n 
A 1 75  LEU 75  75  75  LEU LEU A . n 
A 1 76  GLY 76  76  76  GLY GLY A . n 
A 1 77  ASN 77  77  77  ASN ASN A . n 
A 1 78  SER 78  78  78  SER SER A . n 
A 1 79  THR 79  79  79  THR THR A . n 
A 1 80  PHE 80  80  80  PHE PHE A . n 
A 1 81  ALA 81  81  81  ALA ALA A . n 
A 1 82  GLY 82  82  82  GLY GLY A . n 
A 1 83  SER 83  83  83  SER SER A . n 
A 1 84  GLY 84  84  84  GLY GLY A . n 
A 1 85  THR 85  85  85  THR THR A . n 
A 1 86  LYS 86  86  86  LYS LYS A . n 
A 1 87  GLY 87  87  87  GLY GLY A . n 
A 1 88  VAL 88  88  88  VAL VAL A . n 
A 1 89  ASP 89  89  89  ASP ASP A . n 
A 1 90  PHE 90  90  90  PHE PHE A . n 
A 1 91  GLU 91  91  91  GLU GLU A . n 
A 1 92  VAL 92  92  92  VAL VAL A . n 
A 1 93  GLU 93  93  93  GLU GLU A . n 
A 1 94  LEU 94  94  94  LEU LEU A . n 
A 1 95  ASP 95  95  95  ASP ASP A . n 
A 1 96  PRO 96  96  96  PRO PRO A . n 
A 1 97  ASP 97  97  97  ASP ASP A . n 
A 1 98  GLY 98  98  98  GLY GLY A . n 
A 1 99  PRO 99  99  99  PRO PRO A . n 
A 1 100 PHE 100 100 100 PHE PHE A . n 
A 1 101 GLY 101 101 101 GLY GLY A . n 
A 1 102 PRO 102 102 102 PRO PRO A . n 
A 1 103 ALA 103 103 103 ALA ALA A . n 
A 1 104 SER 104 104 104 SER SER A . n 
A 1 105 TYR 105 105 105 TYR TYR A . n 
A 1 106 ALA 106 106 106 ALA ALA A . n 
A 1 107 PRO 107 107 107 PRO PRO A . n 
A 1 108 VAL 108 108 108 VAL VAL A . n 
A 1 109 LEU 109 109 109 LEU LEU A . n 
A 1 110 SER 110 110 110 SER SER A . n 
A 1 111 ALA 111 111 111 ALA ALA A . n 
A 1 112 ASP 112 112 112 ASP ASP A . n 
A 1 113 VAL 113 113 113 VAL VAL A . n 
A 1 114 GLN 114 114 114 GLN GLN A . n 
A 1 115 VAL 115 115 115 VAL VAL A . n 
A 1 116 LEU 116 116 116 LEU LEU A . n 
A 1 117 ALA 117 117 117 ALA ALA A . n 
A 1 118 TRP 118 118 118 TRP TRP A . n 
A 1 119 GLY 119 119 119 GLY GLY A . n 
A 1 120 PRO 120 120 120 PRO PRO A . n 
A 1 121 THR 121 121 121 THR THR A . n 
A 1 122 GLY 122 122 122 GLY GLY A . n 
A 1 123 VAL 123 123 123 VAL VAL A . n 
A 1 124 GLN 124 124 124 GLN GLN A . n 
A 1 125 LEU 125 125 125 LEU LEU A . n 
A 1 126 ARG 126 126 126 ARG ARG A . n 
A 1 127 TYR 127 127 127 TYR TYR A . n 
A 1 128 LEU 128 128 128 LEU LEU A . n 
A 1 129 PRO 129 129 129 PRO PRO A . n 
A 1 130 SER 130 130 130 SER SER A . n 
A 1 131 LEU 131 131 131 LEU LEU A . n 
A 1 132 ALA 132 132 132 ALA ALA A . n 
A 1 133 PRO 133 133 133 PRO PRO A . n 
A 1 134 GLY 134 134 134 GLY GLY A . n 
A 1 135 ALA 135 135 135 ALA ALA A . n 
A 1 136 THR 136 136 136 THR THR A . n 
A 1 137 LEU 137 137 137 LEU LEU A . n 
A 1 138 ARG 138 138 138 ARG ARG A . n 
A 1 139 PHE 139 139 139 PHE PHE A . n 
A 1 140 SER 140 140 140 SER SER A . n 
A 1 141 LEU 141 141 141 LEU LEU A . n 
A 1 142 ARG 142 142 142 ARG ARG A . n 
A 1 143 ALA 143 143 143 ALA ALA A . n 
A 1 144 ASN 144 144 144 ASN ASN A . n 
A 1 145 ALA 145 145 145 ALA ALA A . n 
A 1 146 VAL 146 146 146 VAL VAL A . n 
A 1 147 ASN 147 147 147 ASN ASN A . n 
A 1 148 GLY 148 148 ?   ?   ?   A . n 
A 1 149 THR 149 149 149 THR THR A . n 
A 1 150 ASN 150 150 150 ASN ASN A . n 
A 1 151 THR 151 151 151 THR THR A . n 
A 1 152 THR 152 152 152 THR THR A . n 
A 1 153 VAL 153 153 153 VAL VAL A . n 
A 1 154 GLN 154 154 154 GLN GLN A . n 
A 1 155 ALA 155 155 155 ALA ALA A . n 
A 1 156 ASP 156 156 156 ASP ASP A . n 
A 1 157 ALA 157 157 157 ALA ALA A . n 
A 1 158 THR 158 158 158 THR THR A . n 
A 1 159 SER 159 159 159 SER SER A . n 
A 1 160 THR 160 160 160 THR THR A . n 
A 1 161 GLU 161 161 161 GLU GLU A . n 
A 1 162 ALA 162 162 162 ALA ALA A . n 
A 1 163 PRO 163 163 163 PRO PRO A . n 
A 1 164 GLY 164 164 164 GLY GLY A . n 
A 1 165 PRO 165 165 165 PRO PRO A . n 
A 1 166 TYR 166 166 166 TYR TYR A . n 
A 1 167 THR 167 167 167 THR THR A . n 
A 1 168 VAL 168 168 168 VAL VAL A . n 
A 1 169 PHE 169 169 169 PHE PHE A . n 
A 1 170 GLU 170 170 170 GLU GLU A . n 
A 1 171 THR 171 171 171 THR THR A . n 
A 1 172 THR 172 172 172 THR THR A . n 
A 1 173 THR 173 173 173 THR THR A . n 
A 1 174 ILE 174 174 174 ILE ILE A . n 
A 1 175 ILE 175 175 175 ILE ILE A . n 
A 1 176 PRO 176 176 176 PRO PRO A . n 
# 
loop_
_pdbx_nonpoly_scheme.asym_id 
_pdbx_nonpoly_scheme.entity_id 
_pdbx_nonpoly_scheme.mon_id 
_pdbx_nonpoly_scheme.ndb_seq_num 
_pdbx_nonpoly_scheme.pdb_seq_num 
_pdbx_nonpoly_scheme.auth_seq_num 
_pdbx_nonpoly_scheme.pdb_mon_id 
_pdbx_nonpoly_scheme.auth_mon_id 
_pdbx_nonpoly_scheme.pdb_strand_id 
_pdbx_nonpoly_scheme.pdb_ins_code 
B 2 CA  1  201 177 CA  CA  A . 
C 2 CA  1  202 178 CA  CA  A . 
D 3 72I 1  203 179 72I TIM A . 
E 3 72I 1  204 180 72I TIM A . 
F 3 72I 1  205 181 72I TIM A . 
G 3 72I 1  206 182 72I TIM A . 
H 3 72I 1  207 183 72I TIM A . 
I 4 HOH 1  301 294 HOH HOH A . 
I 4 HOH 2  302 214 HOH HOH A . 
I 4 HOH 3  303 210 HOH HOH A . 
I 4 HOH 4  304 204 HOH HOH A . 
I 4 HOH 5  305 283 HOH HOH A . 
I 4 HOH 6  306 221 HOH HOH A . 
I 4 HOH 7  307 236 HOH HOH A . 
I 4 HOH 8  308 244 HOH HOH A . 
I 4 HOH 9  309 290 HOH HOH A . 
I 4 HOH 10 310 280 HOH HOH A . 
I 4 HOH 11 311 231 HOH HOH A . 
I 4 HOH 12 312 261 HOH HOH A . 
I 4 HOH 13 313 227 HOH HOH A . 
I 4 HOH 14 314 260 HOH HOH A . 
I 4 HOH 15 315 207 HOH HOH A . 
I 4 HOH 16 316 252 HOH HOH A . 
I 4 HOH 17 317 276 HOH HOH A . 
I 4 HOH 18 318 262 HOH HOH A . 
I 4 HOH 19 319 229 HOH HOH A . 
I 4 HOH 20 320 251 HOH HOH A . 
I 4 HOH 21 321 274 HOH HOH A . 
I 4 HOH 22 322 216 HOH HOH A . 
I 4 HOH 23 323 249 HOH HOH A . 
I 4 HOH 24 324 282 HOH HOH A . 
I 4 HOH 25 325 286 HOH HOH A . 
I 4 HOH 26 326 215 HOH HOH A . 
I 4 HOH 27 327 278 HOH HOH A . 
I 4 HOH 28 328 240 HOH HOH A . 
I 4 HOH 29 329 219 HOH HOH A . 
I 4 HOH 30 330 297 HOH HOH A . 
I 4 HOH 31 331 220 HOH HOH A . 
I 4 HOH 32 332 247 HOH HOH A . 
I 4 HOH 33 333 242 HOH HOH A . 
I 4 HOH 34 334 245 HOH HOH A . 
I 4 HOH 35 335 253 HOH HOH A . 
I 4 HOH 36 336 212 HOH HOH A . 
I 4 HOH 37 337 289 HOH HOH A . 
I 4 HOH 38 338 250 HOH HOH A . 
I 4 HOH 39 339 241 HOH HOH A . 
I 4 HOH 40 340 205 HOH HOH A . 
I 4 HOH 41 341 277 HOH HOH A . 
I 4 HOH 42 342 206 HOH HOH A . 
I 4 HOH 43 343 272 HOH HOH A . 
I 4 HOH 44 344 228 HOH HOH A . 
I 4 HOH 45 345 213 HOH HOH A . 
I 4 HOH 46 346 270 HOH HOH A . 
I 4 HOH 47 347 281 HOH HOH A . 
I 4 HOH 48 348 222 HOH HOH A . 
I 4 HOH 49 349 279 HOH HOH A . 
I 4 HOH 50 350 271 HOH HOH A . 
I 4 HOH 51 351 208 HOH HOH A . 
I 4 HOH 52 352 202 HOH HOH A . 
I 4 HOH 53 353 218 HOH HOH A . 
I 4 HOH 54 354 211 HOH HOH A . 
I 4 HOH 55 355 224 HOH HOH A . 
I 4 HOH 56 356 267 HOH HOH A . 
I 4 HOH 57 357 296 HOH HOH A . 
I 4 HOH 58 358 266 HOH HOH A . 
I 4 HOH 59 359 201 HOH HOH A . 
I 4 HOH 60 360 265 HOH HOH A . 
I 4 HOH 61 361 264 HOH HOH A . 
I 4 HOH 62 362 248 HOH HOH A . 
I 4 HOH 63 363 269 HOH HOH A . 
I 4 HOH 64 364 223 HOH HOH A . 
I 4 HOH 65 365 257 HOH HOH A . 
I 4 HOH 66 366 288 HOH HOH A . 
I 4 HOH 67 367 234 HOH HOH A . 
I 4 HOH 68 368 284 HOH HOH A . 
I 4 HOH 69 369 308 HOH HOH A . 
I 4 HOH 70 370 307 HOH HOH A . 
I 4 HOH 71 371 259 HOH HOH A . 
I 4 HOH 72 372 268 HOH HOH A . 
I 4 HOH 73 373 298 HOH HOH A . 
I 4 HOH 74 374 306 HOH HOH A . 
I 4 HOH 75 375 300 HOH HOH A . 
# 
loop_
_software.citation_id 
_software.classification 
_software.compiler_name 
_software.compiler_version 
_software.contact_author 
_software.contact_author_email 
_software.date 
_software.description 
_software.dependencies 
_software.hardware 
_software.language 
_software.location 
_software.mods 
_software.name 
_software.os 
_software.os_version 
_software.type 
_software.version 
_software.pdbx_ordinal 
? refinement        ? ? ? ? ? ? ? ? ? ? ? REFMAC      ? ? ? 5.8.0267 1 
? 'data extraction' ? ? ? ? ? ? ? ? ? ? ? PDB_EXTRACT ? ? ? 3.27     2 
? 'data reduction'  ? ? ? ? ? ? ? ? ? ? ? iMOSFLM     ? ? ? .        3 
? 'data scaling'    ? ? ? ? ? ? ? ? ? ? ? Aimless     ? ? ? .        4 
? phasing           ? ? ? ? ? ? ? ? ? ? ? CRANK2      ? ? ? .        5 
# 
_cell.angle_alpha                  90.000 
_cell.angle_alpha_esd              ? 
_cell.angle_beta                   90.000 
_cell.angle_beta_esd               ? 
_cell.angle_gamma                  90.000 
_cell.angle_gamma_esd              ? 
_cell.entry_id                     7WWN 
_cell.details                      ? 
_cell.formula_units_Z              ? 
_cell.length_a                     42.570 
_cell.length_a_esd                 ? 
_cell.length_b                     42.570 
_cell.length_b_esd                 ? 
_cell.length_c                     156.049 
_cell.length_c_esd                 ? 
_cell.volume                       ? 
_cell.volume_esd                   ? 
_cell.Z_PDB                        8 
_cell.reciprocal_angle_alpha       ? 
_cell.reciprocal_angle_beta        ? 
_cell.reciprocal_angle_gamma       ? 
_cell.reciprocal_angle_alpha_esd   ? 
_cell.reciprocal_angle_beta_esd    ? 
_cell.reciprocal_angle_gamma_esd   ? 
_cell.reciprocal_length_a          ? 
_cell.reciprocal_length_b          ? 
_cell.reciprocal_length_c          ? 
_cell.reciprocal_length_a_esd      ? 
_cell.reciprocal_length_b_esd      ? 
_cell.reciprocal_length_c_esd      ? 
_cell.pdbx_unique_axis             ? 
# 
_symmetry.entry_id                         7WWN 
_symmetry.cell_setting                     ? 
_symmetry.Int_Tables_number                96 
_symmetry.space_group_name_Hall            ? 
_symmetry.space_group_name_H-M             'P 43 21 2' 
_symmetry.pdbx_full_space_group_name_H-M   ? 
# 
_exptl.absorpt_coefficient_mu     ? 
_exptl.absorpt_correction_T_max   ? 
_exptl.absorpt_correction_T_min   ? 
_exptl.absorpt_correction_type    ? 
_exptl.absorpt_process_details    ? 
_exptl.entry_id                   7WWN 
_exptl.crystals_number            1 
_exptl.details                    ? 
_exptl.method                     'X-RAY DIFFRACTION' 
_exptl.method_details             ? 
# 
_exptl_crystal.colour                      ? 
_exptl_crystal.density_diffrn              ? 
_exptl_crystal.density_Matthews            1.91 
_exptl_crystal.density_method              ? 
_exptl_crystal.density_percent_sol         35.71 
_exptl_crystal.description                 ? 
_exptl_crystal.F_000                       ? 
_exptl_crystal.id                          1 
_exptl_crystal.preparation                 ? 
_exptl_crystal.size_max                    ? 
_exptl_crystal.size_mid                    ? 
_exptl_crystal.size_min                    ? 
_exptl_crystal.size_rad                    ? 
_exptl_crystal.colour_lustre               ? 
_exptl_crystal.colour_modifier             ? 
_exptl_crystal.colour_primary              ? 
_exptl_crystal.density_meas                ? 
_exptl_crystal.density_meas_esd            ? 
_exptl_crystal.density_meas_gt             ? 
_exptl_crystal.density_meas_lt             ? 
_exptl_crystal.density_meas_temp           ? 
_exptl_crystal.density_meas_temp_esd       ? 
_exptl_crystal.density_meas_temp_gt        ? 
_exptl_crystal.density_meas_temp_lt        ? 
_exptl_crystal.pdbx_crystal_image_url      ? 
_exptl_crystal.pdbx_crystal_image_format   ? 
_exptl_crystal.pdbx_mosaicity              ? 
_exptl_crystal.pdbx_mosaicity_esd          ? 
# 
_exptl_crystal_grow.apparatus       ? 
_exptl_crystal_grow.atmosphere      ? 
_exptl_crystal_grow.crystal_id      1 
_exptl_crystal_grow.details         ? 
_exptl_crystal_grow.method          'VAPOR DIFFUSION' 
_exptl_crystal_grow.method_ref      ? 
_exptl_crystal_grow.pH              ? 
_exptl_crystal_grow.pressure        ? 
_exptl_crystal_grow.pressure_esd    ? 
_exptl_crystal_grow.seeding         ? 
_exptl_crystal_grow.seeding_ref     ? 
_exptl_crystal_grow.temp            277 
_exptl_crystal_grow.temp_details    ? 
_exptl_crystal_grow.temp_esd        ? 
_exptl_crystal_grow.time            ? 
_exptl_crystal_grow.pdbx_details    '0.1 M Tris pH 8.5 and 3.0 M Sodium chloride' 
_exptl_crystal_grow.pdbx_pH_range   ? 
# 
_diffrn.ambient_environment              ? 
_diffrn.ambient_temp                     100 
_diffrn.ambient_temp_details             ? 
_diffrn.ambient_temp_esd                 ? 
_diffrn.crystal_id                       1 
_diffrn.crystal_support                  ? 
_diffrn.crystal_treatment                ? 
_diffrn.details                          ? 
_diffrn.id                               1 
_diffrn.ambient_pressure                 ? 
_diffrn.ambient_pressure_esd             ? 
_diffrn.ambient_pressure_gt              ? 
_diffrn.ambient_pressure_lt              ? 
_diffrn.ambient_temp_gt                  ? 
_diffrn.ambient_temp_lt                  ? 
_diffrn.pdbx_serial_crystal_experiment   N 
# 
_diffrn_detector.details                      ? 
_diffrn_detector.detector                     'IMAGE PLATE' 
_diffrn_detector.diffrn_id                    1 
_diffrn_detector.type                         'MAR scanner 345 mm plate' 
_diffrn_detector.area_resol_mean              ? 
_diffrn_detector.dtime                        ? 
_diffrn_detector.pdbx_frames_total            ? 
_diffrn_detector.pdbx_collection_time_total   ? 
_diffrn_detector.pdbx_collection_date         2017-06-06 
_diffrn_detector.pdbx_frequency               ? 
# 
_diffrn_radiation.collimation                      ? 
_diffrn_radiation.diffrn_id                        1 
_diffrn_radiation.filter_edge                      ? 
_diffrn_radiation.inhomogeneity                    ? 
_diffrn_radiation.monochromator                    ? 
_diffrn_radiation.polarisn_norm                    ? 
_diffrn_radiation.polarisn_ratio                   ? 
_diffrn_radiation.probe                            ? 
_diffrn_radiation.type                             ? 
_diffrn_radiation.xray_symbol                      ? 
_diffrn_radiation.wavelength_id                    1 
_diffrn_radiation.pdbx_monochromatic_or_laue_m_l   M 
_diffrn_radiation.pdbx_wavelength_list             ? 
_diffrn_radiation.pdbx_wavelength                  ? 
_diffrn_radiation.pdbx_diffrn_protocol             'SINGLE WAVELENGTH' 
_diffrn_radiation.pdbx_analyzer                    ? 
_diffrn_radiation.pdbx_scattering_type             x-ray 
# 
_diffrn_radiation_wavelength.id           1 
_diffrn_radiation_wavelength.wavelength   1.5418 
_diffrn_radiation_wavelength.wt           1.0 
# 
_diffrn_source.current                     ? 
_diffrn_source.details                     ? 
_diffrn_source.diffrn_id                   1 
_diffrn_source.power                       ? 
_diffrn_source.size                        ? 
_diffrn_source.source                      'ROTATING ANODE' 
_diffrn_source.target                      ? 
_diffrn_source.type                        RIGAKU 
_diffrn_source.voltage                     ? 
_diffrn_source.take-off_angle              ? 
_diffrn_source.pdbx_wavelength_list        1.5418 
_diffrn_source.pdbx_wavelength             ? 
_diffrn_source.pdbx_synchrotron_beamline   ? 
_diffrn_source.pdbx_synchrotron_site       ? 
# 
_reflns.B_iso_Wilson_estimate                          ? 
_reflns.entry_id                                       7WWN 
_reflns.data_reduction_details                         ? 
_reflns.data_reduction_method                          ? 
_reflns.d_resolution_high                              2.03 
_reflns.d_resolution_low                               52.02 
_reflns.details                                        ? 
_reflns.limit_h_max                                    ? 
_reflns.limit_h_min                                    ? 
_reflns.limit_k_max                                    ? 
_reflns.limit_k_min                                    ? 
_reflns.limit_l_max                                    ? 
_reflns.limit_l_min                                    ? 
_reflns.number_all                                     ? 
_reflns.number_obs                                     8938 
_reflns.observed_criterion                             ? 
_reflns.observed_criterion_F_max                       ? 
_reflns.observed_criterion_F_min                       ? 
_reflns.observed_criterion_I_max                       ? 
_reflns.observed_criterion_I_min                       ? 
_reflns.observed_criterion_sigma_F                     ? 
_reflns.observed_criterion_sigma_I                     ? 
_reflns.percent_possible_obs                           89.6 
_reflns.R_free_details                                 ? 
_reflns.Rmerge_F_all                                   ? 
_reflns.Rmerge_F_obs                                   ? 
_reflns.Friedel_coverage                               ? 
_reflns.number_gt                                      ? 
_reflns.threshold_expression                           ? 
_reflns.pdbx_redundancy                                22.6 
_reflns.pdbx_Rmerge_I_obs                              ? 
_reflns.pdbx_Rmerge_I_all                              ? 
_reflns.pdbx_Rsym_value                                ? 
_reflns.pdbx_netI_over_av_sigmaI                       ? 
_reflns.pdbx_netI_over_sigmaI                          8.8 
_reflns.pdbx_res_netI_over_av_sigmaI_2                 ? 
_reflns.pdbx_res_netI_over_sigmaI_2                    ? 
_reflns.pdbx_chi_squared                               ? 
_reflns.pdbx_scaling_rejects                           ? 
_reflns.pdbx_d_res_high_opt                            ? 
_reflns.pdbx_d_res_low_opt                             ? 
_reflns.pdbx_d_res_opt_method                          ? 
_reflns.phase_calculation_details                      ? 
_reflns.pdbx_Rrim_I_all                                ? 
_reflns.pdbx_Rpim_I_all                                ? 
_reflns.pdbx_d_opt                                     ? 
_reflns.pdbx_number_measured_all                       ? 
_reflns.pdbx_diffrn_id                                 1 
_reflns.pdbx_ordinal                                   1 
_reflns.pdbx_CC_half                                   0.998 
_reflns.pdbx_CC_star                                   ? 
_reflns.pdbx_R_split                                   ? 
_reflns.pdbx_aniso_diffraction_limit_axis_1_ortho[1]   ? 
_reflns.pdbx_aniso_diffraction_limit_axis_1_ortho[2]   ? 
_reflns.pdbx_aniso_diffraction_limit_axis_1_ortho[3]   ? 
_reflns.pdbx_aniso_diffraction_limit_axis_2_ortho[1]   ? 
_reflns.pdbx_aniso_diffraction_limit_axis_2_ortho[2]   ? 
_reflns.pdbx_aniso_diffraction_limit_axis_2_ortho[3]   ? 
_reflns.pdbx_aniso_diffraction_limit_axis_3_ortho[1]   ? 
_reflns.pdbx_aniso_diffraction_limit_axis_3_ortho[2]   ? 
_reflns.pdbx_aniso_diffraction_limit_axis_3_ortho[3]   ? 
_reflns.pdbx_aniso_diffraction_limit_1                 ? 
_reflns.pdbx_aniso_diffraction_limit_2                 ? 
_reflns.pdbx_aniso_diffraction_limit_3                 ? 
_reflns.pdbx_aniso_B_tensor_eigenvector_1_ortho[1]     ? 
_reflns.pdbx_aniso_B_tensor_eigenvector_1_ortho[2]     ? 
_reflns.pdbx_aniso_B_tensor_eigenvector_1_ortho[3]     ? 
_reflns.pdbx_aniso_B_tensor_eigenvector_2_ortho[1]     ? 
_reflns.pdbx_aniso_B_tensor_eigenvector_2_ortho[2]     ? 
_reflns.pdbx_aniso_B_tensor_eigenvector_2_ortho[3]     ? 
_reflns.pdbx_aniso_B_tensor_eigenvector_3_ortho[1]     ? 
_reflns.pdbx_aniso_B_tensor_eigenvector_3_ortho[2]     ? 
_reflns.pdbx_aniso_B_tensor_eigenvector_3_ortho[3]     ? 
_reflns.pdbx_aniso_B_tensor_eigenvalue_1               ? 
_reflns.pdbx_aniso_B_tensor_eigenvalue_2               ? 
_reflns.pdbx_aniso_B_tensor_eigenvalue_3               ? 
_reflns.pdbx_orthogonalization_convention              ? 
_reflns.pdbx_percent_possible_ellipsoidal              ? 
_reflns.pdbx_percent_possible_spherical                ? 
_reflns.pdbx_percent_possible_ellipsoidal_anomalous    ? 
_reflns.pdbx_percent_possible_spherical_anomalous      ? 
_reflns.pdbx_redundancy_anomalous                      ? 
_reflns.pdbx_CC_half_anomalous                         ? 
_reflns.pdbx_absDiff_over_sigma_anomalous              ? 
_reflns.pdbx_percent_possible_anomalous                ? 
_reflns.pdbx_observed_signal_threshold                 ? 
_reflns.pdbx_signal_type                               ? 
_reflns.pdbx_signal_details                            ? 
_reflns.pdbx_signal_software_id                        ? 
# 
_reflns_shell.d_res_high                                    2.03 
_reflns_shell.d_res_low                                     2.09 
_reflns_shell.meanI_over_sigI_all                           ? 
_reflns_shell.meanI_over_sigI_obs                           ? 
_reflns_shell.number_measured_all                           ? 
_reflns_shell.number_measured_obs                           ? 
_reflns_shell.number_possible                               ? 
_reflns_shell.number_unique_all                             ? 
_reflns_shell.number_unique_obs                             195 
_reflns_shell.percent_possible_all                          ? 
_reflns_shell.percent_possible_obs                          ? 
_reflns_shell.Rmerge_F_all                                  ? 
_reflns_shell.Rmerge_F_obs                                  ? 
_reflns_shell.Rmerge_I_all                                  ? 
_reflns_shell.Rmerge_I_obs                                  ? 
_reflns_shell.meanI_over_sigI_gt                            ? 
_reflns_shell.meanI_over_uI_all                             ? 
_reflns_shell.meanI_over_uI_gt                              ? 
_reflns_shell.number_measured_gt                            ? 
_reflns_shell.number_unique_gt                              ? 
_reflns_shell.percent_possible_gt                           ? 
_reflns_shell.Rmerge_F_gt                                   ? 
_reflns_shell.Rmerge_I_gt                                   ? 
_reflns_shell.pdbx_redundancy                               ? 
_reflns_shell.pdbx_Rsym_value                               ? 
_reflns_shell.pdbx_chi_squared                              ? 
_reflns_shell.pdbx_netI_over_sigmaI_all                     ? 
_reflns_shell.pdbx_netI_over_sigmaI_obs                     ? 
_reflns_shell.pdbx_Rrim_I_all                               ? 
_reflns_shell.pdbx_Rpim_I_all                               ? 
_reflns_shell.pdbx_rejects                                  ? 
_reflns_shell.pdbx_ordinal                                  1 
_reflns_shell.pdbx_diffrn_id                                1 
_reflns_shell.pdbx_CC_half                                  0.969 
_reflns_shell.pdbx_CC_star                                  ? 
_reflns_shell.pdbx_R_split                                  ? 
_reflns_shell.pdbx_percent_possible_ellipsoidal             ? 
_reflns_shell.pdbx_percent_possible_spherical               ? 
_reflns_shell.pdbx_percent_possible_ellipsoidal_anomalous   ? 
_reflns_shell.pdbx_percent_possible_spherical_anomalous     ? 
_reflns_shell.pdbx_redundancy_anomalous                     ? 
_reflns_shell.pdbx_CC_half_anomalous                        ? 
_reflns_shell.pdbx_absDiff_over_sigma_anomalous             ? 
_reflns_shell.pdbx_percent_possible_anomalous               ? 
# 
_refine.aniso_B[1][1]                            -0.2500 
_refine.aniso_B[1][2]                            0.0000 
_refine.aniso_B[1][3]                            0.0000 
_refine.aniso_B[2][2]                            -0.2500 
_refine.aniso_B[2][3]                            0.0000 
_refine.aniso_B[3][3]                            0.5000 
_refine.B_iso_max                                48.260 
_refine.B_iso_mean                               10.9280 
_refine.B_iso_min                                0.590 
_refine.correlation_coeff_Fo_to_Fc               0.9120 
_refine.correlation_coeff_Fo_to_Fc_free          0.8410 
_refine.details                                  
'HYDROGENS HAVE BEEN ADDED IN THE RIDING POSITIONS U VALUES      : REFINED INDIVIDUALLY' 
_refine.diff_density_max                         ? 
_refine.diff_density_max_esd                     ? 
_refine.diff_density_min                         ? 
_refine.diff_density_min_esd                     ? 
_refine.diff_density_rms                         ? 
_refine.diff_density_rms_esd                     ? 
_refine.entry_id                                 7WWN 
_refine.pdbx_refine_id                           'X-RAY DIFFRACTION' 
_refine.ls_abs_structure_details                 ? 
_refine.ls_abs_structure_Flack                   ? 
_refine.ls_abs_structure_Flack_esd               ? 
_refine.ls_abs_structure_Rogers                  ? 
_refine.ls_abs_structure_Rogers_esd              ? 
_refine.ls_d_res_high                            2.0500 
_refine.ls_d_res_low                             39.0400 
_refine.ls_extinction_coef                       ? 
_refine.ls_extinction_coef_esd                   ? 
_refine.ls_extinction_expression                 ? 
_refine.ls_extinction_method                     ? 
_refine.ls_goodness_of_fit_all                   ? 
_refine.ls_goodness_of_fit_all_esd               ? 
_refine.ls_goodness_of_fit_obs                   ? 
_refine.ls_goodness_of_fit_obs_esd               ? 
_refine.ls_hydrogen_treatment                    ? 
_refine.ls_matrix_type                           ? 
_refine.ls_number_constraints                    ? 
_refine.ls_number_parameters                     ? 
_refine.ls_number_reflns_all                     ? 
_refine.ls_number_reflns_obs                     8490 
_refine.ls_number_reflns_R_free                  413 
_refine.ls_number_reflns_R_work                  ? 
_refine.ls_number_restraints                     ? 
_refine.ls_percent_reflns_obs                    92.0600 
_refine.ls_percent_reflns_R_free                 4.6000 
_refine.ls_R_factor_all                          ? 
_refine.ls_R_factor_obs                          0.2066 
_refine.ls_R_factor_R_free                       0.2631 
_refine.ls_R_factor_R_free_error                 ? 
_refine.ls_R_factor_R_free_error_details         ? 
_refine.ls_R_factor_R_work                       0.2041 
_refine.ls_R_Fsqd_factor_obs                     ? 
_refine.ls_R_I_factor_obs                        ? 
_refine.ls_redundancy_reflns_all                 ? 
_refine.ls_redundancy_reflns_obs                 ? 
_refine.ls_restrained_S_all                      ? 
_refine.ls_restrained_S_obs                      ? 
_refine.ls_shift_over_esd_max                    ? 
_refine.ls_shift_over_esd_mean                   ? 
_refine.ls_structure_factor_coef                 ? 
_refine.ls_weighting_details                     ? 
_refine.ls_weighting_scheme                      ? 
_refine.ls_wR_factor_all                         ? 
_refine.ls_wR_factor_obs                         ? 
_refine.ls_wR_factor_R_free                      ? 
_refine.ls_wR_factor_R_work                      ? 
_refine.occupancy_max                            ? 
_refine.occupancy_min                            ? 
_refine.solvent_model_details                    MASK 
_refine.solvent_model_param_bsol                 ? 
_refine.solvent_model_param_ksol                 ? 
_refine.pdbx_R_complete                          ? 
_refine.ls_R_factor_gt                           ? 
_refine.ls_goodness_of_fit_gt                    ? 
_refine.ls_goodness_of_fit_ref                   ? 
_refine.ls_shift_over_su_max                     ? 
_refine.ls_shift_over_su_max_lt                  ? 
_refine.ls_shift_over_su_mean                    ? 
_refine.ls_shift_over_su_mean_lt                 ? 
_refine.pdbx_ls_sigma_I                          ? 
_refine.pdbx_ls_sigma_F                          0.000 
_refine.pdbx_ls_sigma_Fsqd                       ? 
_refine.pdbx_data_cutoff_high_absF               ? 
_refine.pdbx_data_cutoff_high_rms_absF           ? 
_refine.pdbx_data_cutoff_low_absF                ? 
_refine.pdbx_isotropic_thermal_model             ? 
_refine.pdbx_ls_cross_valid_method               THROUGHOUT 
_refine.pdbx_method_to_determine_struct          SAD 
_refine.pdbx_starting_model                      ? 
_refine.pdbx_stereochemistry_target_values       'MAXIMUM LIKELIHOOD' 
_refine.pdbx_R_Free_selection_details            RANDOM 
_refine.pdbx_stereochem_target_val_spec_case     ? 
_refine.pdbx_overall_ESU_R                       0.2700 
_refine.pdbx_overall_ESU_R_Free                  0.2190 
_refine.pdbx_solvent_vdw_probe_radii             1.2000 
_refine.pdbx_solvent_ion_probe_radii             0.8000 
_refine.pdbx_solvent_shrinkage_radii             0.8000 
_refine.pdbx_real_space_R                        ? 
_refine.pdbx_density_correlation                 ? 
_refine.pdbx_pd_number_of_powder_patterns        ? 
_refine.pdbx_pd_number_of_points                 ? 
_refine.pdbx_pd_meas_number_of_points            ? 
_refine.pdbx_pd_proc_ls_prof_R_factor            ? 
_refine.pdbx_pd_proc_ls_prof_wR_factor           ? 
_refine.pdbx_pd_Marquardt_correlation_coeff      ? 
_refine.pdbx_pd_Fsqrd_R_factor                   ? 
_refine.pdbx_pd_ls_matrix_band_width             ? 
_refine.pdbx_overall_phase_error                 ? 
_refine.pdbx_overall_SU_R_free_Cruickshank_DPI   ? 
_refine.pdbx_overall_SU_R_free_Blow_DPI          ? 
_refine.pdbx_overall_SU_R_Blow_DPI               ? 
_refine.pdbx_TLS_residual_ADP_flag               ? 
_refine.pdbx_diffrn_id                           1 
_refine.overall_SU_B                             4.2330 
_refine.overall_SU_ML                            0.1190 
_refine.overall_SU_R_Cruickshank_DPI             ? 
_refine.overall_SU_R_free                        ? 
_refine.overall_FOM_free_R_set                   ? 
_refine.overall_FOM_work_R_set                   ? 
_refine.pdbx_average_fsc_overall                 ? 
_refine.pdbx_average_fsc_work                    ? 
_refine.pdbx_average_fsc_free                    ? 
# 
_refine_hist.pdbx_refine_id                   'X-RAY DIFFRACTION' 
_refine_hist.cycle_id                         final 
_refine_hist.details                          ? 
_refine_hist.d_res_high                       2.0500 
_refine_hist.d_res_low                        39.0400 
_refine_hist.number_atoms_solvent             75 
_refine_hist.number_atoms_total               1283 
_refine_hist.number_reflns_all                ? 
_refine_hist.number_reflns_obs                ? 
_refine_hist.number_reflns_R_free             ? 
_refine_hist.number_reflns_R_work             ? 
_refine_hist.R_factor_all                     ? 
_refine_hist.R_factor_obs                     ? 
_refine_hist.R_factor_R_free                  ? 
_refine_hist.R_factor_R_work                  ? 
_refine_hist.pdbx_number_residues_total       159 
_refine_hist.pdbx_B_iso_mean_ligand           22.99 
_refine_hist.pdbx_B_iso_mean_solvent          11.78 
_refine_hist.pdbx_number_atoms_protein        1178 
_refine_hist.pdbx_number_atoms_nucleic_acid   0 
_refine_hist.pdbx_number_atoms_ligand         30 
_refine_hist.pdbx_number_atoms_lipid          ? 
_refine_hist.pdbx_number_atoms_carb           ? 
_refine_hist.pdbx_pseudo_atom_details         ? 
# 
loop_
_refine_ls_restr.pdbx_refine_id 
_refine_ls_restr.criterion 
_refine_ls_restr.dev_ideal 
_refine_ls_restr.dev_ideal_target 
_refine_ls_restr.number 
_refine_ls_restr.rejects 
_refine_ls_restr.type 
_refine_ls_restr.weight 
_refine_ls_restr.pdbx_restraint_function 
'X-RAY DIFFRACTION' ? 0.011  0.013  1229 ? r_bond_refined_d       ? ? 
'X-RAY DIFFRACTION' ? 0.001  0.014  1086 ? r_bond_other_d         ? ? 
'X-RAY DIFFRACTION' ? 1.656  1.661  1689 ? r_angle_refined_deg    ? ? 
'X-RAY DIFFRACTION' ? 1.396  1.562  2503 ? r_angle_other_deg      ? ? 
'X-RAY DIFFRACTION' ? 7.847  5.000  157  ? r_dihedral_angle_1_deg ? ? 
'X-RAY DIFFRACTION' ? 34.735 22.727 55   ? r_dihedral_angle_2_deg ? ? 
'X-RAY DIFFRACTION' ? 12.214 15.000 157  ? r_dihedral_angle_3_deg ? ? 
'X-RAY DIFFRACTION' ? 11.568 15.000 6    ? r_dihedral_angle_4_deg ? ? 
'X-RAY DIFFRACTION' ? 0.081  0.200  168  ? r_chiral_restr         ? ? 
'X-RAY DIFFRACTION' ? 0.006  0.020  1406 ? r_gen_planes_refined   ? ? 
'X-RAY DIFFRACTION' ? 0.001  0.020  274  ? r_gen_planes_other     ? ? 
# 
_refine_ls_shell.pdbx_refine_id                   'X-RAY DIFFRACTION' 
_refine_ls_shell.d_res_high                       2.0530 
_refine_ls_shell.d_res_low                        2.1070 
_refine_ls_shell.number_reflns_all                461 
_refine_ls_shell.number_reflns_obs                ? 
_refine_ls_shell.number_reflns_R_free             17 
_refine_ls_shell.number_reflns_R_work             444 
_refine_ls_shell.percent_reflns_obs               66.2400 
_refine_ls_shell.percent_reflns_R_free            ? 
_refine_ls_shell.R_factor_all                     ? 
_refine_ls_shell.R_factor_obs                     ? 
_refine_ls_shell.R_factor_R_free                  0.3240 
_refine_ls_shell.R_factor_R_free_error            0.0000 
_refine_ls_shell.R_factor_R_work                  0.2200 
_refine_ls_shell.redundancy_reflns_all            ? 
_refine_ls_shell.redundancy_reflns_obs            ? 
_refine_ls_shell.wR_factor_all                    ? 
_refine_ls_shell.wR_factor_obs                    ? 
_refine_ls_shell.wR_factor_R_free                 ? 
_refine_ls_shell.wR_factor_R_work                 ? 
_refine_ls_shell.pdbx_R_complete                  ? 
_refine_ls_shell.pdbx_total_number_of_bins_used   20 
_refine_ls_shell.pdbx_phase_error                 ? 
_refine_ls_shell.pdbx_fsc_work                    ? 
_refine_ls_shell.pdbx_fsc_free                    ? 
# 
_struct.entry_id                     7WWN 
_struct.title                        
'Structure of hypothetical protein TTHA1873 from Thermus thermophilus with Potassium mercuric iodide' 
_struct.pdbx_model_details           ? 
_struct.pdbx_formula_weight          ? 
_struct.pdbx_formula_weight_method   ? 
_struct.pdbx_model_type_details      ? 
_struct.pdbx_CASP_flag               N 
# 
_struct_keywords.entry_id        7WWN 
_struct_keywords.text            'UNKNOWN FUNCTION' 
_struct_keywords.pdbx_keywords   'UNKNOWN FUNCTION' 
# 
loop_
_struct_asym.id 
_struct_asym.pdbx_blank_PDB_chainid_flag 
_struct_asym.pdbx_modified 
_struct_asym.entity_id 
_struct_asym.details 
A N N 1 ? 
B N N 2 ? 
C N N 2 ? 
D N N 3 ? 
E N N 3 ? 
F N N 3 ? 
G N N 3 ? 
H N N 3 ? 
I N N 4 ? 
# 
_struct_ref.id                         1 
_struct_ref.db_name                    UNP 
_struct_ref.db_code                    Q5SH57_THET8 
_struct_ref.pdbx_db_accession          Q5SH57 
_struct_ref.pdbx_db_isoform            ? 
_struct_ref.entity_id                  1 
_struct_ref.pdbx_seq_one_letter_code   
;MGNYLEDCATVDVQARPTAYALAISSLGEFNSLTGGTSTDPVAEGNDYYYRFEIRAWEGSSGPQTNVTLNVTRTLGNSTF
AGSGTKGVDFEVELDPDGPFGPASYAPVLSADVQVLAWGPTGVQLRYLPSLAPGATLRFSLRANAVNGTNTTVQADATST
EAPGPYTVFETTTIIP
;
_struct_ref.pdbx_align_begin           1 
# 
_struct_ref_seq.align_id                      1 
_struct_ref_seq.ref_id                        1 
_struct_ref_seq.pdbx_PDB_id_code              7WWN 
_struct_ref_seq.pdbx_strand_id                A 
_struct_ref_seq.seq_align_beg                 1 
_struct_ref_seq.pdbx_seq_align_beg_ins_code   ? 
_struct_ref_seq.seq_align_end                 176 
_struct_ref_seq.pdbx_seq_align_end_ins_code   ? 
_struct_ref_seq.pdbx_db_accession             Q5SH57 
_struct_ref_seq.db_align_beg                  1 
_struct_ref_seq.pdbx_db_align_beg_ins_code    ? 
_struct_ref_seq.db_align_end                  176 
_struct_ref_seq.pdbx_db_align_end_ins_code    ? 
_struct_ref_seq.pdbx_auth_seq_align_beg       1 
_struct_ref_seq.pdbx_auth_seq_align_end       176 
# 
_pdbx_struct_assembly.id                   1 
_pdbx_struct_assembly.details              author_and_software_defined_assembly 
_pdbx_struct_assembly.method_details       PISA 
_pdbx_struct_assembly.oligomeric_details   dimeric 
_pdbx_struct_assembly.oligomeric_count     2 
# 
loop_
_pdbx_struct_assembly_prop.biol_id 
_pdbx_struct_assembly_prop.type 
_pdbx_struct_assembly_prop.value 
_pdbx_struct_assembly_prop.details 
1 'ABSA (A^2)' 2350  ? 
1 MORE         -61   ? 
1 'SSA (A^2)'  12750 ? 
# 
_pdbx_struct_assembly_gen.assembly_id       1 
_pdbx_struct_assembly_gen.oper_expression   1,2 
_pdbx_struct_assembly_gen.asym_id_list      A,B,C,D,E,F,G,H,I 
# 
_pdbx_struct_assembly_auth_evidence.id                     1 
_pdbx_struct_assembly_auth_evidence.assembly_id            1 
_pdbx_struct_assembly_auth_evidence.experimental_support   none 
_pdbx_struct_assembly_auth_evidence.details                ? 
# 
loop_
_pdbx_struct_oper_list.id 
_pdbx_struct_oper_list.type 
_pdbx_struct_oper_list.name 
_pdbx_struct_oper_list.symmetry_operation 
_pdbx_struct_oper_list.matrix[1][1] 
_pdbx_struct_oper_list.matrix[1][2] 
_pdbx_struct_oper_list.matrix[1][3] 
_pdbx_struct_oper_list.vector[1] 
_pdbx_struct_oper_list.matrix[2][1] 
_pdbx_struct_oper_list.matrix[2][2] 
_pdbx_struct_oper_list.matrix[2][3] 
_pdbx_struct_oper_list.vector[2] 
_pdbx_struct_oper_list.matrix[3][1] 
_pdbx_struct_oper_list.matrix[3][2] 
_pdbx_struct_oper_list.matrix[3][3] 
_pdbx_struct_oper_list.vector[3] 
1 'identity operation'         1_555 x,y,z  1.0000000000  0.0000000000  0.0000000000 0.0000000000   0.0000000000  1.0000000000  0.0000000000  0.0000000000  0.0000000000 0.0000000000  1.0000000000  0.0000000000  
2 'crystal symmetry operation' 7_555 y,x,-z -0.1711258847 -0.7773068083 0.6054007412 -14.1998729111 -0.7773068083 -0.2710523070 -0.5677365346 -2.8548050905 0.6054007412 -0.5677365346 -0.5578218084 15.7760752750 
# 
loop_
_struct_conf.conf_type_id 
_struct_conf.id 
_struct_conf.pdbx_PDB_helix_id 
_struct_conf.beg_label_comp_id 
_struct_conf.beg_label_asym_id 
_struct_conf.beg_label_seq_id 
_struct_conf.pdbx_beg_PDB_ins_code 
_struct_conf.end_label_comp_id 
_struct_conf.end_label_asym_id 
_struct_conf.end_label_seq_id 
_struct_conf.pdbx_end_PDB_ins_code 
_struct_conf.beg_auth_comp_id 
_struct_conf.beg_auth_asym_id 
_struct_conf.beg_auth_seq_id 
_struct_conf.end_auth_comp_id 
_struct_conf.end_auth_asym_id 
_struct_conf.end_auth_seq_id 
_struct_conf.pdbx_PDB_helix_class 
_struct_conf.details 
_struct_conf.pdbx_PDB_helix_length 
HELX_P HELX_P1 AA1 ASP A 97  ? GLY A 101 ? ASP A 97  GLY A 101 5 ? 5 
HELX_P HELX_P2 AA2 LEU A 109 ? ALA A 111 ? LEU A 109 ALA A 111 5 ? 3 
# 
_struct_conf_type.id          HELX_P 
_struct_conf_type.criteria    ? 
_struct_conf_type.reference   ? 
# 
loop_
_struct_conn.id 
_struct_conn.conn_type_id 
_struct_conn.pdbx_leaving_atom_flag 
_struct_conn.pdbx_PDB_id 
_struct_conn.ptnr1_label_asym_id 
_struct_conn.ptnr1_label_comp_id 
_struct_conn.ptnr1_label_seq_id 
_struct_conn.ptnr1_label_atom_id 
_struct_conn.pdbx_ptnr1_label_alt_id 
_struct_conn.pdbx_ptnr1_PDB_ins_code 
_struct_conn.pdbx_ptnr1_standard_comp_id 
_struct_conn.ptnr1_symmetry 
_struct_conn.ptnr2_label_asym_id 
_struct_conn.ptnr2_label_comp_id 
_struct_conn.ptnr2_label_seq_id 
_struct_conn.ptnr2_label_atom_id 
_struct_conn.pdbx_ptnr2_label_alt_id 
_struct_conn.pdbx_ptnr2_PDB_ins_code 
_struct_conn.ptnr1_auth_asym_id 
_struct_conn.ptnr1_auth_comp_id 
_struct_conn.ptnr1_auth_seq_id 
_struct_conn.ptnr2_auth_asym_id 
_struct_conn.ptnr2_auth_comp_id 
_struct_conn.ptnr2_auth_seq_id 
_struct_conn.ptnr2_symmetry 
_struct_conn.pdbx_ptnr3_label_atom_id 
_struct_conn.pdbx_ptnr3_label_seq_id 
_struct_conn.pdbx_ptnr3_label_comp_id 
_struct_conn.pdbx_ptnr3_label_asym_id 
_struct_conn.pdbx_ptnr3_label_alt_id 
_struct_conn.pdbx_ptnr3_PDB_ins_code 
_struct_conn.details 
_struct_conn.pdbx_dist_value 
_struct_conn.pdbx_value_order 
_struct_conn.pdbx_role 
metalc1  metalc ? ? A ILE 24  O   ? ? ? 1_555 C CA  . CA  ? ? A ILE 24  A CA  202 7_555 ? ? ? ? ? ? ? 2.374 ? ? 
metalc2  metalc ? ? A SER 25  OG  ? ? ? 1_555 C CA  . CA  ? ? A SER 25  A CA  202 7_555 ? ? ? ? ? ? ? 2.490 ? ? 
metalc3  metalc ? ? A GLU 29  OE1 ? ? ? 1_555 C CA  . CA  ? ? A GLU 29  A CA  202 1_555 ? ? ? ? ? ? ? 2.565 ? ? 
metalc4  metalc ? ? A GLU 29  OE2 ? ? ? 1_555 C CA  . CA  ? ? A GLU 29  A CA  202 1_555 ? ? ? ? ? ? ? 2.523 ? ? 
metalc5  metalc ? ? A ASP 40  OD2 ? ? ? 1_555 C CA  . CA  ? ? A ASP 40  A CA  202 1_555 ? ? ? ? ? ? ? 2.425 ? ? 
metalc6  metalc ? ? A ASP 95  OD1 ? ? ? 1_555 B CA  . CA  ? ? A ASP 95  A CA  201 1_555 ? ? ? ? ? ? ? 2.386 ? ? 
metalc7  metalc ? ? A ASP 95  OD2 ? ? ? 1_555 B CA  . CA  ? ? A ASP 95  A CA  201 1_555 ? ? ? ? ? ? ? 2.619 ? ? 
metalc8  metalc ? ? A ASP 97  OD1 ? ? ? 1_555 B CA  . CA  ? ? A ASP 97  A CA  201 1_555 ? ? ? ? ? ? ? 2.265 ? ? 
metalc9  metalc ? ? A ASP 97  OD2 ? ? ? 1_555 E 72I . HG1 ? ? A ASP 97  A 72I 204 1_555 ? ? ? ? ? ? ? 2.461 ? ? 
metalc10 metalc ? ? A GLY 98  O   ? ? ? 1_555 B CA  . CA  ? ? A GLY 98  A CA  201 1_555 ? ? ? ? ? ? ? 2.354 ? ? 
metalc11 metalc ? ? A GLY 101 O   ? ? ? 1_555 B CA  . CA  ? ? A GLY 101 A CA  201 1_555 ? ? ? ? ? ? ? 2.530 ? ? 
metalc12 metalc ? ? A ALA 103 O   ? ? ? 1_555 B CA  . CA  ? ? A ALA 103 A CA  201 1_555 ? ? ? ? ? ? ? 2.219 ? ? 
metalc13 metalc ? ? A SER 110 OG  ? ? ? 1_555 H 72I . HG1 ? ? A SER 110 A 72I 207 1_555 ? ? ? ? ? ? ? 2.920 ? ? 
metalc14 metalc ? ? A GLU 170 OE2 ? ? ? 1_555 C CA  . CA  ? ? A GLU 170 A CA  202 1_555 ? ? ? ? ? ? ? 2.326 ? ? 
metalc15 metalc ? ? A THR 171 O   ? ? ? 1_555 C CA  . CA  ? ? A THR 171 A CA  202 1_555 ? ? ? ? ? ? ? 2.254 ? ? 
metalc16 metalc ? ? B CA  .   CA  ? ? ? 1_555 I HOH . O   ? ? A CA  201 A HOH 353 1_555 ? ? ? ? ? ? ? 2.390 ? ? 
# 
_struct_conn_type.id          metalc 
_struct_conn_type.criteria    ? 
_struct_conn_type.reference   ? 
# 
loop_
_pdbx_struct_conn_angle.id 
_pdbx_struct_conn_angle.ptnr1_label_atom_id 
_pdbx_struct_conn_angle.ptnr1_label_alt_id 
_pdbx_struct_conn_angle.ptnr1_label_asym_id 
_pdbx_struct_conn_angle.ptnr1_label_comp_id 
_pdbx_struct_conn_angle.ptnr1_label_seq_id 
_pdbx_struct_conn_angle.ptnr1_auth_atom_id 
_pdbx_struct_conn_angle.ptnr1_auth_asym_id 
_pdbx_struct_conn_angle.ptnr1_auth_comp_id 
_pdbx_struct_conn_angle.ptnr1_auth_seq_id 
_pdbx_struct_conn_angle.ptnr1_PDB_ins_code 
_pdbx_struct_conn_angle.ptnr1_symmetry 
_pdbx_struct_conn_angle.ptnr2_label_atom_id 
_pdbx_struct_conn_angle.ptnr2_label_alt_id 
_pdbx_struct_conn_angle.ptnr2_label_asym_id 
_pdbx_struct_conn_angle.ptnr2_label_comp_id 
_pdbx_struct_conn_angle.ptnr2_label_seq_id 
_pdbx_struct_conn_angle.ptnr2_auth_atom_id 
_pdbx_struct_conn_angle.ptnr2_auth_asym_id 
_pdbx_struct_conn_angle.ptnr2_auth_comp_id 
_pdbx_struct_conn_angle.ptnr2_auth_seq_id 
_pdbx_struct_conn_angle.ptnr2_PDB_ins_code 
_pdbx_struct_conn_angle.ptnr2_symmetry 
_pdbx_struct_conn_angle.ptnr3_label_atom_id 
_pdbx_struct_conn_angle.ptnr3_label_alt_id 
_pdbx_struct_conn_angle.ptnr3_label_asym_id 
_pdbx_struct_conn_angle.ptnr3_label_comp_id 
_pdbx_struct_conn_angle.ptnr3_label_seq_id 
_pdbx_struct_conn_angle.ptnr3_auth_atom_id 
_pdbx_struct_conn_angle.ptnr3_auth_asym_id 
_pdbx_struct_conn_angle.ptnr3_auth_comp_id 
_pdbx_struct_conn_angle.ptnr3_auth_seq_id 
_pdbx_struct_conn_angle.ptnr3_PDB_ins_code 
_pdbx_struct_conn_angle.ptnr3_symmetry 
_pdbx_struct_conn_angle.value 
_pdbx_struct_conn_angle.value_esd 
1  O   ? A ILE 24  ? A ILE 24  ? 1_555 CA  ? C CA  . ? A CA  202 ? 7_555 OG  ? A SER 25  ? A SER 25  ? 1_555 76.3  ? 
2  O   ? A ILE 24  ? A ILE 24  ? 1_555 CA  ? C CA  . ? A CA  202 ? 7_555 OE1 ? A GLU 29  ? A GLU 29  ? 1_555 84.0  ? 
3  OG  ? A SER 25  ? A SER 25  ? 1_555 CA  ? C CA  . ? A CA  202 ? 7_555 OE1 ? A GLU 29  ? A GLU 29  ? 1_555 63.7  ? 
4  O   ? A ILE 24  ? A ILE 24  ? 1_555 CA  ? C CA  . ? A CA  202 ? 7_555 OE2 ? A GLU 29  ? A GLU 29  ? 1_555 78.8  ? 
5  OG  ? A SER 25  ? A SER 25  ? 1_555 CA  ? C CA  . ? A CA  202 ? 7_555 OE2 ? A GLU 29  ? A GLU 29  ? 1_555 69.2  ? 
6  OE1 ? A GLU 29  ? A GLU 29  ? 1_555 CA  ? C CA  . ? A CA  202 ? 7_555 OE2 ? A GLU 29  ? A GLU 29  ? 1_555 8.4   ? 
7  O   ? A ILE 24  ? A ILE 24  ? 1_555 CA  ? C CA  . ? A CA  202 ? 7_555 OD2 ? A ASP 40  ? A ASP 40  ? 1_555 89.2  ? 
8  OG  ? A SER 25  ? A SER 25  ? 1_555 CA  ? C CA  . ? A CA  202 ? 7_555 OD2 ? A ASP 40  ? A ASP 40  ? 1_555 72.8  ? 
9  OE1 ? A GLU 29  ? A GLU 29  ? 1_555 CA  ? C CA  . ? A CA  202 ? 7_555 OD2 ? A ASP 40  ? A ASP 40  ? 1_555 9.6   ? 
10 OE2 ? A GLU 29  ? A GLU 29  ? 1_555 CA  ? C CA  . ? A CA  202 ? 7_555 OD2 ? A ASP 40  ? A ASP 40  ? 1_555 10.5  ? 
11 O   ? A ILE 24  ? A ILE 24  ? 1_555 CA  ? C CA  . ? A CA  202 ? 7_555 OE2 ? A GLU 170 ? A GLU 170 ? 1_555 86.1  ? 
12 OG  ? A SER 25  ? A SER 25  ? 1_555 CA  ? C CA  . ? A CA  202 ? 7_555 OE2 ? A GLU 170 ? A GLU 170 ? 1_555 75.4  ? 
13 OE1 ? A GLU 29  ? A GLU 29  ? 1_555 CA  ? C CA  . ? A CA  202 ? 7_555 OE2 ? A GLU 170 ? A GLU 170 ? 1_555 11.7  ? 
14 OE2 ? A GLU 29  ? A GLU 29  ? 1_555 CA  ? C CA  . ? A CA  202 ? 7_555 OE2 ? A GLU 170 ? A GLU 170 ? 1_555 8.7   ? 
15 OD2 ? A ASP 40  ? A ASP 40  ? 1_555 CA  ? C CA  . ? A CA  202 ? 7_555 OE2 ? A GLU 170 ? A GLU 170 ? 1_555 4.6   ? 
16 O   ? A ILE 24  ? A ILE 24  ? 1_555 CA  ? C CA  . ? A CA  202 ? 7_555 O   ? A THR 171 ? A THR 171 ? 1_555 84.7  ? 
17 OG  ? A SER 25  ? A SER 25  ? 1_555 CA  ? C CA  . ? A CA  202 ? 7_555 O   ? A THR 171 ? A THR 171 ? 1_555 79.8  ? 
18 OE1 ? A GLU 29  ? A GLU 29  ? 1_555 CA  ? C CA  . ? A CA  202 ? 7_555 O   ? A THR 171 ? A THR 171 ? 1_555 16.3  ? 
19 OE2 ? A GLU 29  ? A GLU 29  ? 1_555 CA  ? C CA  . ? A CA  202 ? 7_555 O   ? A THR 171 ? A THR 171 ? 1_555 11.3  ? 
20 OD2 ? A ASP 40  ? A ASP 40  ? 1_555 CA  ? C CA  . ? A CA  202 ? 7_555 O   ? A THR 171 ? A THR 171 ? 1_555 9.3   ? 
21 OE2 ? A GLU 170 ? A GLU 170 ? 1_555 CA  ? C CA  . ? A CA  202 ? 7_555 O   ? A THR 171 ? A THR 171 ? 1_555 5.0   ? 
22 OD1 ? A ASP 95  ? A ASP 95  ? 1_555 CA  ? B CA  . ? A CA  201 ? 1_555 OD2 ? A ASP 95  ? A ASP 95  ? 1_555 51.8  ? 
23 OD1 ? A ASP 95  ? A ASP 95  ? 1_555 CA  ? B CA  . ? A CA  201 ? 1_555 OD1 ? A ASP 97  ? A ASP 97  ? 1_555 76.9  ? 
24 OD2 ? A ASP 95  ? A ASP 95  ? 1_555 CA  ? B CA  . ? A CA  201 ? 1_555 OD1 ? A ASP 97  ? A ASP 97  ? 1_555 125.9 ? 
25 OD1 ? A ASP 95  ? A ASP 95  ? 1_555 CA  ? B CA  . ? A CA  201 ? 1_555 O   ? A GLY 98  ? A GLY 98  ? 1_555 89.6  ? 
26 OD2 ? A ASP 95  ? A ASP 95  ? 1_555 CA  ? B CA  . ? A CA  201 ? 1_555 O   ? A GLY 98  ? A GLY 98  ? 1_555 78.1  ? 
27 OD1 ? A ASP 97  ? A ASP 97  ? 1_555 CA  ? B CA  . ? A CA  201 ? 1_555 O   ? A GLY 98  ? A GLY 98  ? 1_555 86.4  ? 
28 OD1 ? A ASP 95  ? A ASP 95  ? 1_555 CA  ? B CA  . ? A CA  201 ? 1_555 O   ? A GLY 101 ? A GLY 101 ? 1_555 152.9 ? 
29 OD2 ? A ASP 95  ? A ASP 95  ? 1_555 CA  ? B CA  . ? A CA  201 ? 1_555 O   ? A GLY 101 ? A GLY 101 ? 1_555 152.5 ? 
30 OD1 ? A ASP 97  ? A ASP 97  ? 1_555 CA  ? B CA  . ? A CA  201 ? 1_555 O   ? A GLY 101 ? A GLY 101 ? 1_555 76.0  ? 
31 O   ? A GLY 98  ? A GLY 98  ? 1_555 CA  ? B CA  . ? A CA  201 ? 1_555 O   ? A GLY 101 ? A GLY 101 ? 1_555 88.1  ? 
32 OD1 ? A ASP 95  ? A ASP 95  ? 1_555 CA  ? B CA  . ? A CA  201 ? 1_555 O   ? A ALA 103 ? A ALA 103 ? 1_555 85.3  ? 
33 OD2 ? A ASP 95  ? A ASP 95  ? 1_555 CA  ? B CA  . ? A CA  201 ? 1_555 O   ? A ALA 103 ? A ALA 103 ? 1_555 92.5  ? 
34 OD1 ? A ASP 97  ? A ASP 97  ? 1_555 CA  ? B CA  . ? A CA  201 ? 1_555 O   ? A ALA 103 ? A ALA 103 ? 1_555 100.1 ? 
35 O   ? A GLY 98  ? A GLY 98  ? 1_555 CA  ? B CA  . ? A CA  201 ? 1_555 O   ? A ALA 103 ? A ALA 103 ? 1_555 170.6 ? 
36 O   ? A GLY 101 ? A GLY 101 ? 1_555 CA  ? B CA  . ? A CA  201 ? 1_555 O   ? A ALA 103 ? A ALA 103 ? 1_555 100.1 ? 
37 OD1 ? A ASP 95  ? A ASP 95  ? 1_555 CA  ? B CA  . ? A CA  201 ? 1_555 O   ? I HOH .   ? A HOH 353 ? 1_555 131.2 ? 
38 OD2 ? A ASP 95  ? A ASP 95  ? 1_555 CA  ? B CA  . ? A CA  201 ? 1_555 O   ? I HOH .   ? A HOH 353 ? 1_555 80.2  ? 
39 OD1 ? A ASP 97  ? A ASP 97  ? 1_555 CA  ? B CA  . ? A CA  201 ? 1_555 O   ? I HOH .   ? A HOH 353 ? 1_555 151.3 ? 
40 O   ? A GLY 98  ? A GLY 98  ? 1_555 CA  ? B CA  . ? A CA  201 ? 1_555 O   ? I HOH .   ? A HOH 353 ? 1_555 88.2  ? 
41 O   ? A GLY 101 ? A GLY 101 ? 1_555 CA  ? B CA  . ? A CA  201 ? 1_555 O   ? I HOH .   ? A HOH 353 ? 1_555 75.7  ? 
42 O   ? A ALA 103 ? A ALA 103 ? 1_555 CA  ? B CA  . ? A CA  201 ? 1_555 O   ? I HOH .   ? A HOH 353 ? 1_555 89.2  ? 
43 OD2 ? A ASP 97  ? A ASP 97  ? 1_555 HG1 ? E 72I . ? A 72I 204 ? 1_555 I3  ? E 72I .   ? A 72I 204 ? 1_555 99.5  ? 
44 OD2 ? A ASP 97  ? A ASP 97  ? 1_555 HG1 ? E 72I . ? A 72I 204 ? 1_555 I1  ? E 72I .   ? A 72I 204 ? 1_555 101.3 ? 
45 I3  ? E 72I .   ? A 72I 204 ? 1_555 HG1 ? E 72I . ? A 72I 204 ? 1_555 I1  ? E 72I .   ? A 72I 204 ? 1_555 114.3 ? 
46 OD2 ? A ASP 97  ? A ASP 97  ? 1_555 HG1 ? E 72I . ? A 72I 204 ? 1_555 I2  ? E 72I .   ? A 72I 204 ? 1_555 93.6  ? 
47 I3  ? E 72I .   ? A 72I 204 ? 1_555 HG1 ? E 72I . ? A 72I 204 ? 1_555 I2  ? E 72I .   ? A 72I 204 ? 1_555 115.9 ? 
48 I1  ? E 72I .   ? A 72I 204 ? 1_555 HG1 ? E 72I . ? A 72I 204 ? 1_555 I2  ? E 72I .   ? A 72I 204 ? 1_555 124.1 ? 
49 OG  ? A SER 110 ? A SER 110 ? 1_555 HG1 ? H 72I . ? A 72I 207 ? 1_555 I3  ? H 72I .   ? A 72I 207 ? 1_555 178.0 ? 
50 OG  ? A SER 110 ? A SER 110 ? 1_555 HG1 ? H 72I . ? A 72I 207 ? 1_555 I1  ? H 72I .   ? A 72I 207 ? 1_555 66.5  ? 
51 I3  ? H 72I .   ? A 72I 207 ? 1_555 HG1 ? H 72I . ? A 72I 207 ? 1_555 I1  ? H 72I .   ? A 72I 207 ? 1_555 111.8 ? 
52 OG  ? A SER 110 ? A SER 110 ? 1_555 HG1 ? H 72I . ? A 72I 207 ? 1_555 I2  ? H 72I .   ? A 72I 207 ? 1_555 65.5  ? 
53 I3  ? H 72I .   ? A 72I 207 ? 1_555 HG1 ? H 72I . ? A 72I 207 ? 1_555 I2  ? H 72I .   ? A 72I 207 ? 1_555 116.5 ? 
54 I1  ? H 72I .   ? A 72I 207 ? 1_555 HG1 ? H 72I . ? A 72I 207 ? 1_555 I2  ? H 72I .   ? A 72I 207 ? 1_555 117.0 ? 
# 
loop_
_struct_mon_prot_cis.pdbx_id 
_struct_mon_prot_cis.label_comp_id 
_struct_mon_prot_cis.label_seq_id 
_struct_mon_prot_cis.label_asym_id 
_struct_mon_prot_cis.label_alt_id 
_struct_mon_prot_cis.pdbx_PDB_ins_code 
_struct_mon_prot_cis.auth_comp_id 
_struct_mon_prot_cis.auth_seq_id 
_struct_mon_prot_cis.auth_asym_id 
_struct_mon_prot_cis.pdbx_label_comp_id_2 
_struct_mon_prot_cis.pdbx_label_seq_id_2 
_struct_mon_prot_cis.pdbx_label_asym_id_2 
_struct_mon_prot_cis.pdbx_PDB_ins_code_2 
_struct_mon_prot_cis.pdbx_auth_comp_id_2 
_struct_mon_prot_cis.pdbx_auth_seq_id_2 
_struct_mon_prot_cis.pdbx_auth_asym_id_2 
_struct_mon_prot_cis.pdbx_PDB_model_num 
_struct_mon_prot_cis.pdbx_omega_angle 
1 ASP 40  A . ? ASP 40  A PRO 41  A ? PRO 41  A 1 1.84  
2 GLY 164 A . ? GLY 164 A PRO 165 A ? PRO 165 A 1 -2.86 
# 
loop_
_struct_sheet.id 
_struct_sheet.type 
_struct_sheet.number_strands 
_struct_sheet.details 
AA1 ? 4 ? 
AA2 ? 5 ? 
AA3 ? 2 ? 
AA4 ? 5 ? 
# 
loop_
_struct_sheet_order.sheet_id 
_struct_sheet_order.range_id_1 
_struct_sheet_order.range_id_2 
_struct_sheet_order.offset 
_struct_sheet_order.sense 
AA1 1 2 ? anti-parallel 
AA1 2 3 ? anti-parallel 
AA1 3 4 ? anti-parallel 
AA2 1 2 ? anti-parallel 
AA2 2 3 ? anti-parallel 
AA2 3 4 ? anti-parallel 
AA2 4 5 ? anti-parallel 
AA3 1 2 ? parallel      
AA4 1 2 ? anti-parallel 
AA4 2 3 ? anti-parallel 
AA4 3 4 ? anti-parallel 
AA4 4 5 ? anti-parallel 
# 
loop_
_struct_sheet_range.sheet_id 
_struct_sheet_range.id 
_struct_sheet_range.beg_label_comp_id 
_struct_sheet_range.beg_label_asym_id 
_struct_sheet_range.beg_label_seq_id 
_struct_sheet_range.pdbx_beg_PDB_ins_code 
_struct_sheet_range.end_label_comp_id 
_struct_sheet_range.end_label_asym_id 
_struct_sheet_range.end_label_seq_id 
_struct_sheet_range.pdbx_end_PDB_ins_code 
_struct_sheet_range.beg_auth_comp_id 
_struct_sheet_range.beg_auth_asym_id 
_struct_sheet_range.beg_auth_seq_id 
_struct_sheet_range.end_auth_comp_id 
_struct_sheet_range.end_auth_asym_id 
_struct_sheet_range.end_auth_seq_id 
AA1 1 LEU A 22  ? PHE A 30  ? LEU A 22  PHE A 30  
AA1 2 ASP A 47  ? ALA A 56  ? ASP A 47  ALA A 56  
AA1 3 THR A 136 ? ASN A 144 ? THR A 136 ASN A 144 
AA1 4 THR A 79  ? PHE A 80  ? THR A 79  PHE A 80  
AA2 1 LEU A 22  ? PHE A 30  ? LEU A 22  PHE A 30  
AA2 2 ASP A 47  ? ALA A 56  ? ASP A 47  ALA A 56  
AA2 3 THR A 136 ? ASN A 144 ? THR A 136 ASN A 144 
AA2 4 PHE A 90  ? ASP A 95  ? PHE A 90  ASP A 95  
AA2 5 ALA A 106 ? PRO A 107 ? ALA A 106 PRO A 107 
AA3 1 VAL A 42  ? ALA A 43  ? VAL A 42  ALA A 43  
AA3 2 ILE A 174 ? ILE A 175 ? ILE A 174 ILE A 175 
AA4 1 VAL A 113 ? GLY A 119 ? VAL A 113 GLY A 119 
AA4 2 GLY A 122 ? TYR A 127 ? GLY A 122 TYR A 127 
AA4 3 VAL A 67  ? LEU A 75  ? VAL A 67  LEU A 75  
AA4 4 THR A 151 ? THR A 158 ? THR A 151 THR A 158 
AA4 5 TYR A 166 ? THR A 172 ? TYR A 166 THR A 172 
# 
loop_
_pdbx_struct_sheet_hbond.sheet_id 
_pdbx_struct_sheet_hbond.range_id_1 
_pdbx_struct_sheet_hbond.range_id_2 
_pdbx_struct_sheet_hbond.range_1_label_atom_id 
_pdbx_struct_sheet_hbond.range_1_label_comp_id 
_pdbx_struct_sheet_hbond.range_1_label_asym_id 
_pdbx_struct_sheet_hbond.range_1_label_seq_id 
_pdbx_struct_sheet_hbond.range_1_PDB_ins_code 
_pdbx_struct_sheet_hbond.range_1_auth_atom_id 
_pdbx_struct_sheet_hbond.range_1_auth_comp_id 
_pdbx_struct_sheet_hbond.range_1_auth_asym_id 
_pdbx_struct_sheet_hbond.range_1_auth_seq_id 
_pdbx_struct_sheet_hbond.range_2_label_atom_id 
_pdbx_struct_sheet_hbond.range_2_label_comp_id 
_pdbx_struct_sheet_hbond.range_2_label_asym_id 
_pdbx_struct_sheet_hbond.range_2_label_seq_id 
_pdbx_struct_sheet_hbond.range_2_PDB_ins_code 
_pdbx_struct_sheet_hbond.range_2_auth_atom_id 
_pdbx_struct_sheet_hbond.range_2_auth_comp_id 
_pdbx_struct_sheet_hbond.range_2_auth_asym_id 
_pdbx_struct_sheet_hbond.range_2_auth_seq_id 
AA1 1 2 N ALA A 23  ? N ALA A 23  O ARG A 55  ? O ARG A 55  
AA1 2 3 N ILE A 54  ? N ILE A 54  O LEU A 137 ? O LEU A 137 
AA1 3 4 O ASN A 144 ? O ASN A 144 N THR A 79  ? N THR A 79  
AA2 1 2 N ALA A 23  ? N ALA A 23  O ARG A 55  ? O ARG A 55  
AA2 2 3 N ILE A 54  ? N ILE A 54  O LEU A 137 ? O LEU A 137 
AA2 3 4 O ARG A 138 ? O ARG A 138 N GLU A 93  ? N GLU A 93  
AA2 4 5 N LEU A 94  ? N LEU A 94  O ALA A 106 ? O ALA A 106 
AA3 1 2 N VAL A 42  ? N VAL A 42  O ILE A 175 ? O ILE A 175 
AA4 1 2 N ALA A 117 ? N ALA A 117 O GLN A 124 ? O GLN A 124 
AA4 2 3 O LEU A 125 ? O LEU A 125 N LEU A 69  ? N LEU A 69  
AA4 3 4 N ASN A 70  ? N ASN A 70  O ASP A 156 ? O ASP A 156 
AA4 4 5 N THR A 151 ? N THR A 151 O THR A 172 ? O THR A 172 
# 
loop_
_pdbx_validate_torsion.id 
_pdbx_validate_torsion.PDB_model_num 
_pdbx_validate_torsion.auth_comp_id 
_pdbx_validate_torsion.auth_asym_id 
_pdbx_validate_torsion.auth_seq_id 
_pdbx_validate_torsion.PDB_ins_code 
_pdbx_validate_torsion.label_alt_id 
_pdbx_validate_torsion.phi 
_pdbx_validate_torsion.psi 
1 1 ALA A 19  ? ? 33.63   -0.43  
2 1 ASP A 40  ? ? 94.86   115.17 
3 1 VAL A 88  ? ? -132.55 -49.72 
4 1 PRO A 163 ? ? -68.54  52.42  
# 
_pdbx_entry_details.entry_id                 7WWN 
_pdbx_entry_details.has_ligand_of_interest   N 
_pdbx_entry_details.compound_details         ? 
_pdbx_entry_details.source_details           ? 
_pdbx_entry_details.nonpolymer_details       ? 
_pdbx_entry_details.sequence_details         ? 
# 
_pdbx_distant_solvent_atoms.id                                1 
_pdbx_distant_solvent_atoms.PDB_model_num                     1 
_pdbx_distant_solvent_atoms.auth_atom_id                      O 
_pdbx_distant_solvent_atoms.label_alt_id                      ? 
_pdbx_distant_solvent_atoms.auth_asym_id                      A 
_pdbx_distant_solvent_atoms.auth_comp_id                      HOH 
_pdbx_distant_solvent_atoms.auth_seq_id                       375 
_pdbx_distant_solvent_atoms.PDB_ins_code                      ? 
_pdbx_distant_solvent_atoms.neighbor_macromolecule_distance   6.42 
_pdbx_distant_solvent_atoms.neighbor_ligand_distance          . 
# 
loop_
_pdbx_unobs_or_zero_occ_residues.id 
_pdbx_unobs_or_zero_occ_residues.PDB_model_num 
_pdbx_unobs_or_zero_occ_residues.polymer_flag 
_pdbx_unobs_or_zero_occ_residues.occupancy_flag 
_pdbx_unobs_or_zero_occ_residues.auth_asym_id 
_pdbx_unobs_or_zero_occ_residues.auth_comp_id 
_pdbx_unobs_or_zero_occ_residues.auth_seq_id 
_pdbx_unobs_or_zero_occ_residues.PDB_ins_code 
_pdbx_unobs_or_zero_occ_residues.label_asym_id 
_pdbx_unobs_or_zero_occ_residues.label_comp_id 
_pdbx_unobs_or_zero_occ_residues.label_seq_id 
1  1 Y 1 A MET 1   ? A MET 1   
2  1 Y 1 A GLY 2   ? A GLY 2   
3  1 Y 1 A ASN 3   ? A ASN 3   
4  1 Y 1 A TYR 4   ? A TYR 4   
5  1 Y 1 A LEU 5   ? A LEU 5   
6  1 Y 1 A GLU 6   ? A GLU 6   
7  1 Y 1 A ASP 7   ? A ASP 7   
8  1 Y 1 A CYS 8   ? A CYS 8   
9  1 Y 1 A ALA 9   ? A ALA 9   
10 1 Y 1 A THR 10  ? A THR 10  
11 1 Y 1 A VAL 11  ? A VAL 11  
12 1 Y 1 A ASP 12  ? A ASP 12  
13 1 Y 1 A VAL 13  ? A VAL 13  
14 1 Y 1 A GLN 14  ? A GLN 14  
15 1 Y 1 A ALA 15  ? A ALA 15  
16 1 Y 1 A ARG 16  ? A ARG 16  
17 1 Y 1 A GLY 148 ? A GLY 148 
# 
loop_
_chem_comp_atom.comp_id 
_chem_comp_atom.atom_id 
_chem_comp_atom.type_symbol 
_chem_comp_atom.pdbx_aromatic_flag 
_chem_comp_atom.pdbx_stereo_config 
_chem_comp_atom.pdbx_ordinal 
72I HG1  HG N N 1   
72I I1   I  N N 2   
72I I2   I  N N 3   
72I I3   I  N N 4   
72I I4   I  N N 5   
ALA N    N  N N 6   
ALA CA   C  N S 7   
ALA C    C  N N 8   
ALA O    O  N N 9   
ALA CB   C  N N 10  
ALA OXT  O  N N 11  
ALA H    H  N N 12  
ALA H2   H  N N 13  
ALA HA   H  N N 14  
ALA HB1  H  N N 15  
ALA HB2  H  N N 16  
ALA HB3  H  N N 17  
ALA HXT  H  N N 18  
ARG N    N  N N 19  
ARG CA   C  N S 20  
ARG C    C  N N 21  
ARG O    O  N N 22  
ARG CB   C  N N 23  
ARG CG   C  N N 24  
ARG CD   C  N N 25  
ARG NE   N  N N 26  
ARG CZ   C  N N 27  
ARG NH1  N  N N 28  
ARG NH2  N  N N 29  
ARG OXT  O  N N 30  
ARG H    H  N N 31  
ARG H2   H  N N 32  
ARG HA   H  N N 33  
ARG HB2  H  N N 34  
ARG HB3  H  N N 35  
ARG HG2  H  N N 36  
ARG HG3  H  N N 37  
ARG HD2  H  N N 38  
ARG HD3  H  N N 39  
ARG HE   H  N N 40  
ARG HH11 H  N N 41  
ARG HH12 H  N N 42  
ARG HH21 H  N N 43  
ARG HH22 H  N N 44  
ARG HXT  H  N N 45  
ASN N    N  N N 46  
ASN CA   C  N S 47  
ASN C    C  N N 48  
ASN O    O  N N 49  
ASN CB   C  N N 50  
ASN CG   C  N N 51  
ASN OD1  O  N N 52  
ASN ND2  N  N N 53  
ASN OXT  O  N N 54  
ASN H    H  N N 55  
ASN H2   H  N N 56  
ASN HA   H  N N 57  
ASN HB2  H  N N 58  
ASN HB3  H  N N 59  
ASN HD21 H  N N 60  
ASN HD22 H  N N 61  
ASN HXT  H  N N 62  
ASP N    N  N N 63  
ASP CA   C  N S 64  
ASP C    C  N N 65  
ASP O    O  N N 66  
ASP CB   C  N N 67  
ASP CG   C  N N 68  
ASP OD1  O  N N 69  
ASP OD2  O  N N 70  
ASP OXT  O  N N 71  
ASP H    H  N N 72  
ASP H2   H  N N 73  
ASP HA   H  N N 74  
ASP HB2  H  N N 75  
ASP HB3  H  N N 76  
ASP HD2  H  N N 77  
ASP HXT  H  N N 78  
CA  CA   CA N N 79  
CYS N    N  N N 80  
CYS CA   C  N R 81  
CYS C    C  N N 82  
CYS O    O  N N 83  
CYS CB   C  N N 84  
CYS SG   S  N N 85  
CYS OXT  O  N N 86  
CYS H    H  N N 87  
CYS H2   H  N N 88  
CYS HA   H  N N 89  
CYS HB2  H  N N 90  
CYS HB3  H  N N 91  
CYS HG   H  N N 92  
CYS HXT  H  N N 93  
GLN N    N  N N 94  
GLN CA   C  N S 95  
GLN C    C  N N 96  
GLN O    O  N N 97  
GLN CB   C  N N 98  
GLN CG   C  N N 99  
GLN CD   C  N N 100 
GLN OE1  O  N N 101 
GLN NE2  N  N N 102 
GLN OXT  O  N N 103 
GLN H    H  N N 104 
GLN H2   H  N N 105 
GLN HA   H  N N 106 
GLN HB2  H  N N 107 
GLN HB3  H  N N 108 
GLN HG2  H  N N 109 
GLN HG3  H  N N 110 
GLN HE21 H  N N 111 
GLN HE22 H  N N 112 
GLN HXT  H  N N 113 
GLU N    N  N N 114 
GLU CA   C  N S 115 
GLU C    C  N N 116 
GLU O    O  N N 117 
GLU CB   C  N N 118 
GLU CG   C  N N 119 
GLU CD   C  N N 120 
GLU OE1  O  N N 121 
GLU OE2  O  N N 122 
GLU OXT  O  N N 123 
GLU H    H  N N 124 
GLU H2   H  N N 125 
GLU HA   H  N N 126 
GLU HB2  H  N N 127 
GLU HB3  H  N N 128 
GLU HG2  H  N N 129 
GLU HG3  H  N N 130 
GLU HE2  H  N N 131 
GLU HXT  H  N N 132 
GLY N    N  N N 133 
GLY CA   C  N N 134 
GLY C    C  N N 135 
GLY O    O  N N 136 
GLY OXT  O  N N 137 
GLY H    H  N N 138 
GLY H2   H  N N 139 
GLY HA2  H  N N 140 
GLY HA3  H  N N 141 
GLY HXT  H  N N 142 
HOH O    O  N N 143 
HOH H1   H  N N 144 
HOH H2   H  N N 145 
ILE N    N  N N 146 
ILE CA   C  N S 147 
ILE C    C  N N 148 
ILE O    O  N N 149 
ILE CB   C  N S 150 
ILE CG1  C  N N 151 
ILE CG2  C  N N 152 
ILE CD1  C  N N 153 
ILE OXT  O  N N 154 
ILE H    H  N N 155 
ILE H2   H  N N 156 
ILE HA   H  N N 157 
ILE HB   H  N N 158 
ILE HG12 H  N N 159 
ILE HG13 H  N N 160 
ILE HG21 H  N N 161 
ILE HG22 H  N N 162 
ILE HG23 H  N N 163 
ILE HD11 H  N N 164 
ILE HD12 H  N N 165 
ILE HD13 H  N N 166 
ILE HXT  H  N N 167 
LEU N    N  N N 168 
LEU CA   C  N S 169 
LEU C    C  N N 170 
LEU O    O  N N 171 
LEU CB   C  N N 172 
LEU CG   C  N N 173 
LEU CD1  C  N N 174 
LEU CD2  C  N N 175 
LEU OXT  O  N N 176 
LEU H    H  N N 177 
LEU H2   H  N N 178 
LEU HA   H  N N 179 
LEU HB2  H  N N 180 
LEU HB3  H  N N 181 
LEU HG   H  N N 182 
LEU HD11 H  N N 183 
LEU HD12 H  N N 184 
LEU HD13 H  N N 185 
LEU HD21 H  N N 186 
LEU HD22 H  N N 187 
LEU HD23 H  N N 188 
LEU HXT  H  N N 189 
LYS N    N  N N 190 
LYS CA   C  N S 191 
LYS C    C  N N 192 
LYS O    O  N N 193 
LYS CB   C  N N 194 
LYS CG   C  N N 195 
LYS CD   C  N N 196 
LYS CE   C  N N 197 
LYS NZ   N  N N 198 
LYS OXT  O  N N 199 
LYS H    H  N N 200 
LYS H2   H  N N 201 
LYS HA   H  N N 202 
LYS HB2  H  N N 203 
LYS HB3  H  N N 204 
LYS HG2  H  N N 205 
LYS HG3  H  N N 206 
LYS HD2  H  N N 207 
LYS HD3  H  N N 208 
LYS HE2  H  N N 209 
LYS HE3  H  N N 210 
LYS HZ1  H  N N 211 
LYS HZ2  H  N N 212 
LYS HZ3  H  N N 213 
LYS HXT  H  N N 214 
MET N    N  N N 215 
MET CA   C  N S 216 
MET C    C  N N 217 
MET O    O  N N 218 
MET CB   C  N N 219 
MET CG   C  N N 220 
MET SD   S  N N 221 
MET CE   C  N N 222 
MET OXT  O  N N 223 
MET H    H  N N 224 
MET H2   H  N N 225 
MET HA   H  N N 226 
MET HB2  H  N N 227 
MET HB3  H  N N 228 
MET HG2  H  N N 229 
MET HG3  H  N N 230 
MET HE1  H  N N 231 
MET HE2  H  N N 232 
MET HE3  H  N N 233 
MET HXT  H  N N 234 
PHE N    N  N N 235 
PHE CA   C  N S 236 
PHE C    C  N N 237 
PHE O    O  N N 238 
PHE CB   C  N N 239 
PHE CG   C  Y N 240 
PHE CD1  C  Y N 241 
PHE CD2  C  Y N 242 
PHE CE1  C  Y N 243 
PHE CE2  C  Y N 244 
PHE CZ   C  Y N 245 
PHE OXT  O  N N 246 
PHE H    H  N N 247 
PHE H2   H  N N 248 
PHE HA   H  N N 249 
PHE HB2  H  N N 250 
PHE HB3  H  N N 251 
PHE HD1  H  N N 252 
PHE HD2  H  N N 253 
PHE HE1  H  N N 254 
PHE HE2  H  N N 255 
PHE HZ   H  N N 256 
PHE HXT  H  N N 257 
PRO N    N  N N 258 
PRO CA   C  N S 259 
PRO C    C  N N 260 
PRO O    O  N N 261 
PRO CB   C  N N 262 
PRO CG   C  N N 263 
PRO CD   C  N N 264 
PRO OXT  O  N N 265 
PRO H    H  N N 266 
PRO HA   H  N N 267 
PRO HB2  H  N N 268 
PRO HB3  H  N N 269 
PRO HG2  H  N N 270 
PRO HG3  H  N N 271 
PRO HD2  H  N N 272 
PRO HD3  H  N N 273 
PRO HXT  H  N N 274 
SER N    N  N N 275 
SER CA   C  N S 276 
SER C    C  N N 277 
SER O    O  N N 278 
SER CB   C  N N 279 
SER OG   O  N N 280 
SER OXT  O  N N 281 
SER H    H  N N 282 
SER H2   H  N N 283 
SER HA   H  N N 284 
SER HB2  H  N N 285 
SER HB3  H  N N 286 
SER HG   H  N N 287 
SER HXT  H  N N 288 
THR N    N  N N 289 
THR CA   C  N S 290 
THR C    C  N N 291 
THR O    O  N N 292 
THR CB   C  N R 293 
THR OG1  O  N N 294 
THR CG2  C  N N 295 
THR OXT  O  N N 296 
THR H    H  N N 297 
THR H2   H  N N 298 
THR HA   H  N N 299 
THR HB   H  N N 300 
THR HG1  H  N N 301 
THR HG21 H  N N 302 
THR HG22 H  N N 303 
THR HG23 H  N N 304 
THR HXT  H  N N 305 
TRP N    N  N N 306 
TRP CA   C  N S 307 
TRP C    C  N N 308 
TRP O    O  N N 309 
TRP CB   C  N N 310 
TRP CG   C  Y N 311 
TRP CD1  C  Y N 312 
TRP CD2  C  Y N 313 
TRP NE1  N  Y N 314 
TRP CE2  C  Y N 315 
TRP CE3  C  Y N 316 
TRP CZ2  C  Y N 317 
TRP CZ3  C  Y N 318 
TRP CH2  C  Y N 319 
TRP OXT  O  N N 320 
TRP H    H  N N 321 
TRP H2   H  N N 322 
TRP HA   H  N N 323 
TRP HB2  H  N N 324 
TRP HB3  H  N N 325 
TRP HD1  H  N N 326 
TRP HE1  H  N N 327 
TRP HE3  H  N N 328 
TRP HZ2  H  N N 329 
TRP HZ3  H  N N 330 
TRP HH2  H  N N 331 
TRP HXT  H  N N 332 
TYR N    N  N N 333 
TYR CA   C  N S 334 
TYR C    C  N N 335 
TYR O    O  N N 336 
TYR CB   C  N N 337 
TYR CG   C  Y N 338 
TYR CD1  C  Y N 339 
TYR CD2  C  Y N 340 
TYR CE1  C  Y N 341 
TYR CE2  C  Y N 342 
TYR CZ   C  Y N 343 
TYR OH   O  N N 344 
TYR OXT  O  N N 345 
TYR H    H  N N 346 
TYR H2   H  N N 347 
TYR HA   H  N N 348 
TYR HB2  H  N N 349 
TYR HB3  H  N N 350 
TYR HD1  H  N N 351 
TYR HD2  H  N N 352 
TYR HE1  H  N N 353 
TYR HE2  H  N N 354 
TYR HH   H  N N 355 
TYR HXT  H  N N 356 
VAL N    N  N N 357 
VAL CA   C  N S 358 
VAL C    C  N N 359 
VAL O    O  N N 360 
VAL CB   C  N N 361 
VAL CG1  C  N N 362 
VAL CG2  C  N N 363 
VAL OXT  O  N N 364 
VAL H    H  N N 365 
VAL H2   H  N N 366 
VAL HA   H  N N 367 
VAL HB   H  N N 368 
VAL HG11 H  N N 369 
VAL HG12 H  N N 370 
VAL HG13 H  N N 371 
VAL HG21 H  N N 372 
VAL HG22 H  N N 373 
VAL HG23 H  N N 374 
VAL HXT  H  N N 375 
# 
loop_
_chem_comp_bond.comp_id 
_chem_comp_bond.atom_id_1 
_chem_comp_bond.atom_id_2 
_chem_comp_bond.value_order 
_chem_comp_bond.pdbx_aromatic_flag 
_chem_comp_bond.pdbx_stereo_config 
_chem_comp_bond.pdbx_ordinal 
72I I3  HG1  sing N N 1   
72I I1  HG1  sing N N 2   
72I HG1 I2   sing N N 3   
72I HG1 I4   sing N N 4   
ALA N   CA   sing N N 5   
ALA N   H    sing N N 6   
ALA N   H2   sing N N 7   
ALA CA  C    sing N N 8   
ALA CA  CB   sing N N 9   
ALA CA  HA   sing N N 10  
ALA C   O    doub N N 11  
ALA C   OXT  sing N N 12  
ALA CB  HB1  sing N N 13  
ALA CB  HB2  sing N N 14  
ALA CB  HB3  sing N N 15  
ALA OXT HXT  sing N N 16  
ARG N   CA   sing N N 17  
ARG N   H    sing N N 18  
ARG N   H2   sing N N 19  
ARG CA  C    sing N N 20  
ARG CA  CB   sing N N 21  
ARG CA  HA   sing N N 22  
ARG C   O    doub N N 23  
ARG C   OXT  sing N N 24  
ARG CB  CG   sing N N 25  
ARG CB  HB2  sing N N 26  
ARG CB  HB3  sing N N 27  
ARG CG  CD   sing N N 28  
ARG CG  HG2  sing N N 29  
ARG CG  HG3  sing N N 30  
ARG CD  NE   sing N N 31  
ARG CD  HD2  sing N N 32  
ARG CD  HD3  sing N N 33  
ARG NE  CZ   sing N N 34  
ARG NE  HE   sing N N 35  
ARG CZ  NH1  sing N N 36  
ARG CZ  NH2  doub N N 37  
ARG NH1 HH11 sing N N 38  
ARG NH1 HH12 sing N N 39  
ARG NH2 HH21 sing N N 40  
ARG NH2 HH22 sing N N 41  
ARG OXT HXT  sing N N 42  
ASN N   CA   sing N N 43  
ASN N   H    sing N N 44  
ASN N   H2   sing N N 45  
ASN CA  C    sing N N 46  
ASN CA  CB   sing N N 47  
ASN CA  HA   sing N N 48  
ASN C   O    doub N N 49  
ASN C   OXT  sing N N 50  
ASN CB  CG   sing N N 51  
ASN CB  HB2  sing N N 52  
ASN CB  HB3  sing N N 53  
ASN CG  OD1  doub N N 54  
ASN CG  ND2  sing N N 55  
ASN ND2 HD21 sing N N 56  
ASN ND2 HD22 sing N N 57  
ASN OXT HXT  sing N N 58  
ASP N   CA   sing N N 59  
ASP N   H    sing N N 60  
ASP N   H2   sing N N 61  
ASP CA  C    sing N N 62  
ASP CA  CB   sing N N 63  
ASP CA  HA   sing N N 64  
ASP C   O    doub N N 65  
ASP C   OXT  sing N N 66  
ASP CB  CG   sing N N 67  
ASP CB  HB2  sing N N 68  
ASP CB  HB3  sing N N 69  
ASP CG  OD1  doub N N 70  
ASP CG  OD2  sing N N 71  
ASP OD2 HD2  sing N N 72  
ASP OXT HXT  sing N N 73  
CYS N   CA   sing N N 74  
CYS N   H    sing N N 75  
CYS N   H2   sing N N 76  
CYS CA  C    sing N N 77  
CYS CA  CB   sing N N 78  
CYS CA  HA   sing N N 79  
CYS C   O    doub N N 80  
CYS C   OXT  sing N N 81  
CYS CB  SG   sing N N 82  
CYS CB  HB2  sing N N 83  
CYS CB  HB3  sing N N 84  
CYS SG  HG   sing N N 85  
CYS OXT HXT  sing N N 86  
GLN N   CA   sing N N 87  
GLN N   H    sing N N 88  
GLN N   H2   sing N N 89  
GLN CA  C    sing N N 90  
GLN CA  CB   sing N N 91  
GLN CA  HA   sing N N 92  
GLN C   O    doub N N 93  
GLN C   OXT  sing N N 94  
GLN CB  CG   sing N N 95  
GLN CB  HB2  sing N N 96  
GLN CB  HB3  sing N N 97  
GLN CG  CD   sing N N 98  
GLN CG  HG2  sing N N 99  
GLN CG  HG3  sing N N 100 
GLN CD  OE1  doub N N 101 
GLN CD  NE2  sing N N 102 
GLN NE2 HE21 sing N N 103 
GLN NE2 HE22 sing N N 104 
GLN OXT HXT  sing N N 105 
GLU N   CA   sing N N 106 
GLU N   H    sing N N 107 
GLU N   H2   sing N N 108 
GLU CA  C    sing N N 109 
GLU CA  CB   sing N N 110 
GLU CA  HA   sing N N 111 
GLU C   O    doub N N 112 
GLU C   OXT  sing N N 113 
GLU CB  CG   sing N N 114 
GLU CB  HB2  sing N N 115 
GLU CB  HB3  sing N N 116 
GLU CG  CD   sing N N 117 
GLU CG  HG2  sing N N 118 
GLU CG  HG3  sing N N 119 
GLU CD  OE1  doub N N 120 
GLU CD  OE2  sing N N 121 
GLU OE2 HE2  sing N N 122 
GLU OXT HXT  sing N N 123 
GLY N   CA   sing N N 124 
GLY N   H    sing N N 125 
GLY N   H2   sing N N 126 
GLY CA  C    sing N N 127 
GLY CA  HA2  sing N N 128 
GLY CA  HA3  sing N N 129 
GLY C   O    doub N N 130 
GLY C   OXT  sing N N 131 
GLY OXT HXT  sing N N 132 
HOH O   H1   sing N N 133 
HOH O   H2   sing N N 134 
ILE N   CA   sing N N 135 
ILE N   H    sing N N 136 
ILE N   H2   sing N N 137 
ILE CA  C    sing N N 138 
ILE CA  CB   sing N N 139 
ILE CA  HA   sing N N 140 
ILE C   O    doub N N 141 
ILE C   OXT  sing N N 142 
ILE CB  CG1  sing N N 143 
ILE CB  CG2  sing N N 144 
ILE CB  HB   sing N N 145 
ILE CG1 CD1  sing N N 146 
ILE CG1 HG12 sing N N 147 
ILE CG1 HG13 sing N N 148 
ILE CG2 HG21 sing N N 149 
ILE CG2 HG22 sing N N 150 
ILE CG2 HG23 sing N N 151 
ILE CD1 HD11 sing N N 152 
ILE CD1 HD12 sing N N 153 
ILE CD1 HD13 sing N N 154 
ILE OXT HXT  sing N N 155 
LEU N   CA   sing N N 156 
LEU N   H    sing N N 157 
LEU N   H2   sing N N 158 
LEU CA  C    sing N N 159 
LEU CA  CB   sing N N 160 
LEU CA  HA   sing N N 161 
LEU C   O    doub N N 162 
LEU C   OXT  sing N N 163 
LEU CB  CG   sing N N 164 
LEU CB  HB2  sing N N 165 
LEU CB  HB3  sing N N 166 
LEU CG  CD1  sing N N 167 
LEU CG  CD2  sing N N 168 
LEU CG  HG   sing N N 169 
LEU CD1 HD11 sing N N 170 
LEU CD1 HD12 sing N N 171 
LEU CD1 HD13 sing N N 172 
LEU CD2 HD21 sing N N 173 
LEU CD2 HD22 sing N N 174 
LEU CD2 HD23 sing N N 175 
LEU OXT HXT  sing N N 176 
LYS N   CA   sing N N 177 
LYS N   H    sing N N 178 
LYS N   H2   sing N N 179 
LYS CA  C    sing N N 180 
LYS CA  CB   sing N N 181 
LYS CA  HA   sing N N 182 
LYS C   O    doub N N 183 
LYS C   OXT  sing N N 184 
LYS CB  CG   sing N N 185 
LYS CB  HB2  sing N N 186 
LYS CB  HB3  sing N N 187 
LYS CG  CD   sing N N 188 
LYS CG  HG2  sing N N 189 
LYS CG  HG3  sing N N 190 
LYS CD  CE   sing N N 191 
LYS CD  HD2  sing N N 192 
LYS CD  HD3  sing N N 193 
LYS CE  NZ   sing N N 194 
LYS CE  HE2  sing N N 195 
LYS CE  HE3  sing N N 196 
LYS NZ  HZ1  sing N N 197 
LYS NZ  HZ2  sing N N 198 
LYS NZ  HZ3  sing N N 199 
LYS OXT HXT  sing N N 200 
MET N   CA   sing N N 201 
MET N   H    sing N N 202 
MET N   H2   sing N N 203 
MET CA  C    sing N N 204 
MET CA  CB   sing N N 205 
MET CA  HA   sing N N 206 
MET C   O    doub N N 207 
MET C   OXT  sing N N 208 
MET CB  CG   sing N N 209 
MET CB  HB2  sing N N 210 
MET CB  HB3  sing N N 211 
MET CG  SD   sing N N 212 
MET CG  HG2  sing N N 213 
MET CG  HG3  sing N N 214 
MET SD  CE   sing N N 215 
MET CE  HE1  sing N N 216 
MET CE  HE2  sing N N 217 
MET CE  HE3  sing N N 218 
MET OXT HXT  sing N N 219 
PHE N   CA   sing N N 220 
PHE N   H    sing N N 221 
PHE N   H2   sing N N 222 
PHE CA  C    sing N N 223 
PHE CA  CB   sing N N 224 
PHE CA  HA   sing N N 225 
PHE C   O    doub N N 226 
PHE C   OXT  sing N N 227 
PHE CB  CG   sing N N 228 
PHE CB  HB2  sing N N 229 
PHE CB  HB3  sing N N 230 
PHE CG  CD1  doub Y N 231 
PHE CG  CD2  sing Y N 232 
PHE CD1 CE1  sing Y N 233 
PHE CD1 HD1  sing N N 234 
PHE CD2 CE2  doub Y N 235 
PHE CD2 HD2  sing N N 236 
PHE CE1 CZ   doub Y N 237 
PHE CE1 HE1  sing N N 238 
PHE CE2 CZ   sing Y N 239 
PHE CE2 HE2  sing N N 240 
PHE CZ  HZ   sing N N 241 
PHE OXT HXT  sing N N 242 
PRO N   CA   sing N N 243 
PRO N   CD   sing N N 244 
PRO N   H    sing N N 245 
PRO CA  C    sing N N 246 
PRO CA  CB   sing N N 247 
PRO CA  HA   sing N N 248 
PRO C   O    doub N N 249 
PRO C   OXT  sing N N 250 
PRO CB  CG   sing N N 251 
PRO CB  HB2  sing N N 252 
PRO CB  HB3  sing N N 253 
PRO CG  CD   sing N N 254 
PRO CG  HG2  sing N N 255 
PRO CG  HG3  sing N N 256 
PRO CD  HD2  sing N N 257 
PRO CD  HD3  sing N N 258 
PRO OXT HXT  sing N N 259 
SER N   CA   sing N N 260 
SER N   H    sing N N 261 
SER N   H2   sing N N 262 
SER CA  C    sing N N 263 
SER CA  CB   sing N N 264 
SER CA  HA   sing N N 265 
SER C   O    doub N N 266 
SER C   OXT  sing N N 267 
SER CB  OG   sing N N 268 
SER CB  HB2  sing N N 269 
SER CB  HB3  sing N N 270 
SER OG  HG   sing N N 271 
SER OXT HXT  sing N N 272 
THR N   CA   sing N N 273 
THR N   H    sing N N 274 
THR N   H2   sing N N 275 
THR CA  C    sing N N 276 
THR CA  CB   sing N N 277 
THR CA  HA   sing N N 278 
THR C   O    doub N N 279 
THR C   OXT  sing N N 280 
THR CB  OG1  sing N N 281 
THR CB  CG2  sing N N 282 
THR CB  HB   sing N N 283 
THR OG1 HG1  sing N N 284 
THR CG2 HG21 sing N N 285 
THR CG2 HG22 sing N N 286 
THR CG2 HG23 sing N N 287 
THR OXT HXT  sing N N 288 
TRP N   CA   sing N N 289 
TRP N   H    sing N N 290 
TRP N   H2   sing N N 291 
TRP CA  C    sing N N 292 
TRP CA  CB   sing N N 293 
TRP CA  HA   sing N N 294 
TRP C   O    doub N N 295 
TRP C   OXT  sing N N 296 
TRP CB  CG   sing N N 297 
TRP CB  HB2  sing N N 298 
TRP CB  HB3  sing N N 299 
TRP CG  CD1  doub Y N 300 
TRP CG  CD2  sing Y N 301 
TRP CD1 NE1  sing Y N 302 
TRP CD1 HD1  sing N N 303 
TRP CD2 CE2  doub Y N 304 
TRP CD2 CE3  sing Y N 305 
TRP NE1 CE2  sing Y N 306 
TRP NE1 HE1  sing N N 307 
TRP CE2 CZ2  sing Y N 308 
TRP CE3 CZ3  doub Y N 309 
TRP CE3 HE3  sing N N 310 
TRP CZ2 CH2  doub Y N 311 
TRP CZ2 HZ2  sing N N 312 
TRP CZ3 CH2  sing Y N 313 
TRP CZ3 HZ3  sing N N 314 
TRP CH2 HH2  sing N N 315 
TRP OXT HXT  sing N N 316 
TYR N   CA   sing N N 317 
TYR N   H    sing N N 318 
TYR N   H2   sing N N 319 
TYR CA  C    sing N N 320 
TYR CA  CB   sing N N 321 
TYR CA  HA   sing N N 322 
TYR C   O    doub N N 323 
TYR C   OXT  sing N N 324 
TYR CB  CG   sing N N 325 
TYR CB  HB2  sing N N 326 
TYR CB  HB3  sing N N 327 
TYR CG  CD1  doub Y N 328 
TYR CG  CD2  sing Y N 329 
TYR CD1 CE1  sing Y N 330 
TYR CD1 HD1  sing N N 331 
TYR CD2 CE2  doub Y N 332 
TYR CD2 HD2  sing N N 333 
TYR CE1 CZ   doub Y N 334 
TYR CE1 HE1  sing N N 335 
TYR CE2 CZ   sing Y N 336 
TYR CE2 HE2  sing N N 337 
TYR CZ  OH   sing N N 338 
TYR OH  HH   sing N N 339 
TYR OXT HXT  sing N N 340 
VAL N   CA   sing N N 341 
VAL N   H    sing N N 342 
VAL N   H2   sing N N 343 
VAL CA  C    sing N N 344 
VAL CA  CB   sing N N 345 
VAL CA  HA   sing N N 346 
VAL C   O    doub N N 347 
VAL C   OXT  sing N N 348 
VAL CB  CG1  sing N N 349 
VAL CB  CG2  sing N N 350 
VAL CB  HB   sing N N 351 
VAL CG1 HG11 sing N N 352 
VAL CG1 HG12 sing N N 353 
VAL CG1 HG13 sing N N 354 
VAL CG2 HG21 sing N N 355 
VAL CG2 HG22 sing N N 356 
VAL CG2 HG23 sing N N 357 
VAL OXT HXT  sing N N 358 
# 
_pdbx_audit_support.funding_organization   'Not funded' 
_pdbx_audit_support.country                ? 
_pdbx_audit_support.grant_number           ? 
_pdbx_audit_support.ordinal                1 
# 
_atom_sites.entry_id                    7WWN 
_atom_sites.Cartn_transf_matrix[1][1]   ? 
_atom_sites.Cartn_transf_matrix[1][2]   ? 
_atom_sites.Cartn_transf_matrix[1][3]   ? 
_atom_sites.Cartn_transf_matrix[2][1]   ? 
_atom_sites.Cartn_transf_matrix[2][2]   ? 
_atom_sites.Cartn_transf_matrix[2][3]   ? 
_atom_sites.Cartn_transf_matrix[3][1]   ? 
_atom_sites.Cartn_transf_matrix[3][2]   ? 
_atom_sites.Cartn_transf_matrix[3][3]   ? 
_atom_sites.Cartn_transf_vector[1]      ? 
_atom_sites.Cartn_transf_vector[2]      ? 
_atom_sites.Cartn_transf_vector[3]      ? 
_atom_sites.fract_transf_matrix[1][1]   -0.01381312 
_atom_sites.fract_transf_matrix[1][2]   -0.00193697 
_atom_sites.fract_transf_matrix[1][3]   -0.01890166 
_atom_sites.fract_transf_matrix[2][1]   -0.00757368 
_atom_sites.fract_transf_matrix[2][2]   0.02199322 
_atom_sites.fract_transf_matrix[2][3]   0.00328097 
_atom_sites.fract_transf_matrix[3][1]   0.00475355 
_atom_sites.fract_transf_matrix[3][2]   0.00218864 
_atom_sites.fract_transf_matrix[3][3]   -0.00369812 
_atom_sites.fract_transf_vector[1]      0.490887 
_atom_sites.fract_transf_vector[2]      0.394367 
_atom_sites.fract_transf_vector[3]      0.066045 
_atom_sites.solution_primary            ? 
_atom_sites.solution_secondary          ? 
_atom_sites.solution_hydrogens          ? 
_atom_sites.special_details             ? 
# 
loop_
_atom_type.symbol 
C  
CA 
HG 
I  
N  
O  
# 
loop_
_atom_site.group_PDB 
_atom_site.id 
_atom_site.type_symbol 
_atom_site.label_atom_id 
_atom_site.label_alt_id 
_atom_site.label_comp_id 
_atom_site.label_asym_id 
_atom_site.label_entity_id 
_atom_site.label_seq_id 
_atom_site.pdbx_PDB_ins_code 
_atom_site.Cartn_x 
_atom_site.Cartn_y 
_atom_site.Cartn_z 
_atom_site.occupancy 
_atom_site.B_iso_or_equiv 
_atom_site.pdbx_formal_charge 
_atom_site.auth_seq_id 
_atom_site.auth_comp_id 
_atom_site.auth_asym_id 
_atom_site.auth_atom_id 
_atom_site.pdbx_PDB_model_num 
ATOM   1    N  N   . PRO A 1 17  ? 15.315  16.564  15.111  1.00 31.31 ? 17  PRO A N   1 
ATOM   2    C  CA  . PRO A 1 17  ? 16.244  15.423  15.011  1.00 29.97 ? 17  PRO A CA  1 
ATOM   3    C  C   . PRO A 1 17  ? 15.577  14.284  14.220  1.00 27.84 ? 17  PRO A C   1 
ATOM   4    O  O   . PRO A 1 17  ? 15.570  14.348  13.045  1.00 27.08 ? 17  PRO A O   1 
ATOM   5    C  CB  . PRO A 1 17  ? 16.489  15.138  16.494  1.00 31.97 ? 17  PRO A CB  1 
ATOM   6    C  CG  . PRO A 1 17  ? 15.112  15.354  17.085  1.00 31.52 ? 17  PRO A CG  1 
ATOM   7    C  CD  . PRO A 1 17  ? 14.644  16.621  16.412  1.00 29.91 ? 17  PRO A CD  1 
ATOM   8    N  N   . THR A 1 18  ? 15.023  13.274  14.897  1.00 34.66 ? 18  THR A N   1 
ATOM   9    C  CA  . THR A 1 18  ? 13.873  12.465  14.381  1.00 34.54 ? 18  THR A CA  1 
ATOM   10   C  C   . THR A 1 18  ? 12.992  13.388  13.517  1.00 28.75 ? 18  THR A C   1 
ATOM   11   O  O   . THR A 1 18  ? 12.884  13.102  12.315  1.00 27.65 ? 18  THR A O   1 
ATOM   12   C  CB  . THR A 1 18  ? 13.135  11.705  15.505  1.00 39.22 ? 18  THR A CB  1 
ATOM   13   O  OG1 . THR A 1 18  ? 11.784  11.457  15.111  1.00 43.14 ? 18  THR A OG1 1 
ATOM   14   C  CG2 . THR A 1 18  ? 13.112  12.403  16.851  1.00 40.87 ? 18  THR A CG2 1 
ATOM   15   N  N   . ALA A 1 19  ? 12.440  14.463  14.120  1.00 27.77 ? 19  ALA A N   1 
ATOM   16   C  CA  . ALA A 1 19  ? 11.727  15.658  13.548  1.00 24.49 ? 19  ALA A CA  1 
ATOM   17   C  C   . ALA A 1 19  ? 10.881  15.421  12.279  1.00 20.71 ? 19  ALA A C   1 
ATOM   18   O  O   . ALA A 1 19  ? 10.284  16.394  11.760  1.00 18.84 ? 19  ALA A O   1 
ATOM   19   C  CB  . ALA A 1 19  ? 12.710  16.765  13.266  1.00 26.89 ? 19  ALA A CB  1 
ATOM   20   N  N   . TYR A 1 20  ? 10.833  14.201  11.760  1.00 17.21 ? 20  TYR A N   1 
ATOM   21   C  CA  . TYR A 1 20  ? 9.881   13.776  10.706  1.00 15.53 ? 20  TYR A CA  1 
ATOM   22   C  C   . TYR A 1 20  ? 9.172   12.534  11.229  1.00 14.57 ? 20  TYR A C   1 
ATOM   23   O  O   . TYR A 1 20  ? 9.832   11.722  11.914  1.00 14.03 ? 20  TYR A O   1 
ATOM   24   C  CB  . TYR A 1 20  ? 10.593  13.398  9.414   1.00 15.33 ? 20  TYR A CB  1 
ATOM   25   C  CG  . TYR A 1 20  ? 11.464  14.453  8.792   1.00 14.55 ? 20  TYR A CG  1 
ATOM   26   C  CD1 . TYR A 1 20  ? 12.740  14.714  9.264   1.00 14.83 ? 20  TYR A CD1 1 
ATOM   27   C  CD2 . TYR A 1 20  ? 11.034  15.137  7.670   1.00 14.96 ? 20  TYR A CD2 1 
ATOM   28   C  CE1 . TYR A 1 20  ? 13.570  15.636  8.639   1.00 14.52 ? 20  TYR A CE1 1 
ATOM   29   C  CE2 . TYR A 1 20  ? 11.836  16.080  7.049   1.00 14.49 ? 20  TYR A CE2 1 
ATOM   30   C  CZ  . TYR A 1 20  ? 13.102  16.337  7.537   1.00 14.66 ? 20  TYR A CZ  1 
ATOM   31   O  OH  . TYR A 1 20  ? 13.868  17.255  6.883   1.00 14.41 ? 20  TYR A OH  1 
ATOM   32   N  N   . ALA A 1 21  ? 7.881   12.396  10.951  1.00 13.07 ? 21  ALA A N   1 
ATOM   33   C  CA  . ALA A 1 21  ? 7.168   11.157  11.300  1.00 11.81 ? 21  ALA A CA  1 
ATOM   34   C  C   . ALA A 1 21  ? 6.351   10.702  10.106  1.00 10.57 ? 21  ALA A C   1 
ATOM   35   O  O   . ALA A 1 21  ? 6.008   11.486  9.208   1.00 10.24 ? 21  ALA A O   1 
ATOM   36   C  CB  . ALA A 1 21  ? 6.333   11.326  12.540  1.00 12.04 ? 21  ALA A CB  1 
ATOM   37   N  N   . LEU A 1 22  ? 6.098   9.417   10.113  1.00 9.56  ? 22  LEU A N   1 
ATOM   38   C  CA  . LEU A 1 22  ? 5.298   8.733   9.093   1.00 9.02  ? 22  LEU A CA  1 
ATOM   39   C  C   . LEU A 1 22  ? 4.329   7.848   9.860   1.00 8.17  ? 22  LEU A C   1 
ATOM   40   O  O   . LEU A 1 22  ? 4.601   7.539   11.028  1.00 7.65  ? 22  LEU A O   1 
ATOM   41   C  CB  . LEU A 1 22  ? 6.291   7.921   8.262   1.00 8.95  ? 22  LEU A CB  1 
ATOM   42   C  CG  . LEU A 1 22  ? 5.873   7.505   6.866   1.00 8.85  ? 22  LEU A CG  1 
ATOM   43   C  CD1 . LEU A 1 22  ? 5.710   8.739   5.986   1.00 8.80  ? 22  LEU A CD1 1 
ATOM   44   C  CD2 . LEU A 1 22  ? 6.922   6.560   6.283   1.00 8.63  ? 22  LEU A CD2 1 
ATOM   45   N  N   . ALA A 1 23  ? 3.236   7.480   9.220   1.00 7.67  ? 23  ALA A N   1 
ATOM   46   C  CA  . ALA A 1 23  ? 2.309   6.466   9.754   1.00 7.59  ? 23  ALA A CA  1 
ATOM   47   C  C   . ALA A 1 23  ? 1.921   5.529   8.628   1.00 7.66  ? 23  ALA A C   1 
ATOM   48   O  O   . ALA A 1 23  ? 2.016   5.923   7.438   1.00 8.02  ? 23  ALA A O   1 
ATOM   49   C  CB  . ALA A 1 23  ? 1.092   7.107   10.347  1.00 7.29  ? 23  ALA A CB  1 
ATOM   50   N  N   . ILE A 1 24  ? 1.467   4.344   9.014   1.00 7.55  ? 24  ILE A N   1 
ATOM   51   C  CA  . ILE A 1 24  ? 0.845   3.360   8.079   1.00 7.30  ? 24  ILE A CA  1 
ATOM   52   C  C   . ILE A 1 24  ? -0.523  2.950   8.615   1.00 6.95  ? 24  ILE A C   1 
ATOM   53   O  O   . ILE A 1 24  ? -0.725  2.935   9.846   1.00 7.00  ? 24  ILE A O   1 
ATOM   54   C  CB  . ILE A 1 24  ? 1.758   2.140   7.883   1.00 7.25  ? 24  ILE A CB  1 
ATOM   55   C  CG1 . ILE A 1 24  ? 1.233   1.241   6.756   1.00 7.50  ? 24  ILE A CG1 1 
ATOM   56   C  CG2 . ILE A 1 24  ? 1.937   1.382   9.175   1.00 7.19  ? 24  ILE A CG2 1 
ATOM   57   C  CD1 . ILE A 1 24  ? 2.222   0.204   6.293   1.00 7.69  ? 24  ILE A CD1 1 
ATOM   58   N  N   . SER A 1 25  ? -1.436  2.637   7.707   1.00 6.95  ? 25  SER A N   1 
ATOM   59   C  CA  . SER A 1 25  ? -2.755  2.059   8.052   1.00 7.01  ? 25  SER A CA  1 
ATOM   60   C  C   . SER A 1 25  ? -3.161  1.025   6.997   1.00 7.05  ? 25  SER A C   1 
ATOM   61   O  O   . SER A 1 25  ? -2.905  1.236   5.800   1.00 7.07  ? 25  SER A O   1 
ATOM   62   C  CB  . SER A 1 25  ? -3.821  3.124   8.256   1.00 6.88  ? 25  SER A CB  1 
ATOM   63   O  OG  . SER A 1 25  ? -3.458  4.052   9.275   1.00 6.66  ? 25  SER A OG  1 
ATOM   64   N  N   . SER A 1 26  ? -3.840  -0.028  7.436   1.00 7.17  ? 26  SER A N   1 
ATOM   65   C  CA  . SER A 1 26  ? -4.629  -0.923  6.556   1.00 7.45  ? 26  SER A CA  1 
ATOM   66   C  C   . SER A 1 26  ? -6.024  -0.349  6.295   1.00 7.95  ? 26  SER A C   1 
ATOM   67   O  O   . SER A 1 26  ? -6.692  0.191   7.243   1.00 8.83  ? 26  SER A O   1 
ATOM   68   C  CB  . SER A 1 26  ? -4.710  -2.311  7.127   1.00 7.16  ? 26  SER A CB  1 
ATOM   69   O  OG  . SER A 1 26  ? -5.417  -3.184  6.252   1.00 6.62  ? 26  SER A OG  1 
ATOM   70   N  N   . LEU A 1 27  ? -6.497  -0.517  5.070   1.00 8.15  ? 27  LEU A N   1 
ATOM   71   C  CA  . LEU A 1 27  ? -7.851  -0.079  4.648   1.00 8.52  ? 27  LEU A CA  1 
ATOM   72   C  C   . LEU A 1 27  ? -8.667  -1.320  4.329   1.00 8.72  ? 27  LEU A C   1 
ATOM   73   O  O   . LEU A 1 27  ? -9.816  -1.182  3.911   1.00 8.64  ? 27  LEU A O   1 
ATOM   74   C  CB  . LEU A 1 27  ? -7.763  0.813   3.413   1.00 8.41  ? 27  LEU A CB  1 
ATOM   75   C  CG  . LEU A 1 27  ? -6.952  2.107   3.567   1.00 9.04  ? 27  LEU A CG  1 
ATOM   76   C  CD1 . LEU A 1 27  ? -7.106  2.990   2.335   1.00 8.86  ? 27  LEU A CD1 1 
ATOM   77   C  CD2 . LEU A 1 27  ? -7.395  2.866   4.781   1.00 9.57  ? 27  LEU A CD2 1 
ATOM   78   N  N   . GLY A 1 28  ? -8.052  -2.488  4.489   1.00 9.09  ? 28  GLY A N   1 
ATOM   79   C  CA  . GLY A 1 28  ? -8.691  -3.763  4.176   1.00 9.05  ? 28  GLY A CA  1 
ATOM   80   C  C   . GLY A 1 28  ? -8.769  -4.015  2.691   1.00 9.30  ? 28  GLY A C   1 
ATOM   81   O  O   . GLY A 1 28  ? -8.113  -3.304  1.895   1.00 9.87  ? 28  GLY A O   1 
ATOM   82   N  N   . GLU A 1 29  ? -9.579  -5.003  2.332   1.00 9.17  ? 29  GLU A N   1 
ATOM   83   C  CA  . GLU A 1 29  ? -9.636  -5.551  0.956   1.00 9.55  ? 29  GLU A CA  1 
ATOM   84   C  C   . GLU A 1 29  ? -10.767 -4.918  0.149   1.00 9.63  ? 29  GLU A C   1 
ATOM   85   O  O   . GLU A 1 29  ? -11.818 -4.509  0.708   1.00 10.44 ? 29  GLU A O   1 
ATOM   86   C  CB  . GLU A 1 29  ? -9.779  -7.073  0.972   1.00 9.35  ? 29  GLU A CB  1 
ATOM   87   C  CG  . GLU A 1 29  ? -8.675  -7.783  1.740   1.00 9.03  ? 29  GLU A CG  1 
ATOM   88   C  CD  . GLU A 1 29  ? -8.910  -7.910  3.229   1.00 8.82  ? 29  GLU A CD  1 
ATOM   89   O  OE1 . GLU A 1 29  ? -9.896  -7.295  3.729   1.00 8.90  ? 29  GLU A OE1 1 
ATOM   90   O  OE2 . GLU A 1 29  ? -8.143  -8.663  3.890   1.00 8.28  ? 29  GLU A OE2 1 
ATOM   91   N  N   . PHE A 1 30  ? -10.570 -4.891  -1.157  1.00 9.78  ? 30  PHE A N   1 
ATOM   92   C  CA  . PHE A 1 30  ? -11.556 -4.406  -2.141  1.00 9.80  ? 30  PHE A CA  1 
ATOM   93   C  C   . PHE A 1 30  ? -11.566 -5.306  -3.373  1.00 10.18 ? 30  PHE A C   1 
ATOM   94   O  O   . PHE A 1 30  ? -10.599 -6.066  -3.607  1.00 9.72  ? 30  PHE A O   1 
ATOM   95   C  CB  . PHE A 1 30  ? -11.242 -2.956  -2.503  1.00 9.68  ? 30  PHE A CB  1 
ATOM   96   C  CG  . PHE A 1 30  ? -11.300 -2.036  -1.322  1.00 9.24  ? 30  PHE A CG  1 
ATOM   97   C  CD1 . PHE A 1 30  ? -10.197 -1.877  -0.509  1.00 9.09  ? 30  PHE A CD1 1 
ATOM   98   C  CD2 . PHE A 1 30  ? -12.462 -1.358  -1.018  1.00 9.31  ? 30  PHE A CD2 1 
ATOM   99   C  CE1 . PHE A 1 30  ? -10.252 -1.048  0.595   1.00 9.59  ? 30  PHE A CE1 1 
ATOM   100  C  CE2 . PHE A 1 30  ? -12.510 -0.507  0.077   1.00 9.74  ? 30  PHE A CE2 1 
ATOM   101  C  CZ  . PHE A 1 30  ? -11.402 -0.339  0.871   1.00 9.62  ? 30  PHE A CZ  1 
ATOM   102  N  N   . ASN A 1 31  ? -12.637 -5.191  -4.167  1.00 10.70 ? 31  ASN A N   1 
ATOM   103  C  CA  . ASN A 1 31  ? -12.855 -6.038  -5.372  1.00 12.01 ? 31  ASN A CA  1 
ATOM   104  C  C   . ASN A 1 31  ? -12.430 -5.297  -6.638  1.00 11.70 ? 31  ASN A C   1 
ATOM   105  O  O   . ASN A 1 31  ? -12.722 -5.771  -7.727  1.00 11.47 ? 31  ASN A O   1 
ATOM   106  C  CB  . ASN A 1 31  ? -14.298 -6.518  -5.492  1.00 12.82 ? 31  ASN A CB  1 
ATOM   107  C  CG  . ASN A 1 31  ? -15.270 -5.400  -5.795  1.00 14.01 ? 31  ASN A CG  1 
ATOM   108  O  OD1 . ASN A 1 31  ? -14.876 -4.256  -6.079  1.00 15.13 ? 31  ASN A OD1 1 
ATOM   109  N  ND2 . ASN A 1 31  ? -16.549 -5.713  -5.675  1.00 15.13 ? 31  ASN A ND2 1 
ATOM   110  N  N   . SER A 1 32  ? -11.749 -4.174  -6.490  1.00 12.07 ? 32  SER A N   1 
ATOM   111  C  CA  . SER A 1 32  ? -11.291 -3.370  -7.638  1.00 12.24 ? 32  SER A CA  1 
ATOM   112  C  C   . SER A 1 32  ? -10.021 -2.654  -7.201  1.00 11.64 ? 32  SER A C   1 
ATOM   113  O  O   . SER A 1 32  ? -9.837  -2.466  -5.977  1.00 11.02 ? 32  SER A O   1 
ATOM   114  C  CB  . SER A 1 32  ? -12.424 -2.483  -8.093  1.00 12.83 ? 32  SER A CB  1 
ATOM   115  O  OG  . SER A 1 32  ? -11.956 -1.380  -8.839  1.00 13.80 ? 32  SER A OG  1 
ATOM   116  N  N   . LEU A 1 33  ? -9.161  -2.298  -8.148  1.00 11.09 ? 33  LEU A N   1 
ATOM   117  C  CA  . LEU A 1 33  ? -7.852  -1.659  -7.829  1.00 11.45 ? 33  LEU A CA  1 
ATOM   118  C  C   . LEU A 1 33  ? -8.138  -0.272  -7.252  1.00 11.64 ? 33  LEU A C   1 
ATOM   119  O  O   . LEU A 1 33  ? -7.529  0.084   -6.261  1.00 11.98 ? 33  LEU A O   1 
ATOM   120  C  CB  . LEU A 1 33  ? -7.002  -1.579  -9.106  1.00 11.76 ? 33  LEU A CB  1 
ATOM   121  C  CG  . LEU A 1 33  ? -5.544  -1.132  -8.974  1.00 11.42 ? 33  LEU A CG  1 
ATOM   122  C  CD1 . LEU A 1 33  ? -4.681  -2.116  -8.189  1.00 11.78 ? 33  LEU A CD1 1 
ATOM   123  C  CD2 . LEU A 1 33  ? -4.961  -0.925  -10.362 1.00 12.03 ? 33  LEU A CD2 1 
ATOM   124  N  N   . THR A 1 34  ? -9.061  0.461   -7.882  1.00 12.50 ? 34  THR A N   1 
ATOM   125  C  CA  . THR A 1 34  ? -9.602  1.758   -7.412  1.00 12.65 ? 34  THR A CA  1 
ATOM   126  C  C   . THR A 1 34  ? -11.128 1.720   -7.491  1.00 13.33 ? 34  THR A C   1 
ATOM   127  O  O   . THR A 1 34  ? -11.685 1.006   -8.344  1.00 12.90 ? 34  THR A O   1 
ATOM   128  C  CB  . THR A 1 34  ? -9.076  2.944   -8.233  1.00 13.04 ? 34  THR A CB  1 
ATOM   129  O  OG1 . THR A 1 34  ? -9.537  2.812   -9.578  1.00 13.72 ? 34  THR A OG1 1 
ATOM   130  C  CG2 . THR A 1 34  ? -7.567  3.035   -8.224  1.00 13.10 ? 34  THR A CG2 1 
ATOM   131  N  N   . GLY A 1 35  ? -11.783 2.510   -6.655  1.00 13.79 ? 35  GLY A N   1 
ATOM   132  C  CA  . GLY A 1 35  ? -13.249 2.514   -6.552  1.00 14.04 ? 35  GLY A CA  1 
ATOM   133  C  C   . GLY A 1 35  ? -13.740 1.135   -6.141  1.00 14.03 ? 35  GLY A C   1 
ATOM   134  O  O   . GLY A 1 35  ? -13.051 0.473   -5.328  1.00 13.12 ? 35  GLY A O   1 
ATOM   135  N  N   . GLY A 1 36  ? -14.855 0.704   -6.739  1.00 14.07 ? 36  GLY A N   1 
ATOM   136  C  CA  . GLY A 1 36  ? -15.548 -0.544  -6.404  1.00 13.77 ? 36  GLY A CA  1 
ATOM   137  C  C   . GLY A 1 36  ? -15.990 -0.474  -4.964  1.00 14.50 ? 36  GLY A C   1 
ATOM   138  O  O   . GLY A 1 36  ? -16.203 0.632   -4.465  1.00 15.94 ? 36  GLY A O   1 
ATOM   139  N  N   . THR A 1 37  ? -16.073 -1.622  -4.309  1.00 14.44 ? 37  THR A N   1 
ATOM   140  C  CA  . THR A 1 37  ? -16.574 -1.756  -2.928  1.00 14.55 ? 37  THR A CA  1 
ATOM   141  C  C   . THR A 1 37  ? -15.638 -2.679  -2.165  1.00 12.77 ? 37  THR A C   1 
ATOM   142  O  O   . THR A 1 37  ? -14.678 -3.229  -2.748  1.00 12.67 ? 37  THR A O   1 
ATOM   143  C  CB  . THR A 1 37  ? -18.005 -2.297  -2.904  1.00 15.51 ? 37  THR A CB  1 
ATOM   144  O  OG1 . THR A 1 37  ? -17.947 -3.688  -3.230  1.00 17.60 ? 37  THR A OG1 1 
ATOM   145  C  CG2 . THR A 1 37  ? -18.902 -1.565  -3.882  1.00 17.03 ? 37  THR A CG2 1 
ATOM   146  N  N   . SER A 1 38  ? -15.929 -2.855  -0.892  1.00 11.80 ? 38  SER A N   1 
ATOM   147  C  CA  . SER A 1 38  ? -15.123 -3.716  -0.007  1.00 10.83 ? 38  SER A CA  1 
ATOM   148  C  C   . SER A 1 38  ? -15.438 -5.179  -0.307  1.00 9.77  ? 38  SER A C   1 
ATOM   149  O  O   . SER A 1 38  ? -16.545 -5.497  -0.801  1.00 10.63 ? 38  SER A O   1 
ATOM   150  C  CB  . SER A 1 38  ? -15.392 -3.368  1.404   1.00 10.64 ? 38  SER A CB  1 
ATOM   151  O  OG  . SER A 1 38  ? -16.769 -3.485  1.686   1.00 10.11 ? 38  SER A OG  1 
ATOM   152  N  N   . THR A 1 39  ? -14.493 -6.053  -0.007  1.00 9.19  ? 39  THR A N   1 
ATOM   153  C  CA  . THR A 1 39  ? -14.709 -7.517  0.007   1.00 8.94  ? 39  THR A CA  1 
ATOM   154  C  C   . THR A 1 39  ? -14.015 -8.089  1.241   1.00 8.50  ? 39  THR A C   1 
ATOM   155  O  O   . THR A 1 39  ? -13.583 -7.313  2.082   1.00 8.45  ? 39  THR A O   1 
ATOM   156  C  CB  . THR A 1 39  ? -14.244 -8.163  -1.303  1.00 9.22  ? 39  THR A CB  1 
ATOM   157  O  OG1 . THR A 1 39  ? -14.596 -9.549  -1.284  1.00 8.73  ? 39  THR A OG1 1 
ATOM   158  C  CG2 . THR A 1 39  ? -12.747 -8.018  -1.503  1.00 9.60  ? 39  THR A CG2 1 
ATOM   159  N  N   . ASP A 1 40  ? -13.884 -9.408  1.276   1.00 8.58  ? 40  ASP A N   1 
ATOM   160  C  CA  . ASP A 1 40  ? -13.375 -10.242 2.391   1.00 8.61  ? 40  ASP A CA  1 
ATOM   161  C  C   . ASP A 1 40  ? -14.598 -10.710 3.177   1.00 8.83  ? 40  ASP A C   1 
ATOM   162  O  O   . ASP A 1 40  ? -15.335 -9.895  3.740   1.00 8.59  ? 40  ASP A O   1 
ATOM   163  C  CB  . ASP A 1 40  ? -12.337 -9.545  3.281   1.00 8.51  ? 40  ASP A CB  1 
ATOM   164  C  CG  . ASP A 1 40  ? -11.639 -10.513 4.246   1.00 8.65  ? 40  ASP A CG  1 
ATOM   165  O  OD1 . ASP A 1 40  ? -11.740 -11.735 4.006   1.00 8.20  ? 40  ASP A OD1 1 
ATOM   166  O  OD2 . ASP A 1 40  ? -10.995 -10.052 5.236   1.00 8.15  ? 40  ASP A OD2 1 
ATOM   167  N  N   . PRO A 1 41  ? -14.901 -12.019 3.223   1.00 9.22  ? 41  PRO A N   1 
ATOM   168  C  CA  . PRO A 1 41  ? -14.101 -13.069 2.585   1.00 9.68  ? 41  PRO A CA  1 
ATOM   169  C  C   . PRO A 1 41  ? -14.014 -12.980 1.053   1.00 10.06 ? 41  PRO A C   1 
ATOM   170  O  O   . PRO A 1 41  ? -14.710 -12.181 0.439   1.00 9.58  ? 41  PRO A O   1 
ATOM   171  C  CB  . PRO A 1 41  ? -14.818 -14.367 2.997   1.00 9.62  ? 41  PRO A CB  1 
ATOM   172  C  CG  . PRO A 1 41  ? -15.661 -14.003 4.187   1.00 9.38  ? 41  PRO A CG  1 
ATOM   173  C  CD  . PRO A 1 41  ? -16.056 -12.562 3.954   1.00 9.69  ? 41  PRO A CD  1 
ATOM   174  N  N   . VAL A 1 42  ? -13.129 -13.784 0.480   1.00 10.75 ? 42  VAL A N   1 
ATOM   175  C  CA  . VAL A 1 42  ? -12.952 -13.875 -0.990  1.00 11.05 ? 42  VAL A CA  1 
ATOM   176  C  C   . VAL A 1 42  ? -12.986 -15.340 -1.329  1.00 11.49 ? 42  VAL A C   1 
ATOM   177  O  O   . VAL A 1 42  ? -12.308 -16.122 -0.632  1.00 11.04 ? 42  VAL A O   1 
ATOM   178  C  CB  . VAL A 1 42  ? -11.635 -13.252 -1.469  1.00 11.43 ? 42  VAL A CB  1 
ATOM   179  C  CG1 . VAL A 1 42  ? -11.580 -13.243 -2.985  1.00 11.68 ? 42  VAL A CG1 1 
ATOM   180  C  CG2 . VAL A 1 42  ? -11.435 -11.869 -0.883  1.00 11.39 ? 42  VAL A CG2 1 
ATOM   181  N  N   . ALA A 1 43  ? -13.698 -15.675 -2.396  1.00 12.22 ? 43  ALA A N   1 
ATOM   182  C  CA  . ALA A 1 43  ? -13.777 -17.054 -2.909  1.00 12.46 ? 43  ALA A CA  1 
ATOM   183  C  C   . ALA A 1 43  ? -12.495 -17.353 -3.686  1.00 12.74 ? 43  ALA A C   1 
ATOM   184  O  O   . ALA A 1 43  ? -12.046 -16.532 -4.504  1.00 12.97 ? 43  ALA A O   1 
ATOM   185  C  CB  . ALA A 1 43  ? -15.015 -17.265 -3.760  1.00 11.99 ? 43  ALA A CB  1 
ATOM   186  N  N   . GLU A 1 44  ? -11.937 -18.523 -3.436  1.00 13.59 ? 44  GLU A N   1 
ATOM   187  C  CA  . GLU A 1 44  ? -10.775 -19.021 -4.179  1.00 15.19 ? 44  GLU A CA  1 
ATOM   188  C  C   . GLU A 1 44  ? -11.066 -18.938 -5.675  1.00 14.34 ? 44  GLU A C   1 
ATOM   189  O  O   . GLU A 1 44  ? -12.200 -19.239 -6.097  1.00 13.70 ? 44  GLU A O   1 
ATOM   190  C  CB  . GLU A 1 44  ? -10.468 -20.455 -3.755  1.00 17.08 ? 44  GLU A CB  1 
ATOM   191  C  CG  . GLU A 1 44  ? -9.341  -21.068 -4.551  1.00 18.56 ? 44  GLU A CG  1 
ATOM   192  C  CD  . GLU A 1 44  ? -8.778  -22.329 -3.922  1.00 20.74 ? 44  GLU A CD  1 
ATOM   193  O  OE1 . GLU A 1 44  ? -9.402  -22.855 -2.977  1.00 26.01 ? 44  GLU A OE1 1 
ATOM   194  O  OE2 . GLU A 1 44  ? -7.744  -22.787 -4.391  1.00 24.39 ? 44  GLU A OE2 1 
ATOM   195  N  N   . GLY A 1 45  ? -10.069 -18.495 -6.426  1.00 14.97 ? 45  GLY A N   1 
ATOM   196  C  CA  . GLY A 1 45  ? -10.126 -18.353 -7.891  1.00 15.68 ? 45  GLY A CA  1 
ATOM   197  C  C   . GLY A 1 45  ? -10.586 -16.967 -8.304  1.00 16.88 ? 45  GLY A C   1 
ATOM   198  O  O   . GLY A 1 45  ? -10.701 -16.742 -9.516  1.00 16.41 ? 45  GLY A O   1 
ATOM   199  N  N   . ASN A 1 46  ? -10.832 -16.061 -7.343  1.00 17.58 ? 46  ASN A N   1 
ATOM   200  C  CA  . ASN A 1 46  ? -11.145 -14.643 -7.642  1.00 17.66 ? 46  ASN A CA  1 
ATOM   201  C  C   . ASN A 1 46  ? -9.979  -13.723 -7.274  1.00 16.12 ? 46  ASN A C   1 
ATOM   202  O  O   . ASN A 1 46  ? -9.294  -13.996 -6.279  1.00 15.31 ? 46  ASN A O   1 
ATOM   203  C  CB  . ASN A 1 46  ? -12.386 -14.154 -6.895  1.00 19.51 ? 46  ASN A CB  1 
ATOM   204  C  CG  . ASN A 1 46  ? -13.663 -14.746 -7.444  1.00 22.83 ? 46  ASN A CG  1 
ATOM   205  O  OD1 . ASN A 1 46  ? -14.551 -15.107 -6.685  1.00 26.22 ? 46  ASN A OD1 1 
ATOM   206  N  ND2 . ASN A 1 46  ? -13.781 -14.840 -8.759  1.00 25.23 ? 46  ASN A ND2 1 
ATOM   207  N  N   . ASP A 1 47  ? -9.833  -12.632 -8.032  1.00 14.13 ? 47  ASP A N   1 
ATOM   208  C  CA  . ASP A 1 47  ? -8.965  -11.474 -7.688  1.00 13.14 ? 47  ASP A CA  1 
ATOM   209  C  C   . ASP A 1 47  ? -9.541  -10.722 -6.485  1.00 11.64 ? 47  ASP A C   1 
ATOM   210  O  O   . ASP A 1 47  ? -10.772 -10.678 -6.318  1.00 11.59 ? 47  ASP A O   1 
ATOM   211  C  CB  . ASP A 1 47  ? -8.876  -10.460 -8.827  1.00 13.32 ? 47  ASP A CB  1 
ATOM   212  C  CG  . ASP A 1 47  ? -8.078  -10.941 -10.013 1.00 13.63 ? 47  ASP A CG  1 
ATOM   213  O  OD1 . ASP A 1 47  ? -7.777  -12.158 -10.061 1.00 14.71 ? 47  ASP A OD1 1 
ATOM   214  O  OD2 . ASP A 1 47  ? -7.753  -10.093 -10.872 1.00 13.38 ? 47  ASP A OD2 1 
ATOM   215  N  N   . TYR A 1 48  ? -8.660  -10.123 -5.692  1.00 10.41 ? 48  TYR A N   1 
ATOM   216  C  CA  . TYR A 1 48  ? -8.997  -9.038  -4.731  1.00 9.62  ? 48  TYR A CA  1 
ATOM   217  C  C   . TYR A 1 48  ? -7.774  -8.132  -4.565  1.00 9.24  ? 48  TYR A C   1 
ATOM   218  O  O   . TYR A 1 48  ? -6.687  -8.466  -5.077  1.00 9.32  ? 48  TYR A O   1 
ATOM   219  C  CB  . TYR A 1 48  ? -9.462  -9.630  -3.404  1.00 9.08  ? 48  TYR A CB  1 
ATOM   220  C  CG  . TYR A 1 48  ? -8.386  -10.319 -2.594  1.00 8.63  ? 48  TYR A CG  1 
ATOM   221  C  CD1 . TYR A 1 48  ? -7.980  -11.604 -2.897  1.00 8.34  ? 48  TYR A CD1 1 
ATOM   222  C  CD2 . TYR A 1 48  ? -7.824  -9.706  -1.478  1.00 8.34  ? 48  TYR A CD2 1 
ATOM   223  C  CE1 . TYR A 1 48  ? -6.997  -12.248 -2.159  1.00 8.37  ? 48  TYR A CE1 1 
ATOM   224  C  CE2 . TYR A 1 48  ? -6.874  -10.353 -0.706  1.00 8.12  ? 48  TYR A CE2 1 
ATOM   225  C  CZ  . TYR A 1 48  ? -6.456  -11.626 -1.047  1.00 8.05  ? 48  TYR A CZ  1 
ATOM   226  O  OH  . TYR A 1 48  ? -5.521  -12.268 -0.293  1.00 8.19  ? 48  TYR A OH  1 
ATOM   227  N  N   . TYR A 1 49  ? -7.945  -7.023  -3.852  1.00 9.06  ? 49  TYR A N   1 
ATOM   228  C  CA  . TYR A 1 49  ? -6.904  -5.980  -3.686  1.00 8.89  ? 49  TYR A CA  1 
ATOM   229  C  C   . TYR A 1 49  ? -6.796  -5.623  -2.204  1.00 8.44  ? 49  TYR A C   1 
ATOM   230  O  O   . TYR A 1 49  ? -7.830  -5.433  -1.572  1.00 8.24  ? 49  TYR A O   1 
ATOM   231  C  CB  . TYR A 1 49  ? -7.247  -4.750  -4.522  1.00 9.30  ? 49  TYR A CB  1 
ATOM   232  C  CG  . TYR A 1 49  ? -7.481  -5.052  -5.984  1.00 10.43 ? 49  TYR A CG  1 
ATOM   233  C  CD1 . TYR A 1 49  ? -8.680  -5.614  -6.427  1.00 10.16 ? 49  TYR A CD1 1 
ATOM   234  C  CD2 . TYR A 1 49  ? -6.502  -4.789  -6.921  1.00 10.23 ? 49  TYR A CD2 1 
ATOM   235  C  CE1 . TYR A 1 49  ? -8.897  -5.879  -7.769  1.00 10.88 ? 49  TYR A CE1 1 
ATOM   236  C  CE2 . TYR A 1 49  ? -6.708  -5.043  -8.272  1.00 11.11 ? 49  TYR A CE2 1 
ATOM   237  C  CZ  . TYR A 1 49  ? -7.902  -5.593  -8.691  1.00 11.20 ? 49  TYR A CZ  1 
ATOM   238  O  OH  . TYR A 1 49  ? -8.070  -5.871  -10.007 1.00 13.35 ? 49  TYR A OH  1 
ATOM   239  N  N   . TYR A 1 50  ? -5.576  -5.570  -1.683  1.00 7.80  ? 50  TYR A N   1 
ATOM   240  C  CA  . TYR A 1 50  ? -5.252  -4.907  -0.403  1.00 7.68  ? 50  TYR A CA  1 
ATOM   241  C  C   . TYR A 1 50  ? -5.041  -3.423  -0.679  1.00 7.43  ? 50  TYR A C   1 
ATOM   242  O  O   . TYR A 1 50  ? -4.412  -3.112  -1.682  1.00 7.76  ? 50  TYR A O   1 
ATOM   243  C  CB  . TYR A 1 50  ? -3.982  -5.491  0.214   1.00 7.38  ? 50  TYR A CB  1 
ATOM   244  C  CG  . TYR A 1 50  ? -4.123  -6.918  0.672   1.00 7.16  ? 50  TYR A CG  1 
ATOM   245  C  CD1 . TYR A 1 50  ? -4.751  -7.220  1.868   1.00 6.93  ? 50  TYR A CD1 1 
ATOM   246  C  CD2 . TYR A 1 50  ? -3.607  -7.964  -0.087  1.00 7.04  ? 50  TYR A CD2 1 
ATOM   247  C  CE1 . TYR A 1 50  ? -4.853  -8.529  2.312   1.00 6.90  ? 50  TYR A CE1 1 
ATOM   248  C  CE2 . TYR A 1 50  ? -3.719  -9.276  0.334   1.00 6.91  ? 50  TYR A CE2 1 
ATOM   249  C  CZ  . TYR A 1 50  ? -4.345  -9.566  1.539   1.00 6.88  ? 50  TYR A CZ  1 
ATOM   250  O  OH  . TYR A 1 50  ? -4.464  -10.865 1.947   1.00 6.53  ? 50  TYR A OH  1 
ATOM   251  N  N   . ARG A 1 51  ? -5.496  -2.553  0.215   1.00 7.17  ? 51  ARG A N   1 
ATOM   252  C  CA  . ARG A 1 51  ? -5.126  -1.118  0.209   1.00 7.11  ? 51  ARG A CA  1 
ATOM   253  C  C   . ARG A 1 51  ? -4.462  -0.768  1.534   1.00 6.88  ? 51  ARG A C   1 
ATOM   254  O  O   . ARG A 1 51  ? -4.955  -1.208  2.584   1.00 6.89  ? 51  ARG A O   1 
ATOM   255  C  CB  . ARG A 1 51  ? -6.339  -0.245  -0.108  1.00 7.30  ? 51  ARG A CB  1 
ATOM   256  C  CG  . ARG A 1 51  ? -6.934  -0.513  -1.476  1.00 7.44  ? 51  ARG A CG  1 
ATOM   257  C  CD  . ARG A 1 51  ? -8.039  0.471   -1.800  1.00 7.50  ? 51  ARG A CD  1 
ATOM   258  N  NE  . ARG A 1 51  ? -8.676  0.096   -3.049  1.00 7.40  ? 51  ARG A NE  1 
ATOM   259  C  CZ  . ARG A 1 51  ? -9.907  0.439   -3.399  1.00 7.27  ? 51  ARG A CZ  1 
ATOM   260  N  NH1 . ARG A 1 51  ? -10.630 1.187   -2.587  1.00 7.28  ? 51  ARG A NH1 1 
ATOM   261  N  NH2 . ARG A 1 51  ? -10.404 0.036   -4.562  1.00 7.23  ? 51  ARG A NH2 1 
ATOM   262  N  N   . PHE A 1 52  ? -3.388  0.011   1.458   1.00 6.95  ? 52  PHE A N   1 
ATOM   263  C  CA  . PHE A 1 52  ? -2.599  0.486   2.612   1.00 6.62  ? 52  PHE A CA  1 
ATOM   264  C  C   . PHE A 1 52  ? -2.312  1.949   2.373   1.00 6.90  ? 52  PHE A C   1 
ATOM   265  O  O   . PHE A 1 52  ? -2.139  2.349   1.209   1.00 7.15  ? 52  PHE A O   1 
ATOM   266  C  CB  . PHE A 1 52  ? -1.295  -0.291  2.749   1.00 6.86  ? 52  PHE A CB  1 
ATOM   267  C  CG  . PHE A 1 52  ? -1.475  -1.749  3.080   1.00 6.65  ? 52  PHE A CG  1 
ATOM   268  C  CD1 . PHE A 1 52  ? -1.756  -2.153  4.371   1.00 6.80  ? 52  PHE A CD1 1 
ATOM   269  C  CD2 . PHE A 1 52  ? -1.340  -2.717  2.105   1.00 7.01  ? 52  PHE A CD2 1 
ATOM   270  C  CE1 . PHE A 1 52  ? -1.913  -3.502  4.680   1.00 6.96  ? 52  PHE A CE1 1 
ATOM   271  C  CE2 . PHE A 1 52  ? -1.462  -4.068  2.418   1.00 6.97  ? 52  PHE A CE2 1 
ATOM   272  C  CZ  . PHE A 1 52  ? -1.778  -4.454  3.697   1.00 6.94  ? 52  PHE A CZ  1 
ATOM   273  N  N   . GLU A 1 53  ? -2.273  2.725   3.451   1.00 6.92  ? 53  GLU A N   1 
ATOM   274  C  CA  . GLU A 1 53  ? -1.891  4.152   3.389   1.00 7.08  ? 53  GLU A CA  1 
ATOM   275  C  C   . GLU A 1 53  ? -0.565  4.357   4.100   1.00 7.09  ? 53  GLU A C   1 
ATOM   276  O  O   . GLU A 1 53  ? -0.340  3.760   5.151   1.00 6.84  ? 53  GLU A O   1 
ATOM   277  C  CB  . GLU A 1 53  ? -2.964  5.034   3.995   1.00 7.01  ? 53  GLU A CB  1 
ATOM   278  C  CG  . GLU A 1 53  ? -4.145  5.218   3.072   1.00 7.02  ? 53  GLU A CG  1 
ATOM   279  C  CD  . GLU A 1 53  ? -5.204  6.154   3.643   1.00 7.17  ? 53  GLU A CD  1 
ATOM   280  O  OE1 . GLU A 1 53  ? -5.438  6.098   4.875   1.00 6.58  ? 53  GLU A OE1 1 
ATOM   281  O  OE2 . GLU A 1 53  ? -5.787  6.930   2.854   1.00 7.34  ? 53  GLU A OE2 1 
ATOM   282  N  N   . ILE A 1 54  ? 0.264   5.202   3.508   1.00 7.17  ? 54  ILE A N   1 
ATOM   283  C  CA  . ILE A 1 54  ? 1.416   5.811   4.208   1.00 7.32  ? 54  ILE A CA  1 
ATOM   284  C  C   . ILE A 1 54  ? 1.107   7.302   4.309   1.00 7.70  ? 54  ILE A C   1 
ATOM   285  O  O   . ILE A 1 54  ? 0.763   7.925   3.279   1.00 7.28  ? 54  ILE A O   1 
ATOM   286  C  CB  . ILE A 1 54  ? 2.734   5.520   3.480   1.00 7.39  ? 54  ILE A CB  1 
ATOM   287  C  CG1 . ILE A 1 54  ? 2.967   4.008   3.365   1.00 7.53  ? 54  ILE A CG1 1 
ATOM   288  C  CG2 . ILE A 1 54  ? 3.865   6.228   4.196   1.00 7.29  ? 54  ILE A CG2 1 
ATOM   289  C  CD1 . ILE A 1 54  ? 4.237   3.620   2.594   1.00 7.65  ? 54  ILE A CD1 1 
ATOM   290  N  N   . ARG A 1 55  ? 1.236   7.836   5.525   1.00 7.75  ? 55  ARG A N   1 
ATOM   291  C  CA  . ARG A 1 55  ? 0.778   9.192   5.882   1.00 8.00  ? 55  ARG A CA  1 
ATOM   292  C  C   . ARG A 1 55  ? 1.954   9.970   6.482   1.00 7.86  ? 55  ARG A C   1 
ATOM   293  O  O   . ARG A 1 55  ? 2.602   9.468   7.412   1.00 7.42  ? 55  ARG A O   1 
ATOM   294  C  CB  . ARG A 1 55  ? -0.415  9.081   6.826   1.00 8.43  ? 55  ARG A CB  1 
ATOM   295  C  CG  . ARG A 1 55  ? -1.441  8.042   6.393   1.00 8.97  ? 55  ARG A CG  1 
ATOM   296  C  CD  . ARG A 1 55  ? -2.427  7.737   7.493   1.00 9.22  ? 55  ARG A CD  1 
ATOM   297  N  NE  . ARG A 1 55  ? -3.208  8.924   7.811   1.00 9.15  ? 55  ARG A NE  1 
ATOM   298  C  CZ  . ARG A 1 55  ? -4.365  9.235   7.262   1.00 9.19  ? 55  ARG A CZ  1 
ATOM   299  N  NH1 . ARG A 1 55  ? -4.895  8.438   6.351   1.00 9.54  ? 55  ARG A NH1 1 
ATOM   300  N  NH2 . ARG A 1 55  ? -4.977  10.357  7.598   1.00 8.95  ? 55  ARG A NH2 1 
ATOM   301  N  N   . ALA A 1 56  ? 2.251   11.139  5.933   1.00 8.41  ? 56  ALA A N   1 
ATOM   302  C  CA  . ALA A 1 56  ? 3.318   12.021  6.458   1.00 8.57  ? 56  ALA A CA  1 
ATOM   303  C  C   . ALA A 1 56  ? 2.711   12.919  7.533   1.00 9.11  ? 56  ALA A C   1 
ATOM   304  O  O   . ALA A 1 56  ? 1.653   13.538  7.311   1.00 9.18  ? 56  ALA A O   1 
ATOM   305  C  CB  . ALA A 1 56  ? 3.940   12.809  5.350   1.00 8.83  ? 56  ALA A CB  1 
ATOM   306  N  N   . TRP A 1 57  ? 3.369   12.974  8.678   1.00 9.93  ? 57  TRP A N   1 
ATOM   307  C  CA  . TRP A 1 57  ? 2.976   13.866  9.784   1.00 11.49 ? 57  TRP A CA  1 
ATOM   308  C  C   . TRP A 1 57  ? 2.926   15.302  9.256   1.00 11.69 ? 57  TRP A C   1 
ATOM   309  O  O   . TRP A 1 57  ? 3.884   15.732  8.610   1.00 10.56 ? 57  TRP A O   1 
ATOM   310  C  CB  . TRP A 1 57  ? 3.955   13.728  10.937  1.00 12.26 ? 57  TRP A CB  1 
ATOM   311  C  CG  . TRP A 1 57  ? 3.651   14.622  12.088  1.00 12.45 ? 57  TRP A CG  1 
ATOM   312  C  CD1 . TRP A 1 57  ? 2.443   14.824  12.686  1.00 13.46 ? 57  TRP A CD1 1 
ATOM   313  C  CD2 . TRP A 1 57  ? 4.606   15.397  12.824  1.00 13.63 ? 57  TRP A CD2 1 
ATOM   314  N  NE1 . TRP A 1 57  ? 2.577   15.692  13.734  1.00 13.85 ? 57  TRP A NE1 1 
ATOM   315  C  CE2 . TRP A 1 57  ? 3.893   16.052  13.852  1.00 13.73 ? 57  TRP A CE2 1 
ATOM   316  C  CE3 . TRP A 1 57  ? 5.990   15.581  12.729  1.00 14.02 ? 57  TRP A CE3 1 
ATOM   317  C  CZ2 . TRP A 1 57  ? 4.521   16.899  14.762  1.00 14.73 ? 57  TRP A CZ2 1 
ATOM   318  C  CZ3 . TRP A 1 57  ? 6.615   16.425  13.627  1.00 15.01 ? 57  TRP A CZ3 1 
ATOM   319  C  CH2 . TRP A 1 57  ? 5.887   17.064  14.635  1.00 15.00 ? 57  TRP A CH2 1 
ATOM   320  N  N   . GLU A 1 58  ? 1.838   16.005  9.550   1.00 12.54 ? 58  GLU A N   1 
ATOM   321  C  CA  . GLU A 1 58  ? 1.648   17.442  9.191   1.00 14.19 ? 58  GLU A CA  1 
ATOM   322  C  C   . GLU A 1 58  ? 2.736   18.323  9.832   1.00 13.06 ? 58  GLU A C   1 
ATOM   323  O  O   . GLU A 1 58  ? 2.979   19.406  9.320   1.00 11.87 ? 58  GLU A O   1 
ATOM   324  C  CB  . GLU A 1 58  ? 0.251   17.905  9.617   1.00 16.90 ? 58  GLU A CB  1 
ATOM   325  C  CG  . GLU A 1 58  ? 0.058   17.967  11.118  1.00 20.26 ? 58  GLU A CG  1 
ATOM   326  C  CD  . GLU A 1 58  ? -1.391  17.972  11.574  1.00 24.65 ? 58  GLU A CD  1 
ATOM   327  O  OE1 . GLU A 1 58  ? -2.196  18.745  10.973  1.00 28.89 ? 58  GLU A OE1 1 
ATOM   328  O  OE2 . GLU A 1 58  ? -1.716  17.216  12.531  1.00 25.39 ? 58  GLU A OE2 1 
ATOM   329  N  N   . GLY A 1 59  ? 3.353   17.886  10.934  1.00 12.70 ? 59  GLY A N   1 
ATOM   330  C  CA  . GLY A 1 59  ? 4.393   18.656  11.654  1.00 13.51 ? 59  GLY A CA  1 
ATOM   331  C  C   . GLY A 1 59  ? 5.814   18.380  11.177  1.00 14.17 ? 59  GLY A C   1 
ATOM   332  O  O   . GLY A 1 59  ? 6.738   19.010  11.714  1.00 14.37 ? 59  GLY A O   1 
ATOM   333  N  N   . SER A 1 60  ? 5.997   17.457  10.227  1.00 13.79 ? 60  SER A N   1 
ATOM   334  C  CA  . SER A 1 60  ? 7.330   17.048  9.716   1.00 14.28 ? 60  SER A CA  1 
ATOM   335  C  C   . SER A 1 60  ? 8.112   18.293  9.264   1.00 14.44 ? 60  SER A C   1 
ATOM   336  O  O   . SER A 1 60  ? 7.511   19.208  8.679   1.00 14.21 ? 60  SER A O   1 
ATOM   337  C  CB  . SER A 1 60  ? 7.197   16.040  8.612   1.00 13.43 ? 60  SER A CB  1 
ATOM   338  O  OG  . SER A 1 60  ? 6.654   14.835  9.116   1.00 13.51 ? 60  SER A OG  1 
ATOM   339  N  N   . SER A 1 61  ? 9.420   18.304  9.532   1.00 15.89 ? 61  SER A N   1 
ATOM   340  C  CA  . SER A 1 61  ? 10.331  19.469  9.337   1.00 16.81 ? 61  SER A CA  1 
ATOM   341  C  C   . SER A 1 61  ? 10.556  19.794  7.859   1.00 16.99 ? 61  SER A C   1 
ATOM   342  O  O   . SER A 1 61  ? 11.223  20.819  7.615   1.00 21.61 ? 61  SER A O   1 
ATOM   343  C  CB  . SER A 1 61  ? 11.653  19.249  10.015  1.00 16.76 ? 61  SER A CB  1 
ATOM   344  O  OG  . SER A 1 61  ? 11.475  19.021  11.401  1.00 17.96 ? 61  SER A OG  1 
ATOM   345  N  N   . GLY A 1 62  ? 10.107  18.934  6.947   1.00 15.52 ? 62  GLY A N   1 
ATOM   346  C  CA  . GLY A 1 62  ? 10.038  19.158  5.492   1.00 14.37 ? 62  GLY A CA  1 
ATOM   347  C  C   . GLY A 1 62  ? 9.437   17.943  4.778   1.00 13.38 ? 62  GLY A C   1 
ATOM   348  O  O   . GLY A 1 62  ? 8.983   17.012  5.437   1.00 12.25 ? 62  GLY A O   1 
ATOM   349  N  N   . PRO A 1 63  ? 9.439   17.886  3.426   1.00 12.49 ? 63  PRO A N   1 
ATOM   350  C  CA  . PRO A 1 63  ? 8.977   16.698  2.702   1.00 12.96 ? 63  PRO A CA  1 
ATOM   351  C  C   . PRO A 1 63  ? 9.832   15.446  2.996   1.00 12.34 ? 63  PRO A C   1 
ATOM   352  O  O   . PRO A 1 63  ? 10.986  15.581  3.389   1.00 11.25 ? 63  PRO A O   1 
ATOM   353  C  CB  . PRO A 1 63  ? 9.028   17.127  1.224   1.00 13.91 ? 63  PRO A CB  1 
ATOM   354  C  CG  . PRO A 1 63  ? 10.032  18.259  1.173   1.00 13.34 ? 63  PRO A CG  1 
ATOM   355  C  CD  . PRO A 1 63  ? 9.919   18.938  2.523   1.00 13.43 ? 63  PRO A CD  1 
ATOM   356  N  N   . GLN A 1 64  ? 9.252   14.247  2.867   1.00 11.13 ? 64  GLN A N   1 
ATOM   357  C  CA  . GLN A 1 64  ? 10.011  12.995  3.113   1.00 10.66 ? 64  GLN A CA  1 
ATOM   358  C  C   . GLN A 1 64  ? 10.391  12.311  1.804   1.00 10.55 ? 64  GLN A C   1 
ATOM   359  O  O   . GLN A 1 64  ? 9.650   12.395  0.810   1.00 10.82 ? 64  GLN A O   1 
ATOM   360  C  CB  . GLN A 1 64  ? 9.287   12.049  4.074   1.00 10.54 ? 64  GLN A CB  1 
ATOM   361  C  CG  . GLN A 1 64  ? 9.336   12.563  5.502   1.00 10.34 ? 64  GLN A CG  1 
ATOM   362  C  CD  . GLN A 1 64  ? 8.506   11.747  6.457   1.00 10.52 ? 64  GLN A CD  1 
ATOM   363  O  OE1 . GLN A 1 64  ? 8.749   10.552  6.650   1.00 10.22 ? 64  GLN A OE1 1 
ATOM   364  N  NE2 . GLN A 1 64  ? 7.508   12.393  7.038   1.00 10.07 ? 64  GLN A NE2 1 
ATOM   365  N  N   . THR A 1 65  ? 11.539  11.631  1.840   1.00 10.11 ? 65  THR A N   1 
ATOM   366  C  CA  . THR A 1 65  ? 12.186  10.986  0.669   1.00 9.72  ? 65  THR A CA  1 
ATOM   367  C  C   . THR A 1 65  ? 12.263  9.459   0.875   1.00 9.38  ? 65  THR A C   1 
ATOM   368  O  O   . THR A 1 65  ? 12.361  8.966   2.021   1.00 9.20  ? 65  THR A O   1 
ATOM   369  C  CB  . THR A 1 65  ? 13.549  11.635  0.393   1.00 9.91  ? 65  THR A CB  1 
ATOM   370  O  OG1 . THR A 1 65  ? 14.424  11.379  1.492   1.00 10.11 ? 65  THR A OG1 1 
ATOM   371  C  CG2 . THR A 1 65  ? 13.454  13.135  0.182   1.00 10.47 ? 65  THR A CG2 1 
ATOM   372  N  N   . ASN A 1 66  ? 12.200  8.728   -0.227  1.00 9.50  ? 66  ASN A N   1 
ATOM   373  C  CA  . ASN A 1 66  ? 12.372  7.255   -0.287  1.00 9.40  ? 66  ASN A CA  1 
ATOM   374  C  C   . ASN A 1 66  ? 11.253  6.593   0.525   1.00 8.97  ? 66  ASN A C   1 
ATOM   375  O  O   . ASN A 1 66  ? 11.507  5.609   1.250   1.00 8.81  ? 66  ASN A O   1 
ATOM   376  C  CB  . ASN A 1 66  ? 13.777  6.838   0.146   1.00 9.88  ? 66  ASN A CB  1 
ATOM   377  C  CG  . ASN A 1 66  ? 14.865  7.416   -0.744  1.00 10.51 ? 66  ASN A CG  1 
ATOM   378  O  OD1 . ASN A 1 66  ? 15.735  8.161   -0.287  1.00 12.05 ? 66  ASN A OD1 1 
ATOM   379  N  ND2 . ASN A 1 66  ? 14.807  7.111   -2.021  1.00 10.37 ? 66  ASN A ND2 1 
ATOM   380  N  N   . VAL A 1 67  ? 10.041  7.117   0.402   1.00 8.37  ? 67  VAL A N   1 
ATOM   381  C  CA  . VAL A 1 67  ? 8.875   6.539   1.115   1.00 8.16  ? 67  VAL A CA  1 
ATOM   382  C  C   . VAL A 1 67  ? 8.631   5.190   0.469   1.00 7.91  ? 67  VAL A C   1 
ATOM   383  O  O   . VAL A 1 67  ? 8.413   5.135   -0.757  1.00 7.50  ? 67  VAL A O   1 
ATOM   384  C  CB  . VAL A 1 67  ? 7.636   7.441   1.096   1.00 7.66  ? 67  VAL A CB  1 
ATOM   385  C  CG1 . VAL A 1 67  ? 6.452   6.746   1.729   1.00 7.54  ? 67  VAL A CG1 1 
ATOM   386  C  CG2 . VAL A 1 67  ? 7.920   8.755   1.808   1.00 7.79  ? 67  VAL A CG2 1 
ATOM   387  N  N   . THR A 1 68  ? 8.774   4.141   1.274   1.00 8.13  ? 68  THR A N   1 
ATOM   388  C  CA  . THR A 1 68  ? 8.805   2.753   0.786   1.00 8.50  ? 68  THR A CA  1 
ATOM   389  C  C   . THR A 1 68  ? 7.773   1.895   1.512   1.00 8.65  ? 68  THR A C   1 
ATOM   390  O  O   . THR A 1 68  ? 7.694   1.946   2.738   1.00 8.72  ? 68  THR A O   1 
ATOM   391  C  CB  . THR A 1 68  ? 10.205  2.154   0.911   1.00 8.91  ? 68  THR A CB  1 
ATOM   392  O  OG1 . THR A 1 68  ? 11.107  2.975   0.167   1.00 8.26  ? 68  THR A OG1 1 
ATOM   393  C  CG2 . THR A 1 68  ? 10.241  0.718   0.429   1.00 8.90  ? 68  THR A CG2 1 
ATOM   394  N  N   . LEU A 1 69  ? 7.018   1.116   0.749   1.00 9.16  ? 69  LEU A N   1 
ATOM   395  C  CA  . LEU A 1 69  ? 6.100   0.102   1.306   1.00 10.08 ? 69  LEU A CA  1 
ATOM   396  C  C   . LEU A 1 69  ? 6.690   -1.270  1.003   1.00 10.87 ? 69  LEU A C   1 
ATOM   397  O  O   . LEU A 1 69  ? 7.018   -1.543  -0.164  1.00 10.89 ? 69  LEU A O   1 
ATOM   398  C  CB  . LEU A 1 69  ? 4.695   0.244   0.720   1.00 9.68  ? 69  LEU A CB  1 
ATOM   399  C  CG  . LEU A 1 69  ? 3.667   -0.767  1.234   1.00 9.85  ? 69  LEU A CG  1 
ATOM   400  C  CD1 . LEU A 1 69  ? 3.175   -0.385  2.608   1.00 9.39  ? 69  LEU A CD1 1 
ATOM   401  C  CD2 . LEU A 1 69  ? 2.497   -0.881  0.260   1.00 10.13 ? 69  LEU A CD2 1 
ATOM   402  N  N   . ASN A 1 70  ? 6.790   -2.092  2.038   1.00 11.76 ? 70  ASN A N   1 
ATOM   403  C  CA  . ASN A 1 70  ? 7.222   -3.498  1.931   1.00 13.00 ? 70  ASN A CA  1 
ATOM   404  C  C   . ASN A 1 70  ? 6.104   -4.382  2.466   1.00 13.29 ? 70  ASN A C   1 
ATOM   405  O  O   . ASN A 1 70  ? 5.837   -4.349  3.709   1.00 12.94 ? 70  ASN A O   1 
ATOM   406  C  CB  . ASN A 1 70  ? 8.486   -3.755  2.735   1.00 14.11 ? 70  ASN A CB  1 
ATOM   407  C  CG  . ASN A 1 70  ? 8.900   -5.209  2.693   1.00 15.19 ? 70  ASN A CG  1 
ATOM   408  O  OD1 . ASN A 1 70  ? 9.028   -5.790  1.621   1.00 16.39 ? 70  ASN A OD1 1 
ATOM   409  N  ND2 . ASN A 1 70  ? 9.112   -5.803  3.850   1.00 16.58 ? 70  ASN A ND2 1 
ATOM   410  N  N   . VAL A 1 71  ? 5.523   -5.178  1.582   1.00 13.00 ? 71  VAL A N   1 
ATOM   411  C  CA  . VAL A 1 71  ? 4.411   -6.096  1.947   1.00 13.86 ? 71  VAL A CA  1 
ATOM   412  C  C   . VAL A 1 71  ? 4.882   -7.527  1.723   1.00 15.05 ? 71  VAL A C   1 
ATOM   413  O  O   . VAL A 1 71  ? 5.427   -7.844  0.659   1.00 16.23 ? 71  VAL A O   1 
ATOM   414  C  CB  . VAL A 1 71  ? 3.129   -5.772  1.162   1.00 13.24 ? 71  VAL A CB  1 
ATOM   415  C  CG1 . VAL A 1 71  ? 1.924   -6.528  1.707   1.00 13.22 ? 71  VAL A CG1 1 
ATOM   416  C  CG2 . VAL A 1 71  ? 2.877   -4.268  1.162   1.00 12.54 ? 71  VAL A CG2 1 
ATOM   417  N  N   . THR A 1 72  ? 4.639   -8.375  2.707   1.00 15.15 ? 72  THR A N   1 
ATOM   418  C  CA  . THR A 1 72  ? 5.102   -9.771  2.679   1.00 15.01 ? 72  THR A CA  1 
ATOM   419  C  C   . THR A 1 72  ? 3.978   -10.668 3.182   1.00 13.50 ? 72  THR A C   1 
ATOM   420  O  O   . THR A 1 72  ? 3.278   -10.291 4.148   1.00 10.99 ? 72  THR A O   1 
ATOM   421  C  CB  . THR A 1 72  ? 6.420   -9.904  3.448   1.00 16.55 ? 72  THR A CB  1 
ATOM   422  O  OG1 . THR A 1 72  ? 6.854   -11.263 3.350   1.00 18.49 ? 72  THR A OG1 1 
ATOM   423  C  CG2 . THR A 1 72  ? 6.289   -9.500  4.893   1.00 17.69 ? 72  THR A CG2 1 
ATOM   424  N  N   . ARG A 1 73  ? 3.843   -11.829 2.557   1.00 13.05 ? 73  ARG A N   1 
ATOM   425  C  CA  . ARG A 1 73  ? 2.890   -12.871 3.007   1.00 13.52 ? 73  ARG A CA  1 
ATOM   426  C  C   . ARG A 1 73  ? 3.453   -13.576 4.237   1.00 13.38 ? 73  ARG A C   1 
ATOM   427  O  O   . ARG A 1 73  ? 4.557   -14.155 4.144   1.00 13.02 ? 73  ARG A O   1 
ATOM   428  C  CB  . ARG A 1 73  ? 2.596   -13.899 1.917   1.00 13.04 ? 73  ARG A CB  1 
ATOM   429  C  CG  . ARG A 1 73  ? 1.309   -14.657 2.191   1.00 12.44 ? 73  ARG A CG  1 
ATOM   430  C  CD  . ARG A 1 73  ? 0.985   -15.625 1.100   1.00 12.29 ? 73  ARG A CD  1 
ATOM   431  N  NE  . ARG A 1 73  ? 1.954   -16.708 1.039   1.00 12.06 ? 73  ARG A NE  1 
ATOM   432  C  CZ  . ARG A 1 73  ? 1.987   -17.634 0.088   1.00 11.62 ? 73  ARG A CZ  1 
ATOM   433  N  NH1 . ARG A 1 73  ? 1.119   -17.598 -0.907  1.00 11.47 ? 73  ARG A NH1 1 
ATOM   434  N  NH2 . ARG A 1 73  ? 2.887   -18.594 0.141   1.00 12.05 ? 73  ARG A NH2 1 
ATOM   435  N  N   . THR A 1 74  ? 2.701   -13.547 5.331   1.00 13.16 ? 74  THR A N   1 
ATOM   436  C  CA  . THR A 1 74  ? 3.104   -14.184 6.605   1.00 14.18 ? 74  THR A CA  1 
ATOM   437  C  C   . THR A 1 74  ? 2.331   -15.485 6.829   1.00 13.67 ? 74  THR A C   1 
ATOM   438  O  O   . THR A 1 74  ? 2.898   -16.366 7.415   1.00 12.18 ? 74  THR A O   1 
ATOM   439  C  CB  . THR A 1 74  ? 2.931   -13.194 7.755   1.00 14.81 ? 74  THR A CB  1 
ATOM   440  O  OG1 . THR A 1 74  ? 1.549   -12.882 7.932   1.00 14.87 ? 74  THR A OG1 1 
ATOM   441  C  CG2 . THR A 1 74  ? 3.724   -11.944 7.466   1.00 15.39 ? 74  THR A CG2 1 
ATOM   442  N  N   . LEU A 1 75  ? 1.060   -15.566 6.426   1.00 13.23 ? 75  LEU A N   1 
ATOM   443  C  CA  . LEU A 1 75  ? 0.279   -16.822 6.543   1.00 14.21 ? 75  LEU A CA  1 
ATOM   444  C  C   . LEU A 1 75  ? -0.544  -17.075 5.280   1.00 12.73 ? 75  LEU A C   1 
ATOM   445  O  O   . LEU A 1 75  ? -0.878  -16.139 4.572   1.00 11.64 ? 75  LEU A O   1 
ATOM   446  C  CB  . LEU A 1 75  ? -0.641  -16.759 7.761   1.00 15.59 ? 75  LEU A CB  1 
ATOM   447  C  CG  . LEU A 1 75  ? 0.052   -16.665 9.124   1.00 17.13 ? 75  LEU A CG  1 
ATOM   448  C  CD1 . LEU A 1 75  ? -0.967  -16.470 10.240  1.00 18.51 ? 75  LEU A CD1 1 
ATOM   449  C  CD2 . LEU A 1 75  ? 0.893   -17.901 9.413   1.00 18.05 ? 75  LEU A CD2 1 
ATOM   450  N  N   . GLY A 1 76  ? -0.880  -18.337 5.064   1.00 11.47 ? 76  GLY A N   1 
ATOM   451  C  CA  . GLY A 1 76  ? -1.835  -18.758 4.030   1.00 11.52 ? 76  GLY A CA  1 
ATOM   452  C  C   . GLY A 1 76  ? -1.214  -18.744 2.648   1.00 11.27 ? 76  GLY A C   1 
ATOM   453  O  O   . GLY A 1 76  ? 0.000   -18.593 2.527   1.00 10.94 ? 76  GLY A O   1 
ATOM   454  N  N   . ASN A 1 77  ? -2.052  -18.858 1.623   1.00 11.51 ? 77  ASN A N   1 
ATOM   455  C  CA  . ASN A 1 77  ? -1.639  -19.333 0.285   1.00 11.30 ? 77  ASN A CA  1 
ATOM   456  C  C   . ASN A 1 77  ? -2.021  -18.371 -0.844  1.00 10.94 ? 77  ASN A C   1 
ATOM   457  O  O   . ASN A 1 77  ? -1.680  -18.700 -2.000  1.00 10.67 ? 77  ASN A O   1 
ATOM   458  C  CB  . ASN A 1 77  ? -2.216  -20.720 0.033   1.00 11.54 ? 77  ASN A CB  1 
ATOM   459  C  CG  . ASN A 1 77  ? -1.795  -21.703 1.103   1.00 11.83 ? 77  ASN A CG  1 
ATOM   460  O  OD1 . ASN A 1 77  ? -0.623  -22.048 1.204   1.00 12.30 ? 77  ASN A OD1 1 
ATOM   461  N  ND2 . ASN A 1 77  ? -2.745  -22.152 1.914   1.00 11.84 ? 77  ASN A ND2 1 
ATOM   462  N  N   . SER A 1 78  ? -2.670  -17.241 -0.560  1.00 10.26 ? 78  SER A N   1 
ATOM   463  C  CA  . SER A 1 78  ? -2.951  -16.214 -1.587  1.00 9.40  ? 78  SER A CA  1 
ATOM   464  C  C   . SER A 1 78  ? -1.637  -15.606 -2.058  1.00 8.95  ? 78  SER A C   1 
ATOM   465  O  O   . SER A 1 78  ? -0.644  -15.545 -1.302  1.00 8.13  ? 78  SER A O   1 
ATOM   466  C  CB  . SER A 1 78  ? -3.899  -15.130 -1.118  1.00 10.20 ? 78  SER A CB  1 
ATOM   467  O  OG  . SER A 1 78  ? -5.166  -15.666 -0.713  1.00 9.76  ? 78  SER A OG  1 
ATOM   468  N  N   . THR A 1 79  ? -1.662  -15.064 -3.258  1.00 8.73  ? 79  THR A N   1 
ATOM   469  C  CA  . THR A 1 79  ? -0.433  -14.546 -3.878  1.00 8.90  ? 79  THR A CA  1 
ATOM   470  C  C   . THR A 1 79  ? -0.710  -13.180 -4.472  1.00 8.68  ? 79  THR A C   1 
ATOM   471  O  O   . THR A 1 79  ? -1.762  -13.013 -5.029  1.00 8.16  ? 79  THR A O   1 
ATOM   472  C  CB  . THR A 1 79  ? 0.075   -15.505 -4.948  1.00 8.56  ? 79  THR A CB  1 
ATOM   473  O  OG1 . THR A 1 79  ? -1.001  -15.762 -5.847  1.00 8.71  ? 79  THR A OG1 1 
ATOM   474  C  CG2 . THR A 1 79  ? 0.562   -16.798 -4.339  1.00 8.66  ? 79  THR A CG2 1 
ATOM   475  N  N   . PHE A 1 80  ? 0.264   -12.281 -4.400  1.00 9.04  ? 80  PHE A N   1 
ATOM   476  C  CA  . PHE A 1 80  ? 0.214   -11.012 -5.177  1.00 9.09  ? 80  PHE A CA  1 
ATOM   477  C  C   . PHE A 1 80  ? 0.199   -11.384 -6.656  1.00 8.57  ? 80  PHE A C   1 
ATOM   478  O  O   . PHE A 1 80  ? 0.934   -12.299 -7.077  1.00 8.16  ? 80  PHE A O   1 
ATOM   479  C  CB  . PHE A 1 80  ? 1.364   -10.080 -4.812  1.00 9.33  ? 80  PHE A CB  1 
ATOM   480  C  CG  . PHE A 1 80  ? 1.405   -9.756  -3.339  1.00 9.76  ? 80  PHE A CG  1 
ATOM   481  C  CD1 . PHE A 1 80  ? 0.449   -8.932  -2.766  1.00 9.71  ? 80  PHE A CD1 1 
ATOM   482  C  CD2 . PHE A 1 80  ? 2.350   -10.347 -2.516  1.00 9.46  ? 80  PHE A CD2 1 
ATOM   483  C  CE1 . PHE A 1 80  ? 0.454   -8.685  -1.404  1.00 10.03 ? 80  PHE A CE1 1 
ATOM   484  C  CE2 . PHE A 1 80  ? 2.348   -10.106 -1.154  1.00 10.05 ? 80  PHE A CE2 1 
ATOM   485  C  CZ  . PHE A 1 80  ? 1.415   -9.256  -0.599  1.00 9.90  ? 80  PHE A CZ  1 
ATOM   486  N  N   . ALA A 1 81  ? -0.631  -10.695 -7.425  1.00 8.57  ? 81  ALA A N   1 
ATOM   487  C  CA  . ALA A 1 81  ? -0.977  -11.109 -8.802  1.00 8.70  ? 81  ALA A CA  1 
ATOM   488  C  C   . ALA A 1 81  ? -0.161  -10.356 -9.858  1.00 8.53  ? 81  ALA A C   1 
ATOM   489  O  O   . ALA A 1 81  ? 0.301   -9.223  -9.628  1.00 8.54  ? 81  ALA A O   1 
ATOM   490  C  CB  . ALA A 1 81  ? -2.451  -10.944 -9.044  1.00 8.68  ? 81  ALA A CB  1 
ATOM   491  N  N   . GLY A 1 82  ? 0.001   -11.016 -11.000 1.00 8.54  ? 82  GLY A N   1 
ATOM   492  C  CA  . GLY A 1 82  ? 0.640   -10.466 -12.205 1.00 8.86  ? 82  GLY A CA  1 
ATOM   493  C  C   . GLY A 1 82  ? 2.143   -10.280 -12.060 1.00 9.07  ? 82  GLY A C   1 
ATOM   494  O  O   . GLY A 1 82  ? 2.781   -10.851 -11.161 1.00 8.89  ? 82  GLY A O   1 
ATOM   495  N  N   . SER A 1 83  ? 2.682   -9.480  -12.956 1.00 9.47  ? 83  SER A N   1 
ATOM   496  C  CA  . SER A 1 83  ? 4.125   -9.244  -13.161 1.00 10.06 ? 83  SER A CA  1 
ATOM   497  C  C   . SER A 1 83  ? 4.535   -7.887  -12.592 1.00 11.06 ? 83  SER A C   1 
ATOM   498  O  O   . SER A 1 83  ? 5.710   -7.573  -12.660 1.00 12.47 ? 83  SER A O   1 
ATOM   499  C  CB  . SER A 1 83  ? 4.423   -9.318  -14.615 1.00 10.48 ? 83  SER A CB  1 
ATOM   500  O  OG  . SER A 1 83  ? 3.774   -8.250  -15.314 1.00 9.86  ? 83  SER A OG  1 
ATOM   501  N  N   . GLY A 1 84  ? 3.597   -7.085  -12.090 1.00 11.90 ? 84  GLY A N   1 
ATOM   502  C  CA  . GLY A 1 84  ? 3.893   -5.781  -11.457 1.00 12.06 ? 84  GLY A CA  1 
ATOM   503  C  C   . GLY A 1 84  ? 3.604   -4.597  -12.369 1.00 12.10 ? 84  GLY A C   1 
ATOM   504  O  O   . GLY A 1 84  ? 4.400   -3.610  -12.377 1.00 11.86 ? 84  GLY A O   1 
ATOM   505  N  N   . THR A 1 85  ? 2.496   -4.651  -13.107 1.00 11.56 ? 85  THR A N   1 
ATOM   506  C  CA  . THR A 1 85  ? 2.082   -3.581  -14.050 1.00 11.19 ? 85  THR A CA  1 
ATOM   507  C  C   . THR A 1 85  ? 1.232   -2.526  -13.329 1.00 10.53 ? 85  THR A C   1 
ATOM   508  O  O   . THR A 1 85  ? 0.157   -2.860  -12.786 1.00 10.58 ? 85  THR A O   1 
ATOM   509  C  CB  . THR A 1 85  ? 1.392   -4.188  -15.269 1.00 11.72 ? 85  THR A CB  1 
ATOM   510  O  OG1 . THR A 1 85  ? 2.279   -5.164  -15.824 1.00 11.49 ? 85  THR A OG1 1 
ATOM   511  C  CG2 . THR A 1 85  ? 1.026   -3.134  -16.293 1.00 11.37 ? 85  THR A CG2 1 
ATOM   512  N  N   . LYS A 1 86  ? 1.716   -1.292  -13.294 1.00 9.82  ? 86  LYS A N   1 
ATOM   513  C  CA  . LYS A 1 86  ? 0.967   -0.155  -12.703 1.00 9.72  ? 86  LYS A CA  1 
ATOM   514  C  C   . LYS A 1 86  ? -0.354  0.025   -13.457 1.00 9.34  ? 86  LYS A C   1 
ATOM   515  O  O   . LYS A 1 86  ? -0.365  -0.059  -14.683 1.00 8.80  ? 86  LYS A O   1 
ATOM   516  C  CB  . LYS A 1 86  ? 1.785   1.131   -12.725 1.00 9.93  ? 86  LYS A CB  1 
ATOM   517  C  CG  . LYS A 1 86  ? 1.248   2.232   -11.811 1.00 9.86  ? 86  LYS A CG  1 
ATOM   518  C  CD  . LYS A 1 86  ? 2.175   3.426   -11.793 1.00 9.84  ? 86  LYS A CD  1 
ATOM   519  C  CE  . LYS A 1 86  ? 1.662   4.565   -10.949 1.00 9.73  ? 86  LYS A CE  1 
ATOM   520  N  NZ  . LYS A 1 86  ? 0.440   5.174   -11.524 1.00 9.58  ? 86  LYS A NZ  1 
ATOM   521  N  N   . GLY A 1 87  ? -1.453  0.167   -12.719 1.00 9.32  ? 87  GLY A N   1 
ATOM   522  C  CA  . GLY A 1 87  ? -2.793  0.265   -13.302 1.00 9.69  ? 87  GLY A CA  1 
ATOM   523  C  C   . GLY A 1 87  ? -3.475  -1.082  -13.438 1.00 9.96  ? 87  GLY A C   1 
ATOM   524  O  O   . GLY A 1 87  ? -4.661  -1.095  -13.769 1.00 9.85  ? 87  GLY A O   1 
ATOM   525  N  N   . VAL A 1 88  ? -2.791  -2.204  -13.194 1.00 10.28 ? 88  VAL A N   1 
ATOM   526  C  CA  . VAL A 1 88  ? -3.497  -3.523  -13.200 1.00 10.34 ? 88  VAL A CA  1 
ATOM   527  C  C   . VAL A 1 88  ? -3.114  -4.346  -11.961 1.00 9.74  ? 88  VAL A C   1 
ATOM   528  O  O   . VAL A 1 88  ? -4.037  -4.828  -11.272 1.00 8.94  ? 88  VAL A O   1 
ATOM   529  C  CB  . VAL A 1 88  ? -3.359  -4.273  -14.546 1.00 10.96 ? 88  VAL A CB  1 
ATOM   530  C  CG1 . VAL A 1 88  ? -2.463  -3.565  -15.526 1.00 11.70 ? 88  VAL A CG1 1 
ATOM   531  C  CG2 . VAL A 1 88  ? -2.986  -5.737  -14.427 1.00 11.10 ? 88  VAL A CG2 1 
ATOM   532  N  N   . ASP A 1 89  ? -1.822  -4.486  -11.669 1.00 9.26  ? 89  ASP A N   1 
ATOM   533  C  CA  . ASP A 1 89  ? -1.340  -5.340  -10.555 1.00 9.37  ? 89  ASP A CA  1 
ATOM   534  C  C   . ASP A 1 89  ? -1.168  -4.525  -9.266  1.00 9.21  ? 89  ASP A C   1 
ATOM   535  O  O   . ASP A 1 89  ? -1.257  -5.129  -8.158  1.00 8.87  ? 89  ASP A O   1 
ATOM   536  C  CB  . ASP A 1 89  ? -0.034  -6.019  -10.957 1.00 9.90  ? 89  ASP A CB  1 
ATOM   537  C  CG  . ASP A 1 89  ? -0.193  -6.874  -12.192 1.00 10.29 ? 89  ASP A CG  1 
ATOM   538  O  OD1 . ASP A 1 89  ? -1.304  -7.431  -12.370 1.00 10.47 ? 89  ASP A OD1 1 
ATOM   539  O  OD2 . ASP A 1 89  ? 0.790   -6.964  -12.963 1.00 10.14 ? 89  ASP A OD2 1 
ATOM   540  N  N   . PHE A 1 90  ? -0.906  -3.217  -9.404  1.00 8.96  ? 90  PHE A N   1 
ATOM   541  C  CA  . PHE A 1 90  ? -0.808  -2.265  -8.269  1.00 8.51  ? 90  PHE A CA  1 
ATOM   542  C  C   . PHE A 1 90  ? -1.184  -0.861  -8.737  1.00 8.37  ? 90  PHE A C   1 
ATOM   543  O  O   . PHE A 1 90  ? -1.166  -0.545  -9.951  1.00 8.67  ? 90  PHE A O   1 
ATOM   544  C  CB  . PHE A 1 90  ? 0.588   -2.294  -7.646  1.00 8.67  ? 90  PHE A CB  1 
ATOM   545  C  CG  . PHE A 1 90  ? 1.652   -1.532  -8.405  1.00 8.87  ? 90  PHE A CG  1 
ATOM   546  C  CD1 . PHE A 1 90  ? 2.378   -2.142  -9.429  1.00 8.85  ? 90  PHE A CD1 1 
ATOM   547  C  CD2 . PHE A 1 90  ? 1.929   -0.205  -8.105  1.00 9.00  ? 90  PHE A CD2 1 
ATOM   548  C  CE1 . PHE A 1 90  ? 3.344   -1.435  -10.135 1.00 8.86  ? 90  PHE A CE1 1 
ATOM   549  C  CE2 . PHE A 1 90  ? 2.922   0.484   -8.790  1.00 8.94  ? 90  PHE A CE2 1 
ATOM   550  C  CZ  . PHE A 1 90  ? 3.630   -0.131  -9.799  1.00 8.64  ? 90  PHE A CZ  1 
ATOM   551  N  N   . GLU A 1 91  ? -1.555  -0.032  -7.780  1.00 7.83  ? 91  GLU A N   1 
ATOM   552  C  CA  . GLU A 1 91  ? -1.782  1.412   -8.022  1.00 7.67  ? 91  GLU A CA  1 
ATOM   553  C  C   . GLU A 1 91  ? -1.252  2.171   -6.827  1.00 7.33  ? 91  GLU A C   1 
ATOM   554  O  O   . GLU A 1 91  ? -1.261  1.623   -5.719  1.00 7.29  ? 91  GLU A O   1 
ATOM   555  C  CB  . GLU A 1 91  ? -3.251  1.741   -8.266  1.00 7.47  ? 91  GLU A CB  1 
ATOM   556  C  CG  . GLU A 1 91  ? -3.457  3.177   -8.762  1.00 7.31  ? 91  GLU A CG  1 
ATOM   557  C  CD  . GLU A 1 91  ? -2.620  3.502   -9.988  1.00 7.23  ? 91  GLU A CD  1 
ATOM   558  O  OE1 . GLU A 1 91  ? -1.468  3.913   -9.821  1.00 7.18  ? 91  GLU A OE1 1 
ATOM   559  O  OE2 . GLU A 1 91  ? -3.125  3.314   -11.115 1.00 7.40  ? 91  GLU A OE2 1 
ATOM   560  N  N   . VAL A 1 92  ? -0.729  3.354   -7.089  1.00 7.60  ? 92  VAL A N   1 
ATOM   561  C  CA  . VAL A 1 92  ? -0.243  4.289   -6.047  1.00 7.44  ? 92  VAL A CA  1 
ATOM   562  C  C   . VAL A 1 92  ? -0.922  5.623   -6.329  1.00 7.60  ? 92  VAL A C   1 
ATOM   563  O  O   . VAL A 1 92  ? -0.714  6.193   -7.404  1.00 7.92  ? 92  VAL A O   1 
ATOM   564  C  CB  . VAL A 1 92  ? 1.291   4.431   -6.039  1.00 7.37  ? 92  VAL A CB  1 
ATOM   565  C  CG1 . VAL A 1 92  ? 1.724   5.547   -5.115  1.00 7.31  ? 92  VAL A CG1 1 
ATOM   566  C  CG2 . VAL A 1 92  ? 2.011   3.132   -5.698  1.00 7.35  ? 92  VAL A CG2 1 
ATOM   567  N  N   . GLU A 1 93  ? -1.683  6.110   -5.358  1.00 7.75  ? 93  GLU A N   1 
ATOM   568  C  CA  . GLU A 1 93  ? -2.395  7.400   -5.445  1.00 7.78  ? 93  GLU A CA  1 
ATOM   569  C  C   . GLU A 1 93  ? -1.842  8.372   -4.412  1.00 7.77  ? 93  GLU A C   1 
ATOM   570  O  O   . GLU A 1 93  ? -1.494  7.945   -3.298  1.00 7.66  ? 93  GLU A O   1 
ATOM   571  C  CB  . GLU A 1 93  ? -3.874  7.200   -5.167  1.00 7.92  ? 93  GLU A CB  1 
ATOM   572  C  CG  . GLU A 1 93  ? -4.571  6.255   -6.113  1.00 8.30  ? 93  GLU A CG  1 
ATOM   573  C  CD  . GLU A 1 93  ? -5.841  5.697   -5.491  1.00 8.59  ? 93  GLU A CD  1 
ATOM   574  O  OE1 . GLU A 1 93  ? -5.751  4.730   -4.694  1.00 7.96  ? 93  GLU A OE1 1 
ATOM   575  O  OE2 . GLU A 1 93  ? -6.927  6.237   -5.811  1.00 9.55  ? 93  GLU A OE2 1 
ATOM   576  N  N   . LEU A 1 94  ? -1.825  9.656   -4.757  1.00 7.97  ? 94  LEU A N   1 
ATOM   577  C  CA  . LEU A 1 94  ? -1.408  10.746  -3.838  1.00 7.97  ? 94  LEU A CA  1 
ATOM   578  C  C   . LEU A 1 94  ? -2.645  11.573  -3.495  1.00 8.04  ? 94  LEU A C   1 
ATOM   579  O  O   . LEU A 1 94  ? -3.420  11.902  -4.408  1.00 7.92  ? 94  LEU A O   1 
ATOM   580  C  CB  . LEU A 1 94  ? -0.334  11.606  -4.512  1.00 7.90  ? 94  LEU A CB  1 
ATOM   581  C  CG  . LEU A 1 94  ? 0.115   12.882  -3.795  1.00 7.79  ? 94  LEU A CG  1 
ATOM   582  C  CD1 . LEU A 1 94  ? 0.853   12.579  -2.491  1.00 7.77  ? 94  LEU A CD1 1 
ATOM   583  C  CD2 . LEU A 1 94  ? 1.003   13.716  -4.725  1.00 7.88  ? 94  LEU A CD2 1 
ATOM   584  N  N   . ASP A 1 95  ? -2.850  11.811  -2.202  1.00 8.06  ? 95  ASP A N   1 
ATOM   585  C  CA  . ASP A 1 95  ? -3.756  12.862  -1.677  1.00 8.32  ? 95  ASP A CA  1 
ATOM   586  C  C   . ASP A 1 95  ? -2.841  13.982  -1.224  1.00 8.50  ? 95  ASP A C   1 
ATOM   587  O  O   . ASP A 1 95  ? -2.282  13.906  -0.134  1.00 8.72  ? 95  ASP A O   1 
ATOM   588  C  CB  . ASP A 1 95  ? -4.674  12.377  -0.562  1.00 8.05  ? 95  ASP A CB  1 
ATOM   589  C  CG  . ASP A 1 95  ? -5.638  13.462  -0.087  1.00 7.86  ? 95  ASP A CG  1 
ATOM   590  O  OD1 . ASP A 1 95  ? -5.367  14.648  -0.369  1.00 7.45  ? 95  ASP A OD1 1 
ATOM   591  O  OD2 . ASP A 1 95  ? -6.641  13.122  0.567   1.00 7.40  ? 95  ASP A OD2 1 
ATOM   592  N  N   . PRO A 1 96  ? -2.660  15.034  -2.055  1.00 9.03  ? 96  PRO A N   1 
ATOM   593  C  CA  . PRO A 1 96  ? -1.594  16.012  -1.857  1.00 9.35  ? 96  PRO A CA  1 
ATOM   594  C  C   . PRO A 1 96  ? -1.687  16.803  -0.540  1.00 9.56  ? 96  PRO A C   1 
ATOM   595  O  O   . PRO A 1 96  ? -0.670  17.291  -0.123  1.00 9.86  ? 96  PRO A O   1 
ATOM   596  C  CB  . PRO A 1 96  ? -1.732  17.008  -3.033  1.00 9.43  ? 96  PRO A CB  1 
ATOM   597  C  CG  . PRO A 1 96  ? -2.709  16.359  -4.013  1.00 9.23  ? 96  PRO A CG  1 
ATOM   598  C  CD  . PRO A 1 96  ? -3.485  15.330  -3.235  1.00 9.10  ? 96  PRO A CD  1 
ATOM   599  N  N   . ASP A 1 97  ? -2.883  16.944  0.041   1.00 9.84  ? 97  ASP A N   1 
ATOM   600  C  CA  . ASP A 1 97  ? -3.098  17.735  1.284   1.00 9.72  ? 97  ASP A CA  1 
ATOM   601  C  C   . ASP A 1 97  ? -3.571  16.803  2.405   1.00 9.72  ? 97  ASP A C   1 
ATOM   602  O  O   . ASP A 1 97  ? -3.871  17.299  3.509   1.00 9.10  ? 97  ASP A O   1 
ATOM   603  C  CB  . ASP A 1 97  ? -4.069  18.902  1.057   1.00 9.91  ? 97  ASP A CB  1 
ATOM   604  C  CG  . ASP A 1 97  ? -5.355  18.539  0.348   1.00 9.57  ? 97  ASP A CG  1 
ATOM   605  O  OD1 . ASP A 1 97  ? -5.783  17.388  0.463   1.00 9.32  ? 97  ASP A OD1 1 
ATOM   606  O  OD2 . ASP A 1 97  ? -5.958  19.431  -0.278  1.00 9.75  ? 97  ASP A OD2 1 
ATOM   607  N  N   . GLY A 1 98  ? -3.614  15.498  2.121   1.00 9.16  ? 98  GLY A N   1 
ATOM   608  C  CA  . GLY A 1 98  ? -3.985  14.489  3.112   1.00 9.31  ? 98  GLY A CA  1 
ATOM   609  C  C   . GLY A 1 98  ? -5.420  14.732  3.556   1.00 9.12  ? 98  GLY A C   1 
ATOM   610  O  O   . GLY A 1 98  ? -6.222  15.295  2.794   1.00 8.91  ? 98  GLY A O   1 
ATOM   611  N  N   . PRO A 1 99  ? -5.757  14.364  4.804   1.00 9.41  ? 99  PRO A N   1 
ATOM   612  C  CA  . PRO A 1 99  ? -7.073  14.674  5.363   1.00 10.18 ? 99  PRO A CA  1 
ATOM   613  C  C   . PRO A 1 99  ? -7.273  16.167  5.675   1.00 10.65 ? 99  PRO A C   1 
ATOM   614  O  O   . PRO A 1 99  ? -8.355  16.537  6.030   1.00 11.17 ? 99  PRO A O   1 
ATOM   615  C  CB  . PRO A 1 99  ? -7.096  13.852  6.664   1.00 9.92  ? 99  PRO A CB  1 
ATOM   616  C  CG  . PRO A 1 99  ? -5.643  13.788  7.071   1.00 9.96  ? 99  PRO A CG  1 
ATOM   617  C  CD  . PRO A 1 99  ? -4.908  13.623  5.754   1.00 9.70  ? 99  PRO A CD  1 
ATOM   618  N  N   . PHE A 1 100 ? -6.245  16.993  5.536   1.00 11.40 ? 100 PHE A N   1 
ATOM   619  C  CA  . PHE A 1 100 ? -6.285  18.400  6.024   1.00 12.03 ? 100 PHE A CA  1 
ATOM   620  C  C   . PHE A 1 100 ? -6.874  19.337  4.964   1.00 12.01 ? 100 PHE A C   1 
ATOM   621  O  O   . PHE A 1 100 ? -7.131  20.486  5.298   1.00 12.87 ? 100 PHE A O   1 
ATOM   622  C  CB  . PHE A 1 100 ? -4.888  18.832  6.456   1.00 12.62 ? 100 PHE A CB  1 
ATOM   623  C  CG  . PHE A 1 100 ? -4.298  17.884  7.459   1.00 12.81 ? 100 PHE A CG  1 
ATOM   624  C  CD1 . PHE A 1 100 ? -4.728  17.885  8.776   1.00 13.44 ? 100 PHE A CD1 1 
ATOM   625  C  CD2 . PHE A 1 100 ? -3.356  16.943  7.075   1.00 13.83 ? 100 PHE A CD2 1 
ATOM   626  C  CE1 . PHE A 1 100 ? -4.218  16.968  9.692   1.00 13.25 ? 100 PHE A CE1 1 
ATOM   627  C  CE2 . PHE A 1 100 ? -2.827  16.050  8.003   1.00 13.19 ? 100 PHE A CE2 1 
ATOM   628  C  CZ  . PHE A 1 100 ? -3.256  16.065  9.305   1.00 12.60 ? 100 PHE A CZ  1 
ATOM   629  N  N   . GLY A 1 101 ? -7.066  18.855  3.734   1.00 10.96 ? 101 GLY A N   1 
ATOM   630  C  CA  . GLY A 1 101 ? -7.556  19.673  2.621   1.00 10.48 ? 101 GLY A CA  1 
ATOM   631  C  C   . GLY A 1 101 ? -8.431  18.862  1.675   1.00 9.43  ? 101 GLY A C   1 
ATOM   632  O  O   . GLY A 1 101 ? -8.441  17.640  1.737   1.00 9.53  ? 101 GLY A O   1 
ATOM   633  N  N   . PRO A 1 102 ? -9.191  19.527  0.783   1.00 9.57  ? 102 PRO A N   1 
ATOM   634  C  CA  . PRO A 1 102 ? -10.221 18.865  -0.014  1.00 9.20  ? 102 PRO A CA  1 
ATOM   635  C  C   . PRO A 1 102 ? -9.711  18.171  -1.283  1.00 9.31  ? 102 PRO A C   1 
ATOM   636  O  O   . PRO A 1 102 ? -10.500 17.534  -1.950  1.00 9.23  ? 102 PRO A O   1 
ATOM   637  C  CB  . PRO A 1 102 ? -11.140 20.031  -0.432  1.00 9.06  ? 102 PRO A CB  1 
ATOM   638  C  CG  . PRO A 1 102 ? -10.151 21.183  -0.602  1.00 9.18  ? 102 PRO A CG  1 
ATOM   639  C  CD  . PRO A 1 102 ? -9.113  20.973  0.492   1.00 9.20  ? 102 PRO A CD  1 
ATOM   640  N  N   . ALA A 1 103 ? -8.441  18.335  -1.630  1.00 9.92  ? 103 ALA A N   1 
ATOM   641  C  CA  . ALA A 1 103 ? -7.866  17.577  -2.752  1.00 10.25 ? 103 ALA A CA  1 
ATOM   642  C  C   . ALA A 1 103 ? -8.151  16.092  -2.505  1.00 10.45 ? 103 ALA A C   1 
ATOM   643  O  O   . ALA A 1 103 ? -8.167  15.661  -1.311  1.00 10.41 ? 103 ALA A O   1 
ATOM   644  C  CB  . ALA A 1 103 ? -6.405  17.858  -2.890  1.00 10.96 ? 103 ALA A CB  1 
ATOM   645  N  N   . SER A 1 104 ? -8.382  15.347  -3.587  1.00 9.90  ? 104 SER A N   1 
ATOM   646  C  CA  . SER A 1 104 ? -8.669  13.896  -3.555  1.00 10.50 ? 104 SER A CA  1 
ATOM   647  C  C   . SER A 1 104 ? -7.452  13.104  -4.013  1.00 9.84  ? 104 SER A C   1 
ATOM   648  O  O   . SER A 1 104 ? -6.539  13.669  -4.636  1.00 10.32 ? 104 SER A O   1 
ATOM   649  C  CB  . SER A 1 104 ? -9.837  13.534  -4.400  1.00 11.00 ? 104 SER A CB  1 
ATOM   650  O  OG  . SER A 1 104 ? -10.917 14.394  -4.138  1.00 13.32 ? 104 SER A OG  1 
ATOM   651  N  N   . TYR A 1 105 ? -7.525  11.807  -3.786  1.00 9.61  ? 105 TYR A N   1 
ATOM   652  C  CA  . TYR A 1 105 ? -6.571  10.792  -4.293  1.00 9.63  ? 105 TYR A CA  1 
ATOM   653  C  C   . TYR A 1 105 ? -6.601  10.789  -5.815  1.00 9.75  ? 105 TYR A C   1 
ATOM   654  O  O   . TYR A 1 105 ? -7.671  10.805  -6.430  1.00 10.14 ? 105 TYR A O   1 
ATOM   655  C  CB  . TYR A 1 105 ? -6.890  9.403   -3.729  1.00 9.20  ? 105 TYR A CB  1 
ATOM   656  C  CG  . TYR A 1 105 ? -6.227  9.107   -2.405  1.00 8.54  ? 105 TYR A CG  1 
ATOM   657  C  CD1 . TYR A 1 105 ? -4.849  9.035   -2.307  1.00 8.32  ? 105 TYR A CD1 1 
ATOM   658  C  CD2 . TYR A 1 105 ? -6.971  8.895   -1.256  1.00 8.23  ? 105 TYR A CD2 1 
ATOM   659  C  CE1 . TYR A 1 105 ? -4.227  8.766   -1.103  1.00 7.94  ? 105 TYR A CE1 1 
ATOM   660  C  CE2 . TYR A 1 105 ? -6.359  8.606   -0.045  1.00 8.17  ? 105 TYR A CE2 1 
ATOM   661  C  CZ  . TYR A 1 105 ? -4.976  8.563   0.036   1.00 7.92  ? 105 TYR A CZ  1 
ATOM   662  O  OH  . TYR A 1 105 ? -4.356  8.268   1.217   1.00 7.99  ? 105 TYR A OH  1 
ATOM   663  N  N   . ALA A 1 106 ? -5.414  10.781  -6.419  1.00 10.05 ? 106 ALA A N   1 
ATOM   664  C  CA  . ALA A 1 106 ? -5.237  10.672  -7.874  1.00 9.77  ? 106 ALA A CA  1 
ATOM   665  C  C   . ALA A 1 106 ? -4.003  9.814   -8.116  1.00 9.85  ? 106 ALA A C   1 
ATOM   666  O  O   . ALA A 1 106 ? -2.997  9.971   -7.439  1.00 9.07  ? 106 ALA A O   1 
ATOM   667  C  CB  . ALA A 1 106 ? -5.115  12.046  -8.493  1.00 10.14 ? 106 ALA A CB  1 
ATOM   668  N  N   . PRO A 1 107 ? -4.040  8.888   -9.100  1.00 10.04 ? 107 PRO A N   1 
ATOM   669  C  CA  . PRO A 1 107 ? -2.878  8.054   -9.392  1.00 10.07 ? 107 PRO A CA  1 
ATOM   670  C  C   . PRO A 1 107 ? -1.674  8.920   -9.782  1.00 9.74  ? 107 PRO A C   1 
ATOM   671  O  O   . PRO A 1 107 ? -1.857  9.863   -10.485 1.00 8.81  ? 107 PRO A O   1 
ATOM   672  C  CB  . PRO A 1 107 ? -3.319  7.189   -10.579 1.00 10.11 ? 107 PRO A CB  1 
ATOM   673  C  CG  . PRO A 1 107 ? -4.829  7.300   -10.613 1.00 10.65 ? 107 PRO A CG  1 
ATOM   674  C  CD  . PRO A 1 107 ? -5.185  8.623   -9.981  1.00 10.06 ? 107 PRO A CD  1 
ATOM   675  N  N   . VAL A 1 108 ? -0.485  8.586   -9.296  1.00 10.24 ? 108 VAL A N   1 
ATOM   676  C  CA  . VAL A 1 108 ? 0.742   9.333   -9.675  1.00 10.25 ? 108 VAL A CA  1 
ATOM   677  C  C   . VAL A 1 108 ? 1.194   8.848   -11.044 1.00 10.62 ? 108 VAL A C   1 
ATOM   678  O  O   . VAL A 1 108 ? 0.653   7.849   -11.549 1.00 11.03 ? 108 VAL A O   1 
ATOM   679  C  CB  . VAL A 1 108 ? 1.863   9.214   -8.636  1.00 10.00 ? 108 VAL A CB  1 
ATOM   680  C  CG1 . VAL A 1 108 ? 1.345   9.695   -7.296  1.00 10.40 ? 108 VAL A CG1 1 
ATOM   681  C  CG2 . VAL A 1 108 ? 2.434   7.809   -8.544  1.00 9.67  ? 108 VAL A CG2 1 
ATOM   682  N  N   . LEU A 1 109 ? 2.161   9.555   -11.601 1.00 11.39 ? 109 LEU A N   1 
ATOM   683  C  CA  . LEU A 1 109 ? 2.758   9.184   -12.891 1.00 12.35 ? 109 LEU A CA  1 
ATOM   684  C  C   . LEU A 1 109 ? 3.518   7.893   -12.669 1.00 12.27 ? 109 LEU A C   1 
ATOM   685  O  O   . LEU A 1 109 ? 4.033   7.677   -11.546 1.00 11.96 ? 109 LEU A O   1 
ATOM   686  C  CB  . LEU A 1 109 ? 3.721   10.274  -13.344 1.00 13.37 ? 109 LEU A CB  1 
ATOM   687  C  CG  . LEU A 1 109 ? 3.095   11.604  -13.714 1.00 14.11 ? 109 LEU A CG  1 
ATOM   688  C  CD1 . LEU A 1 109 ? 4.182   12.546  -14.217 1.00 14.72 ? 109 LEU A CD1 1 
ATOM   689  C  CD2 . LEU A 1 109 ? 2.015   11.409  -14.756 1.00 14.14 ? 109 LEU A CD2 1 
ATOM   690  N  N   . SER A 1 110 ? 3.635   7.089   -13.713 1.00 12.48 ? 110 SER A N   1 
ATOM   691  C  CA  . SER A 1 110 ? 4.426   5.839   -13.668 1.00 13.14 ? 110 SER A CA  1 
ATOM   692  C  C   . SER A 1 110 ? 5.867   6.157   -13.249 1.00 13.36 ? 110 SER A C   1 
ATOM   693  O  O   . SER A 1 110 ? 6.452   5.403   -12.431 1.00 13.54 ? 110 SER A O   1 
ATOM   694  C  CB  . SER A 1 110 ? 4.365   5.110   -14.954 1.00 13.68 ? 110 SER A CB  1 
ATOM   695  O  OG  . SER A 1 110 ? 4.996   3.860   -14.760 1.00 15.39 ? 110 SER A OG  1 
ATOM   696  N  N   . ALA A 1 111 ? 6.393   7.290   -13.724 1.00 13.09 ? 111 ALA A N   1 
ATOM   697  C  CA  . ALA A 1 111 ? 7.761   7.757   -13.411 1.00 13.48 ? 111 ALA A CA  1 
ATOM   698  C  C   . ALA A 1 111 ? 7.973   7.948   -11.910 1.00 11.81 ? 111 ALA A C   1 
ATOM   699  O  O   . ALA A 1 111 ? 9.128   8.037   -11.496 1.00 11.76 ? 111 ALA A O   1 
ATOM   700  C  CB  . ALA A 1 111 ? 8.071   9.034   -14.156 1.00 13.30 ? 111 ALA A CB  1 
ATOM   701  N  N   . ASP A 1 112 ? 6.918   8.039   -11.107 1.00 11.83 ? 112 ASP A N   1 
ATOM   702  C  CA  . ASP A 1 112 ? 7.069   8.466   -9.700  1.00 11.45 ? 112 ASP A CA  1 
ATOM   703  C  C   . ASP A 1 112 ? 7.132   7.259   -8.758  1.00 11.15 ? 112 ASP A C   1 
ATOM   704  O  O   . ASP A 1 112 ? 7.288   7.472   -7.546  1.00 10.66 ? 112 ASP A O   1 
ATOM   705  C  CB  . ASP A 1 112 ? 5.922   9.380   -9.306  1.00 12.53 ? 112 ASP A CB  1 
ATOM   706  C  CG  . ASP A 1 112 ? 5.988   10.723  -9.993  1.00 12.84 ? 112 ASP A CG  1 
ATOM   707  O  OD1 . ASP A 1 112 ? 7.067   11.086  -10.493 1.00 13.65 ? 112 ASP A OD1 1 
ATOM   708  O  OD2 . ASP A 1 112 ? 4.951   11.363  -10.031 1.00 13.68 ? 112 ASP A OD2 1 
ATOM   709  N  N   . VAL A 1 113 ? 7.010   6.056   -9.293  1.00 10.60 ? 113 VAL A N   1 
ATOM   710  C  CA  . VAL A 1 113 ? 7.049   4.817   -8.475  1.00 10.87 ? 113 VAL A CA  1 
ATOM   711  C  C   . VAL A 1 113 ? 8.098   3.878   -9.056  1.00 10.61 ? 113 VAL A C   1 
ATOM   712  O  O   . VAL A 1 113 ? 8.051   3.601   -10.268 1.00 10.69 ? 113 VAL A O   1 
ATOM   713  C  CB  . VAL A 1 113 ? 5.676   4.142   -8.417  1.00 11.17 ? 113 VAL A CB  1 
ATOM   714  C  CG1 . VAL A 1 113 ? 5.722   2.864   -7.595  1.00 11.67 ? 113 VAL A CG1 1 
ATOM   715  C  CG2 . VAL A 1 113 ? 4.633   5.108   -7.885  1.00 11.60 ? 113 VAL A CG2 1 
ATOM   716  N  N   . GLN A 1 114 ? 8.979   3.379   -8.196  1.00 10.01 ? 114 GLN A N   1 
ATOM   717  C  CA  . GLN A 1 114 ? 9.876   2.259   -8.555  1.00 10.58 ? 114 GLN A CA  1 
ATOM   718  C  C   . GLN A 1 114 ? 9.346   0.959   -7.945  1.00 9.99  ? 114 GLN A C   1 
ATOM   719  O  O   . GLN A 1 114 ? 9.113   0.900   -6.725  1.00 9.49  ? 114 GLN A O   1 
ATOM   720  C  CB  . GLN A 1 114 ? 11.327  2.495   -8.132  1.00 10.70 ? 114 GLN A CB  1 
ATOM   721  C  CG  . GLN A 1 114 ? 12.282  1.444   -8.699  1.00 11.48 ? 114 GLN A CG  1 
ATOM   722  C  CD  . GLN A 1 114 ? 12.338  1.357   -10.214 1.00 12.29 ? 114 GLN A CD  1 
ATOM   723  O  OE1 . GLN A 1 114 ? 12.292  2.350   -10.934 1.00 13.90 ? 114 GLN A OE1 1 
ATOM   724  N  NE2 . GLN A 1 114 ? 12.489  0.147   -10.741 1.00 13.31 ? 114 GLN A NE2 1 
ATOM   725  N  N   . VAL A 1 115 ? 9.213   -0.058  -8.781  1.00 10.23 ? 115 VAL A N   1 
ATOM   726  C  CA  . VAL A 1 115 ? 8.950   -1.443  -8.306  1.00 11.50 ? 115 VAL A CA  1 
ATOM   727  C  C   . VAL A 1 115 ? 10.288  -1.984  -7.837  1.00 11.94 ? 115 VAL A C   1 
ATOM   728  O  O   . VAL A 1 115 ? 11.117  -2.325  -8.686  1.00 12.14 ? 115 VAL A O   1 
ATOM   729  C  CB  . VAL A 1 115 ? 8.347   -2.328  -9.403  1.00 11.99 ? 115 VAL A CB  1 
ATOM   730  C  CG1 . VAL A 1 115 ? 8.148   -3.759  -8.925  1.00 12.53 ? 115 VAL A CG1 1 
ATOM   731  C  CG2 . VAL A 1 115 ? 7.057   -1.747  -9.917  1.00 12.76 ? 115 VAL A CG2 1 
ATOM   732  N  N   . LEU A 1 116 ? 10.512  -2.022  -6.532  1.00 12.85 ? 116 LEU A N   1 
ATOM   733  C  CA  . LEU A 1 116 ? 11.752  -2.630  -5.978  1.00 13.48 ? 116 LEU A CA  1 
ATOM   734  C  C   . LEU A 1 116 ? 11.653  -4.149  -6.113  1.00 13.35 ? 116 LEU A C   1 
ATOM   735  O  O   . LEU A 1 116 ? 12.639  -4.754  -6.481  1.00 13.52 ? 116 LEU A O   1 
ATOM   736  C  CB  . LEU A 1 116 ? 11.966  -2.206  -4.525  1.00 14.09 ? 116 LEU A CB  1 
ATOM   737  C  CG  . LEU A 1 116 ? 12.145  -0.702  -4.310  1.00 15.03 ? 116 LEU A CG  1 
ATOM   738  C  CD1 . LEU A 1 116 ? 12.414  -0.398  -2.850  1.00 15.68 ? 116 LEU A CD1 1 
ATOM   739  C  CD2 . LEU A 1 116 ? 13.239  -0.137  -5.191  1.00 15.83 ? 116 LEU A CD2 1 
ATOM   740  N  N   . ALA A 1 117 ? 10.496  -4.737  -5.817  1.00 14.10 ? 117 ALA A N   1 
ATOM   741  C  CA  . ALA A 1 117 ? 10.283  -6.191  -5.982  1.00 14.76 ? 117 ALA A CA  1 
ATOM   742  C  C   . ALA A 1 117 ? 8.802   -6.477  -6.225  1.00 15.05 ? 117 ALA A C   1 
ATOM   743  O  O   . ALA A 1 117 ? 7.926   -5.846  -5.597  1.00 15.12 ? 117 ALA A O   1 
ATOM   744  C  CB  . ALA A 1 117 ? 10.810  -6.945  -4.773  1.00 15.70 ? 117 ALA A CB  1 
ATOM   745  N  N   . TRP A 1 118 ? 8.527   -7.408  -7.125  1.00 14.62 ? 118 TRP A N   1 
ATOM   746  C  CA  . TRP A 1 118 ? 7.150   -7.887  -7.361  1.00 14.04 ? 118 TRP A CA  1 
ATOM   747  C  C   . TRP A 1 118 ? 7.168   -9.402  -7.512  1.00 13.58 ? 118 TRP A C   1 
ATOM   748  O  O   . TRP A 1 118 ? 7.592   -9.894  -8.561  1.00 14.56 ? 118 TRP A O   1 
ATOM   749  C  CB  . TRP A 1 118 ? 6.498   -7.211  -8.558  1.00 14.11 ? 118 TRP A CB  1 
ATOM   750  C  CG  . TRP A 1 118 ? 5.011   -7.399  -8.510  1.00 14.05 ? 118 TRP A CG  1 
ATOM   751  C  CD1 . TRP A 1 118 ? 4.291   -8.408  -9.076  1.00 14.40 ? 118 TRP A CD1 1 
ATOM   752  C  CD2 . TRP A 1 118 ? 4.056   -6.581  -7.806  1.00 14.43 ? 118 TRP A CD2 1 
ATOM   753  N  NE1 . TRP A 1 118 ? 2.958   -8.278  -8.779  1.00 14.26 ? 118 TRP A NE1 1 
ATOM   754  C  CE2 . TRP A 1 118 ? 2.777   -7.156  -8.008  1.00 14.45 ? 118 TRP A CE2 1 
ATOM   755  C  CE3 . TRP A 1 118 ? 4.152   -5.412  -7.046  1.00 13.99 ? 118 TRP A CE3 1 
ATOM   756  C  CZ2 . TRP A 1 118 ? 1.611   -6.606  -7.465  1.00 14.05 ? 118 TRP A CZ2 1 
ATOM   757  C  CZ3 . TRP A 1 118 ? 2.999   -4.867  -6.514  1.00 14.63 ? 118 TRP A CZ3 1 
ATOM   758  C  CH2 . TRP A 1 118 ? 1.748   -5.469  -6.703  1.00 14.29 ? 118 TRP A CH2 1 
ATOM   759  N  N   . GLY A 1 119 ? 6.694   -10.095 -6.491  1.00 13.10 ? 119 GLY A N   1 
ATOM   760  C  CA  . GLY A 1 119 ? 6.598   -11.560 -6.503  1.00 12.59 ? 119 GLY A CA  1 
ATOM   761  C  C   . GLY A 1 119 ? 5.313   -11.994 -5.833  1.00 12.12 ? 119 GLY A C   1 
ATOM   762  O  O   . GLY A 1 119 ? 4.676   -11.211 -5.137  1.00 12.52 ? 119 GLY A O   1 
ATOM   763  N  N   . PRO A 1 120 ? 4.888   -13.259 -6.014  1.00 12.72 ? 120 PRO A N   1 
ATOM   764  C  CA  . PRO A 1 120 ? 3.601   -13.706 -5.490  1.00 12.64 ? 120 PRO A CA  1 
ATOM   765  C  C   . PRO A 1 120 ? 3.570   -13.654 -3.958  1.00 12.61 ? 120 PRO A C   1 
ATOM   766  O  O   . PRO A 1 120 ? 2.489   -13.530 -3.374  1.00 12.50 ? 120 PRO A O   1 
ATOM   767  C  CB  . PRO A 1 120 ? 3.463   -15.131 -6.035  1.00 13.12 ? 120 PRO A CB  1 
ATOM   768  C  CG  . PRO A 1 120 ? 4.486   -15.245 -7.125  1.00 13.15 ? 120 PRO A CG  1 
ATOM   769  C  CD  . PRO A 1 120 ? 5.615   -14.322 -6.715  1.00 12.89 ? 120 PRO A CD  1 
ATOM   770  N  N   . THR A 1 121 ? 4.751   -13.675 -3.349  1.00 12.14 ? 121 THR A N   1 
ATOM   771  C  CA  . THR A 1 121 ? 4.920   -13.808 -1.883  1.00 13.01 ? 121 THR A CA  1 
ATOM   772  C  C   . THR A 1 121 ? 5.433   -12.502 -1.260  1.00 12.49 ? 121 THR A C   1 
ATOM   773  O  O   . THR A 1 121 ? 5.486   -12.422 -0.025  1.00 13.04 ? 121 THR A O   1 
ATOM   774  C  CB  . THR A 1 121 ? 5.833   -15.010 -1.650  1.00 13.82 ? 121 THR A CB  1 
ATOM   775  O  OG1 . THR A 1 121 ? 5.186   -15.864 -0.709  1.00 16.72 ? 121 THR A OG1 1 
ATOM   776  C  CG2 . THR A 1 121 ? 7.226   -14.607 -1.248  1.00 12.88 ? 121 THR A CG2 1 
ATOM   777  N  N   . GLY A 1 122 ? 5.794   -11.509 -2.071  1.00 11.47 ? 122 GLY A N   1 
ATOM   778  C  CA  . GLY A 1 122 ? 6.355   -10.250 -1.546  1.00 11.48 ? 122 GLY A CA  1 
ATOM   779  C  C   . GLY A 1 122 ? 6.372   -9.150  -2.583  1.00 10.60 ? 122 GLY A C   1 
ATOM   780  O  O   . GLY A 1 122 ? 6.805   -9.393  -3.726  1.00 11.22 ? 122 GLY A O   1 
ATOM   781  N  N   . VAL A 1 123 ? 5.950   -7.950  -2.201  1.00 10.43 ? 123 VAL A N   1 
ATOM   782  C  CA  . VAL A 1 123 ? 6.026   -6.777  -3.121  1.00 10.53 ? 123 VAL A CA  1 
ATOM   783  C  C   . VAL A 1 123 ? 6.644   -5.585  -2.402  1.00 10.67 ? 123 VAL A C   1 
ATOM   784  O  O   . VAL A 1 123 ? 6.346   -5.357  -1.213  1.00 11.08 ? 123 VAL A O   1 
ATOM   785  C  CB  . VAL A 1 123 ? 4.660   -6.448  -3.741  1.00 10.52 ? 123 VAL A CB  1 
ATOM   786  C  CG1 . VAL A 1 123 ? 4.076   -7.680  -4.403  1.00 10.32 ? 123 VAL A CG1 1 
ATOM   787  C  CG2 . VAL A 1 123 ? 3.707   -5.862  -2.720  1.00 10.56 ? 123 VAL A CG2 1 
ATOM   788  N  N   . GLN A 1 124 ? 7.479   -4.846  -3.125  1.00 10.54 ? 124 GLN A N   1 
ATOM   789  C  CA  . GLN A 1 124 ? 8.135   -3.629  -2.592  1.00 10.96 ? 124 GLN A CA  1 
ATOM   790  C  C   . GLN A 1 124 ? 7.979   -2.471  -3.573  1.00 9.96  ? 124 GLN A C   1 
ATOM   791  O  O   . GLN A 1 124 ? 8.397   -2.583  -4.757  1.00 8.56  ? 124 GLN A O   1 
ATOM   792  C  CB  . GLN A 1 124 ? 9.617   -3.856  -2.310  1.00 12.06 ? 124 GLN A CB  1 
ATOM   793  C  CG  . GLN A 1 124 ? 9.898   -4.825  -1.181  1.00 13.06 ? 124 GLN A CG  1 
ATOM   794  C  CD  . GLN A 1 124 ? 11.382  -5.011  -0.956  1.00 14.69 ? 124 GLN A CD  1 
ATOM   795  O  OE1 . GLN A 1 124 ? 12.178  -4.955  -1.886  1.00 16.99 ? 124 GLN A OE1 1 
ATOM   796  N  NE2 . GLN A 1 124 ? 11.769  -5.211  0.291   1.00 14.52 ? 124 GLN A NE2 1 
ATOM   797  N  N   . LEU A 1 125 ? 7.413   -1.372  -3.076  1.00 9.20  ? 125 LEU A N   1 
ATOM   798  C  CA  . LEU A 1 125 ? 7.230   -0.154  -3.892  1.00 9.05  ? 125 LEU A CA  1 
ATOM   799  C  C   . LEU A 1 125 ? 7.885   1.021   -3.190  1.00 9.35  ? 125 LEU A C   1 
ATOM   800  O  O   . LEU A 1 125 ? 7.722   1.185   -1.963  1.00 9.44  ? 125 LEU A O   1 
ATOM   801  C  CB  . LEU A 1 125 ? 5.743   0.080   -4.120  1.00 8.99  ? 125 LEU A CB  1 
ATOM   802  C  CG  . LEU A 1 125 ? 4.985   -1.115  -4.690  1.00 8.92  ? 125 LEU A CG  1 
ATOM   803  C  CD1 . LEU A 1 125 ? 3.498   -0.806  -4.718  1.00 9.37  ? 125 LEU A CD1 1 
ATOM   804  C  CD2 . LEU A 1 125 ? 5.448   -1.483  -6.092  1.00 9.00  ? 125 LEU A CD2 1 
ATOM   805  N  N   . ARG A 1 126 ? 8.580   1.843   -3.970  1.00 9.58  ? 126 ARG A N   1 
ATOM   806  C  CA  . ARG A 1 126 ? 9.148   3.114   -3.491  1.00 10.04 ? 126 ARG A CA  1 
ATOM   807  C  C   . ARG A 1 126 ? 8.584   4.280   -4.320  1.00 10.00 ? 126 ARG A C   1 
ATOM   808  O  O   . ARG A 1 126 ? 8.569   4.202   -5.573  1.00 10.05 ? 126 ARG A O   1 
ATOM   809  C  CB  . ARG A 1 126 ? 10.673  3.073   -3.559  1.00 10.12 ? 126 ARG A CB  1 
ATOM   810  C  CG  . ARG A 1 126 ? 11.344  4.349   -3.089  1.00 9.92  ? 126 ARG A CG  1 
ATOM   811  C  CD  . ARG A 1 126 ? 12.807  4.024   -2.916  1.00 10.49 ? 126 ARG A CD  1 
ATOM   812  N  NE  . ARG A 1 126 ? 13.079  3.337   -1.661  1.00 9.92  ? 126 ARG A NE  1 
ATOM   813  C  CZ  . ARG A 1 126 ? 14.261  2.874   -1.315  1.00 10.52 ? 126 ARG A CZ  1 
ATOM   814  N  NH1 . ARG A 1 126 ? 15.291  2.986   -2.136  1.00 11.10 ? 126 ARG A NH1 1 
ATOM   815  N  NH2 . ARG A 1 126 ? 14.414  2.276   -0.151  1.00 11.46 ? 126 ARG A NH2 1 
ATOM   816  N  N   . TYR A 1 127 ? 8.150   5.311   -3.611  1.00 10.38 ? 127 TYR A N   1 
ATOM   817  C  CA  . TYR A 1 127 ? 7.660   6.599   -4.148  1.00 10.58 ? 127 TYR A CA  1 
ATOM   818  C  C   . TYR A 1 127 ? 8.879   7.486   -4.351  1.00 10.79 ? 127 TYR A C   1 
ATOM   819  O  O   . TYR A 1 127 ? 9.582   7.748   -3.370  1.00 11.37 ? 127 TYR A O   1 
ATOM   820  C  CB  . TYR A 1 127 ? 6.675   7.219   -3.156  1.00 10.56 ? 127 TYR A CB  1 
ATOM   821  C  CG  . TYR A 1 127 ? 6.005   8.471   -3.642  1.00 10.24 ? 127 TYR A CG  1 
ATOM   822  C  CD1 . TYR A 1 127 ? 5.172   8.434   -4.747  1.00 9.98  ? 127 TYR A CD1 1 
ATOM   823  C  CD2 . TYR A 1 127 ? 6.215   9.688   -3.017  1.00 10.27 ? 127 TYR A CD2 1 
ATOM   824  C  CE1 . TYR A 1 127 ? 4.541   9.571   -5.217  1.00 9.62  ? 127 TYR A CE1 1 
ATOM   825  C  CE2 . TYR A 1 127 ? 5.585   10.837  -3.472  1.00 9.95  ? 127 TYR A CE2 1 
ATOM   826  C  CZ  . TYR A 1 127 ? 4.742   10.776  -4.570  1.00 9.70  ? 127 TYR A CZ  1 
ATOM   827  O  OH  . TYR A 1 127 ? 4.112   11.895  -5.038  1.00 9.06  ? 127 TYR A OH  1 
ATOM   828  N  N   . LEU A 1 128 ? 9.131   7.912   -5.587  1.00 11.29 ? 128 LEU A N   1 
ATOM   829  C  CA  . LEU A 1 128 ? 10.381  8.636   -5.911  1.00 11.46 ? 128 LEU A CA  1 
ATOM   830  C  C   . LEU A 1 128 ? 10.277  10.108  -5.535  1.00 11.68 ? 128 LEU A C   1 
ATOM   831  O  O   . LEU A 1 128 ? 11.210  10.624  -4.936  1.00 11.08 ? 128 LEU A O   1 
ATOM   832  C  CB  . LEU A 1 128 ? 10.730  8.412   -7.383  1.00 11.90 ? 128 LEU A CB  1 
ATOM   833  C  CG  . LEU A 1 128 ? 11.142  6.987   -7.723  1.00 12.28 ? 128 LEU A CG  1 
ATOM   834  C  CD1 . LEU A 1 128 ? 11.634  6.885   -9.171  1.00 12.90 ? 128 LEU A CD1 1 
ATOM   835  C  CD2 . LEU A 1 128 ? 12.203  6.483   -6.749  1.00 12.51 ? 128 LEU A CD2 1 
ATOM   836  N  N   . PRO A 1 129 ? 9.169   10.837  -5.826  1.00 12.42 ? 129 PRO A N   1 
ATOM   837  C  CA  . PRO A 1 129 ? 9.037   12.217  -5.373  1.00 13.13 ? 129 PRO A CA  1 
ATOM   838  C  C   . PRO A 1 129 ? 9.082   12.294  -3.844  1.00 13.23 ? 129 PRO A C   1 
ATOM   839  O  O   . PRO A 1 129 ? 8.956   11.265  -3.178  1.00 12.85 ? 129 PRO A O   1 
ATOM   840  C  CB  . PRO A 1 129 ? 7.672   12.689  -5.899  1.00 12.79 ? 129 PRO A CB  1 
ATOM   841  C  CG  . PRO A 1 129 ? 7.333   11.704  -6.996  1.00 13.32 ? 129 PRO A CG  1 
ATOM   842  C  CD  . PRO A 1 129 ? 7.990   10.402  -6.582  1.00 12.68 ? 129 PRO A CD  1 
ATOM   843  N  N   . SER A 1 130 ? 9.266   13.504  -3.316  1.00 13.49 ? 130 SER A N   1 
ATOM   844  C  CA  . SER A 1 130 ? 9.279   13.726  -1.857  1.00 13.47 ? 130 SER A CA  1 
ATOM   845  C  C   . SER A 1 130 ? 7.836   13.977  -1.400  1.00 12.44 ? 130 SER A C   1 
ATOM   846  O  O   . SER A 1 130 ? 7.022   14.446  -2.204  1.00 12.57 ? 130 SER A O   1 
ATOM   847  C  CB  . SER A 1 130 ? 10.245  14.823  -1.500  1.00 14.70 ? 130 SER A CB  1 
ATOM   848  O  OG  . SER A 1 130 ? 9.840   16.041  -2.088  1.00 16.74 ? 130 SER A OG  1 
ATOM   849  N  N   . LEU A 1 131 ? 7.504   13.570  -0.181  1.00 11.40 ? 131 LEU A N   1 
ATOM   850  C  CA  . LEU A 1 131 ? 6.104   13.515  0.306   1.00 10.91 ? 131 LEU A CA  1 
ATOM   851  C  C   . LEU A 1 131 ? 5.909   14.669  1.285   1.00 10.60 ? 131 LEU A C   1 
ATOM   852  O  O   . LEU A 1 131 ? 6.516   14.651  2.335   1.00 10.58 ? 131 LEU A O   1 
ATOM   853  C  CB  . LEU A 1 131 ? 5.850   12.165  0.993   1.00 10.51 ? 131 LEU A CB  1 
ATOM   854  C  CG  . LEU A 1 131 ? 4.403   11.831  1.354   1.00 9.92  ? 131 LEU A CG  1 
ATOM   855  C  CD1 . LEU A 1 131 ? 3.513   11.857  0.132   1.00 9.56  ? 131 LEU A CD1 1 
ATOM   856  C  CD2 . LEU A 1 131 ? 4.298   10.487  2.062   1.00 10.14 ? 131 LEU A CD2 1 
ATOM   857  N  N   . ALA A 1 132 ? 5.082   15.636  0.915   1.00 10.66 ? 132 ALA A N   1 
ATOM   858  C  CA  . ALA A 1 132 ? 4.816   16.863  1.702   1.00 10.27 ? 132 ALA A CA  1 
ATOM   859  C  C   . ALA A 1 132 ? 4.292   16.532  3.096   1.00 10.26 ? 132 ALA A C   1 
ATOM   860  O  O   . ALA A 1 132 ? 3.528   15.577  3.263   1.00 9.65  ? 132 ALA A O   1 
ATOM   861  C  CB  . ALA A 1 132 ? 3.835   17.711  0.957   1.00 11.12 ? 132 ALA A CB  1 
ATOM   862  N  N   . PRO A 1 133 ? 4.644   17.301  4.153   1.00 9.90  ? 133 PRO A N   1 
ATOM   863  C  CA  . PRO A 1 133 ? 4.020   17.099  5.461   1.00 9.85  ? 133 PRO A CA  1 
ATOM   864  C  C   . PRO A 1 133 ? 2.495   17.108  5.279   1.00 9.12  ? 133 PRO A C   1 
ATOM   865  O  O   . PRO A 1 133 ? 1.992   17.934  4.548   1.00 8.80  ? 133 PRO A O   1 
ATOM   866  C  CB  . PRO A 1 133 ? 4.546   18.262  6.323   1.00 10.03 ? 133 PRO A CB  1 
ATOM   867  C  CG  . PRO A 1 133 ? 5.852   18.626  5.671   1.00 10.26 ? 133 PRO A CG  1 
ATOM   868  C  CD  . PRO A 1 133 ? 5.634   18.392  4.186   1.00 10.61 ? 133 PRO A CD  1 
ATOM   869  N  N   . GLY A 1 134 ? 1.808   16.133  5.870   1.00 9.07  ? 134 GLY A N   1 
ATOM   870  C  CA  . GLY A 1 134 ? 0.335   16.073  5.842   1.00 8.86  ? 134 GLY A CA  1 
ATOM   871  C  C   . GLY A 1 134 ? -0.188  15.225  4.704   1.00 8.51  ? 134 GLY A C   1 
ATOM   872  O  O   . GLY A 1 134 ? -1.299  14.704  4.828   1.00 8.70  ? 134 GLY A O   1 
ATOM   873  N  N   . ALA A 1 135 ? 0.566   15.090  3.625   1.00 8.23  ? 135 ALA A N   1 
ATOM   874  C  CA  . ALA A 1 135 ? 0.130   14.336  2.432   1.00 8.35  ? 135 ALA A CA  1 
ATOM   875  C  C   . ALA A 1 135 ? 0.131   12.849  2.762   1.00 8.24  ? 135 ALA A C   1 
ATOM   876  O  O   . ALA A 1 135 ? 0.850   12.431  3.687   1.00 8.76  ? 135 ALA A O   1 
ATOM   877  C  CB  . ALA A 1 135 ? 1.010   14.629  1.248   1.00 8.17  ? 135 ALA A CB  1 
ATOM   878  N  N   . THR A 1 136 ? -0.639  12.082  2.001   1.00 8.37  ? 136 THR A N   1 
ATOM   879  C  CA  . THR A 1 136 ? -0.806  10.615  2.198   1.00 8.24  ? 136 THR A CA  1 
ATOM   880  C  C   . THR A 1 136 ? -0.690  9.920   0.846   1.00 8.26  ? 136 THR A C   1 
ATOM   881  O  O   . THR A 1 136 ? -1.122  10.507  -0.169  1.00 8.43  ? 136 THR A O   1 
ATOM   882  C  CB  . THR A 1 136 ? -2.143  10.262  2.858   1.00 8.14  ? 136 THR A CB  1 
ATOM   883  O  OG1 . THR A 1 136 ? -3.192  10.446  1.918   1.00 7.49  ? 136 THR A OG1 1 
ATOM   884  C  CG2 . THR A 1 136 ? -2.427  11.095  4.087   1.00 8.42  ? 136 THR A CG2 1 
ATOM   885  N  N   . LEU A 1 137 ? -0.189  8.687   0.851   1.00 8.05  ? 137 LEU A N   1 
ATOM   886  C  CA  . LEU A 1 137 ? -0.172  7.825   -0.347  1.00 8.13  ? 137 LEU A CA  1 
ATOM   887  C  C   . LEU A 1 137 ? -1.075  6.626   -0.092  1.00 7.96  ? 137 LEU A C   1 
ATOM   888  O  O   . LEU A 1 137 ? -1.024  6.075   0.993   1.00 7.82  ? 137 LEU A O   1 
ATOM   889  C  CB  . LEU A 1 137 ? 1.241   7.329   -0.655  1.00 8.18  ? 137 LEU A CB  1 
ATOM   890  C  CG  . LEU A 1 137 ? 2.281   8.401   -0.972  1.00 8.27  ? 137 LEU A CG  1 
ATOM   891  C  CD1 . LEU A 1 137 ? 3.687   7.827   -0.795  1.00 8.20  ? 137 LEU A CD1 1 
ATOM   892  C  CD2 . LEU A 1 137 ? 2.056   8.967   -2.373  1.00 8.17  ? 137 LEU A CD2 1 
ATOM   893  N  N   . ARG A 1 138 ? -1.816  6.209   -1.109  1.00 7.87  ? 138 ARG A N   1 
ATOM   894  C  CA  . ARG A 1 138 ? -2.670  4.993   -1.050  1.00 7.95  ? 138 ARG A CA  1 
ATOM   895  C  C   . ARG A 1 138 ? -2.129  3.965   -2.040  1.00 7.71  ? 138 ARG A C   1 
ATOM   896  O  O   . ARG A 1 138 ? -2.012  4.295   -3.225  1.00 8.22  ? 138 ARG A O   1 
ATOM   897  C  CB  . ARG A 1 138 ? -4.133  5.331   -1.349  1.00 8.32  ? 138 ARG A CB  1 
ATOM   898  C  CG  . ARG A 1 138 ? -5.061  4.139   -1.174  1.00 8.74  ? 138 ARG A CG  1 
ATOM   899  C  CD  . ARG A 1 138 ? -6.503  4.550   -0.973  1.00 9.01  ? 138 ARG A CD  1 
ATOM   900  N  NE  . ARG A 1 138 ? -7.059  5.127   -2.192  1.00 9.38  ? 138 ARG A NE  1 
ATOM   901  C  CZ  . ARG A 1 138 ? -8.205  5.803   -2.234  1.00 9.71  ? 138 ARG A CZ  1 
ATOM   902  N  NH1 . ARG A 1 138 ? -8.890  6.015   -1.116  1.00 9.67  ? 138 ARG A NH1 1 
ATOM   903  N  NH2 . ARG A 1 138 ? -8.660  6.268   -3.385  1.00 9.89  ? 138 ARG A NH2 1 
ATOM   904  N  N   . PHE A 1 139 ? -1.794  2.783   -1.550  1.00 7.45  ? 139 PHE A N   1 
ATOM   905  C  CA  . PHE A 1 139 ? -1.225  1.672   -2.336  1.00 7.45  ? 139 PHE A CA  1 
ATOM   906  C  C   . PHE A 1 139 ? -2.281  0.588   -2.417  1.00 7.47  ? 139 PHE A C   1 
ATOM   907  O  O   . PHE A 1 139 ? -2.729  0.134   -1.357  1.00 7.21  ? 139 PHE A O   1 
ATOM   908  C  CB  . PHE A 1 139 ? 0.014   1.117   -1.655  1.00 7.55  ? 139 PHE A CB  1 
ATOM   909  C  CG  . PHE A 1 139 ? 1.157   2.088   -1.506  1.00 7.72  ? 139 PHE A CG  1 
ATOM   910  C  CD1 . PHE A 1 139 ? 1.163   3.029   -0.489  1.00 7.83  ? 139 PHE A CD1 1 
ATOM   911  C  CD2 . PHE A 1 139 ? 2.245   2.035   -2.359  1.00 7.88  ? 139 PHE A CD2 1 
ATOM   912  C  CE1 . PHE A 1 139 ? 2.236   3.897   -0.335  1.00 7.95  ? 139 PHE A CE1 1 
ATOM   913  C  CE2 . PHE A 1 139 ? 3.312   2.907   -2.217  1.00 8.22  ? 139 PHE A CE2 1 
ATOM   914  C  CZ  . PHE A 1 139 ? 3.310   3.842   -1.200  1.00 8.13  ? 139 PHE A CZ  1 
ATOM   915  N  N   . SER A 1 140 ? -2.667  0.210   -3.628  1.00 7.56  ? 140 SER A N   1 
ATOM   916  C  CA  . SER A 1 140 ? -3.559  -0.941  -3.902  1.00 7.93  ? 140 SER A CA  1 
ATOM   917  C  C   . SER A 1 140 ? -2.737  -2.053  -4.545  1.00 8.20  ? 140 SER A C   1 
ATOM   918  O  O   . SER A 1 140 ? -1.873  -1.758  -5.401  1.00 9.27  ? 140 SER A O   1 
ATOM   919  C  CB  . SER A 1 140 ? -4.717  -0.548  -4.756  1.00 7.99  ? 140 SER A CB  1 
ATOM   920  O  OG  . SER A 1 140 ? -5.168  0.751   -4.409  1.00 7.86  ? 140 SER A OG  1 
ATOM   921  N  N   . LEU A 1 141 ? -2.973  -3.288  -4.134  1.00 7.90  ? 141 LEU A N   1 
ATOM   922  C  CA  . LEU A 1 141 ? -2.153  -4.454  -4.541  1.00 8.02  ? 141 LEU A CA  1 
ATOM   923  C  C   . LEU A 1 141 ? -3.088  -5.594  -4.926  1.00 7.79  ? 141 LEU A C   1 
ATOM   924  O  O   . LEU A 1 141 ? -3.860  -6.033  -4.071  1.00 7.89  ? 141 LEU A O   1 
ATOM   925  C  CB  . LEU A 1 141 ? -1.245  -4.881  -3.381  1.00 8.26  ? 141 LEU A CB  1 
ATOM   926  C  CG  . LEU A 1 141 ? -0.409  -3.800  -2.698  1.00 8.21  ? 141 LEU A CG  1 
ATOM   927  C  CD1 . LEU A 1 141 ? 0.256   -4.326  -1.422  1.00 8.39  ? 141 LEU A CD1 1 
ATOM   928  C  CD2 . LEU A 1 141 ? 0.648   -3.261  -3.649  1.00 8.51  ? 141 LEU A CD2 1 
ATOM   929  N  N   . ARG A 1 142 ? -3.004  -6.073  -6.164  1.00 7.93  ? 142 ARG A N   1 
ATOM   930  C  CA  . ARG A 1 142 ? -3.877  -7.179  -6.637  1.00 8.02  ? 142 ARG A CA  1 
ATOM   931  C  C   . ARG A 1 142 ? -3.337  -8.495  -6.069  1.00 8.30  ? 142 ARG A C   1 
ATOM   932  O  O   . ARG A 1 142 ? -2.110  -8.654  -6.029  1.00 8.23  ? 142 ARG A O   1 
ATOM   933  C  CB  . ARG A 1 142 ? -3.954  -7.184  -8.164  1.00 8.03  ? 142 ARG A CB  1 
ATOM   934  C  CG  . ARG A 1 142 ? -5.080  -8.026  -8.724  1.00 8.05  ? 142 ARG A CG  1 
ATOM   935  C  CD  . ARG A 1 142 ? -5.375  -7.706  -10.175 1.00 8.25  ? 142 ARG A CD  1 
ATOM   936  N  NE  . ARG A 1 142 ? -4.336  -8.145  -11.077 1.00 8.03  ? 142 ARG A NE  1 
ATOM   937  C  CZ  . ARG A 1 142 ? -4.251  -9.345  -11.637 1.00 8.36  ? 142 ARG A CZ  1 
ATOM   938  N  NH1 . ARG A 1 142 ? -5.164  -10.266 -11.383 1.00 8.66  ? 142 ARG A NH1 1 
ATOM   939  N  NH2 . ARG A 1 142 ? -3.232  -9.633  -12.432 1.00 7.97  ? 142 ARG A NH2 1 
ATOM   940  N  N   . ALA A 1 143 ? -4.233  -9.385  -5.642  1.00 8.25  ? 143 ALA A N   1 
ATOM   941  C  CA  . ALA A 1 143 ? -3.889  -10.737 -5.166  1.00 8.36  ? 143 ALA A CA  1 
ATOM   942  C  C   . ALA A 1 143 ? -4.846  -11.786 -5.725  1.00 8.37  ? 143 ALA A C   1 
ATOM   943  O  O   . ALA A 1 143 ? -6.017  -11.468 -6.017  1.00 7.86  ? 143 ALA A O   1 
ATOM   944  C  CB  . ALA A 1 143 ? -3.888  -10.763 -3.668  1.00 8.99  ? 143 ALA A CB  1 
ATOM   945  N  N   . ASN A 1 144 ? -4.344  -13.017 -5.822  1.00 8.86  ? 144 ASN A N   1 
ATOM   946  C  CA  . ASN A 1 144 ? -5.111  -14.229 -6.196  1.00 9.37  ? 144 ASN A CA  1 
ATOM   947  C  C   . ASN A 1 144 ? -5.632  -14.926 -4.935  1.00 9.51  ? 144 ASN A C   1 
ATOM   948  O  O   . ASN A 1 144 ? -4.835  -15.412 -4.150  1.00 10.11 ? 144 ASN A O   1 
ATOM   949  C  CB  . ASN A 1 144 ? -4.231  -15.211 -6.965  1.00 10.07 ? 144 ASN A CB  1 
ATOM   950  C  CG  . ASN A 1 144 ? -3.642  -14.643 -8.236  1.00 9.71  ? 144 ASN A CG  1 
ATOM   951  O  OD1 . ASN A 1 144 ? -2.427  -14.484 -8.369  1.00 10.18 ? 144 ASN A OD1 1 
ATOM   952  N  ND2 . ASN A 1 144 ? -4.490  -14.370 -9.201  1.00 10.39 ? 144 ASN A ND2 1 
ATOM   953  N  N   . ALA A 1 145 ? -6.936  -14.993 -4.715  1.00 10.03 ? 145 ALA A N   1 
ATOM   954  C  CA  . ALA A 1 145 ? -7.451  -15.713 -3.531  1.00 10.57 ? 145 ALA A CA  1 
ATOM   955  C  C   . ALA A 1 145 ? -7.172  -17.200 -3.737  1.00 11.68 ? 145 ALA A C   1 
ATOM   956  O  O   . ALA A 1 145 ? -7.672  -17.756 -4.706  1.00 12.34 ? 145 ALA A O   1 
ATOM   957  C  CB  . ALA A 1 145 ? -8.912  -15.445 -3.324  1.00 10.73 ? 145 ALA A CB  1 
ATOM   958  N  N   . VAL A 1 146 ? -6.393  -17.803 -2.850  1.00 13.03 ? 146 VAL A N   1 
ATOM   959  C  CA  . VAL A 1 146 ? -6.116  -19.264 -2.836  1.00 14.14 ? 146 VAL A CA  1 
ATOM   960  C  C   . VAL A 1 146 ? -6.195  -19.732 -1.383  1.00 14.03 ? 146 VAL A C   1 
ATOM   961  O  O   . VAL A 1 146 ? -5.436  -19.233 -0.545  1.00 12.33 ? 146 VAL A O   1 
ATOM   962  C  CB  . VAL A 1 146 ? -4.748  -19.606 -3.446  1.00 15.08 ? 146 VAL A CB  1 
ATOM   963  C  CG1 . VAL A 1 146 ? -4.529  -21.116 -3.483  1.00 15.74 ? 146 VAL A CG1 1 
ATOM   964  C  CG2 . VAL A 1 146 ? -4.575  -19.001 -4.832  1.00 15.17 ? 146 VAL A CG2 1 
ATOM   965  N  N   . ASN A 1 147 ? -7.061  -20.704 -1.129  1.00 14.57 ? 147 ASN A N   1 
ATOM   966  C  CA  . ASN A 1 147 ? -7.386  -21.229 0.217   1.00 15.50 ? 147 ASN A CA  1 
ATOM   967  C  C   . ASN A 1 147 ? -6.175  -21.878 0.901   1.00 15.64 ? 147 ASN A C   1 
ATOM   968  O  O   . ASN A 1 147 ? -5.355  -22.452 0.168   1.00 17.83 ? 147 ASN A O   1 
ATOM   969  C  CB  . ASN A 1 147 ? -8.533  -22.220 0.119   1.00 16.25 ? 147 ASN A CB  1 
ATOM   970  C  CG  . ASN A 1 147 ? -8.903  -22.792 1.463   1.00 16.54 ? 147 ASN A CG  1 
ATOM   971  O  OD1 . ASN A 1 147 ? -8.344  -23.788 1.905   1.00 16.41 ? 147 ASN A OD1 1 
ATOM   972  N  ND2 . ASN A 1 147 ? -9.865  -22.167 2.107   1.00 18.31 ? 147 ASN A ND2 1 
ATOM   973  N  N   . THR A 1 149 ? -5.665  -21.694 5.499   1.00 27.66 ? 149 THR A N   1 
ATOM   974  C  CA  . THR A 1 149 ? -6.794  -21.060 4.760   1.00 27.43 ? 149 THR A CA  1 
ATOM   975  C  C   . THR A 1 149 ? -6.651  -19.522 4.745   1.00 25.33 ? 149 THR A C   1 
ATOM   976  O  O   . THR A 1 149 ? -6.555  -18.956 3.631   1.00 24.87 ? 149 THR A O   1 
ATOM   977  C  CB  . THR A 1 149 ? -8.143  -21.541 5.311   1.00 31.81 ? 149 THR A CB  1 
ATOM   978  O  OG1 . THR A 1 149 ? -8.344  -22.917 4.988   1.00 40.38 ? 149 THR A OG1 1 
ATOM   979  C  CG2 . THR A 1 149 ? -9.310  -20.782 4.731   1.00 34.40 ? 149 THR A CG2 1 
ATOM   980  N  N   . ASN A 1 150 ? -6.686  -18.844 5.896   1.00 21.32 ? 150 ASN A N   1 
ATOM   981  C  CA  . ASN A 1 150 ? -6.597  -17.363 5.928   1.00 19.34 ? 150 ASN A CA  1 
ATOM   982  C  C   . ASN A 1 150 ? -5.245  -16.904 5.362   1.00 15.85 ? 150 ASN A C   1 
ATOM   983  O  O   . ASN A 1 150 ? -4.198  -17.499 5.688   1.00 14.55 ? 150 ASN A O   1 
ATOM   984  C  CB  . ASN A 1 150 ? -6.826  -16.780 7.317   1.00 21.66 ? 150 ASN A CB  1 
ATOM   985  C  CG  . ASN A 1 150 ? -8.278  -16.444 7.577   1.00 22.97 ? 150 ASN A CG  1 
ATOM   986  O  OD1 . ASN A 1 150 ? -8.621  -15.293 7.838   1.00 28.86 ? 150 ASN A OD1 1 
ATOM   987  N  ND2 . ASN A 1 150 ? -9.139  -17.433 7.527   1.00 23.10 ? 150 ASN A ND2 1 
ATOM   988  N  N   . THR A 1 151 ? -5.264  -15.858 4.544   1.00 13.26 ? 151 THR A N   1 
ATOM   989  C  CA  . THR A 1 151 ? -4.032  -15.145 4.114   1.00 12.74 ? 151 THR A CA  1 
ATOM   990  C  C   . THR A 1 151 ? -3.811  -13.949 5.043   1.00 12.22 ? 151 THR A C   1 
ATOM   991  O  O   . THR A 1 151 ? -4.774  -13.181 5.319   1.00 11.86 ? 151 THR A O   1 
ATOM   992  C  CB  . THR A 1 151 ? -4.110  -14.693 2.656   1.00 12.31 ? 151 THR A CB  1 
ATOM   993  O  OG1 . THR A 1 151 ? -4.255  -15.829 1.800   1.00 12.11 ? 151 THR A OG1 1 
ATOM   994  C  CG2 . THR A 1 151 ? -2.892  -13.898 2.253   1.00 12.62 ? 151 THR A CG2 1 
ATOM   995  N  N   . THR A 1 152 ? -2.596  -13.780 5.545   1.00 11.67 ? 152 THR A N   1 
ATOM   996  C  CA  . THR A 1 152 ? -2.245  -12.481 6.174   1.00 11.86 ? 152 THR A CA  1 
ATOM   997  C  C   . THR A 1 152 ? -0.921  -11.981 5.622   1.00 11.06 ? 152 THR A C   1 
ATOM   998  O  O   . THR A 1 152 ? 0.000   -12.773 5.301   1.00 9.92  ? 152 THR A O   1 
ATOM   999  C  CB  . THR A 1 152 ? -2.437  -12.404 7.700   1.00 12.90 ? 152 THR A CB  1 
ATOM   1000 O  OG1 . THR A 1 152 ? -1.357  -11.722 8.360   1.00 14.30 ? 152 THR A OG1 1 
ATOM   1001 C  CG2 . THR A 1 152 ? -2.733  -13.731 8.339   1.00 12.19 ? 152 THR A CG2 1 
ATOM   1002 N  N   . VAL A 1 153 ? -0.927  -10.679 5.417   1.00 10.32 ? 153 VAL A N   1 
ATOM   1003 C  CA  . VAL A 1 153 ? 0.225   -9.930  4.887   1.00 9.54  ? 153 VAL A CA  1 
ATOM   1004 C  C   . VAL A 1 153 ? 0.620   -8.922  5.943   1.00 9.20  ? 153 VAL A C   1 
ATOM   1005 O  O   . VAL A 1 153 ? -0.261  -8.353  6.630   1.00 8.73  ? 153 VAL A O   1 
ATOM   1006 C  CB  . VAL A 1 153 ? -0.104  -9.246  3.552   1.00 9.86  ? 153 VAL A CB  1 
ATOM   1007 C  CG1 . VAL A 1 153 ? -0.525  -10.246 2.501   1.00 9.85  ? 153 VAL A CG1 1 
ATOM   1008 C  CG2 . VAL A 1 153 ? -1.158  -8.144  3.702   1.00 9.70  ? 153 VAL A CG2 1 
ATOM   1009 N  N   . GLN A 1 154 ? 1.915   -8.704  6.018   1.00 9.42  ? 154 GLN A N   1 
ATOM   1010 C  CA  . GLN A 1 154 ? 2.554   -7.680  6.860   1.00 9.78  ? 154 GLN A CA  1 
ATOM   1011 C  C   . GLN A 1 154 ? 2.913   -6.530  5.949   1.00 9.50  ? 154 GLN A C   1 
ATOM   1012 O  O   . GLN A 1 154 ? 3.575   -6.774  4.949   1.00 9.35  ? 154 GLN A O   1 
ATOM   1013 C  CB  . GLN A 1 154 ? 3.820   -8.241  7.482   1.00 9.99  ? 154 GLN A CB  1 
ATOM   1014 C  CG  . GLN A 1 154 ? 4.623   -7.234  8.290   1.00 10.25 ? 154 GLN A CG  1 
ATOM   1015 C  CD  . GLN A 1 154 ? 5.828   -7.867  8.946   1.00 10.47 ? 154 GLN A CD  1 
ATOM   1016 O  OE1 . GLN A 1 154 ? 5.930   -9.084  9.106   1.00 10.56 ? 154 GLN A OE1 1 
ATOM   1017 N  NE2 . GLN A 1 154 ? 6.731   -7.023  9.395   1.00 11.25 ? 154 GLN A NE2 1 
ATOM   1018 N  N   . ALA A 1 155 ? 2.535   -5.318  6.321   1.00 9.40  ? 155 ALA A N   1 
ATOM   1019 C  CA  . ALA A 1 155 ? 2.893   -4.130  5.527   1.00 9.81  ? 155 ALA A CA  1 
ATOM   1020 C  C   . ALA A 1 155 ? 3.793   -3.262  6.384   1.00 10.28 ? 155 ALA A C   1 
ATOM   1021 O  O   . ALA A 1 155 ? 3.405   -2.949  7.514   1.00 9.42  ? 155 ALA A O   1 
ATOM   1022 C  CB  . ALA A 1 155 ? 1.663   -3.420  5.046   1.00 9.66  ? 155 ALA A CB  1 
ATOM   1023 N  N   . ASP A 1 156 ? 4.974   -2.935  5.853   1.00 11.79 ? 156 ASP A N   1 
ATOM   1024 C  CA  . ASP A 1 156 ? 5.960   -2.044  6.515   1.00 12.22 ? 156 ASP A CA  1 
ATOM   1025 C  C   . ASP A 1 156 ? 6.123   -0.773  5.687   1.00 12.31 ? 156 ASP A C   1 
ATOM   1026 O  O   . ASP A 1 156 ? 6.285   -0.856  4.439   1.00 11.32 ? 156 ASP A O   1 
ATOM   1027 C  CB  . ASP A 1 156 ? 7.330   -2.703  6.664   1.00 14.09 ? 156 ASP A CB  1 
ATOM   1028 C  CG  . ASP A 1 156 ? 7.274   -4.116  7.215   1.00 16.20 ? 156 ASP A CG  1 
ATOM   1029 O  OD1 . ASP A 1 156 ? 6.687   -4.325  8.302   1.00 15.39 ? 156 ASP A OD1 1 
ATOM   1030 O  OD2 . ASP A 1 156 ? 7.853   -5.001  6.557   1.00 18.27 ? 156 ASP A OD2 1 
ATOM   1031 N  N   . ALA A 1 157 ? 6.068   0.371   6.364   1.00 12.31 ? 157 ALA A N   1 
ATOM   1032 C  CA  . ALA A 1 157 ? 6.262   1.705   5.769   1.00 12.37 ? 157 ALA A CA  1 
ATOM   1033 C  C   . ALA A 1 157 ? 7.528   2.316   6.370   1.00 12.83 ? 157 ALA A C   1 
ATOM   1034 O  O   . ALA A 1 157 ? 7.738   2.259   7.602   1.00 10.51 ? 157 ALA A O   1 
ATOM   1035 C  CB  . ALA A 1 157 ? 5.057   2.573   6.024   1.00 12.49 ? 157 ALA A CB  1 
ATOM   1036 N  N   . THR A 1 158 ? 8.327   2.930   5.515   1.00 13.55 ? 158 THR A N   1 
ATOM   1037 C  CA  . THR A 1 158 ? 9.544   3.639   5.950   1.00 14.09 ? 158 THR A CA  1 
ATOM   1038 C  C   . THR A 1 158 ? 9.784   4.840   5.053   1.00 13.04 ? 158 THR A C   1 
ATOM   1039 O  O   . THR A 1 158 ? 9.214   4.906   3.944   1.00 12.03 ? 158 THR A O   1 
ATOM   1040 C  CB  . THR A 1 158 ? 10.756  2.706   5.897   1.00 15.99 ? 158 THR A CB  1 
ATOM   1041 O  OG1 . THR A 1 158 ? 11.836  3.393   6.519   1.00 19.97 ? 158 THR A OG1 1 
ATOM   1042 C  CG2 . THR A 1 158 ? 11.094  2.322   4.476   1.00 16.14 ? 158 THR A CG2 1 
ATOM   1043 N  N   . SER A 1 159 ? 10.597  5.761   5.551   1.00 11.70 ? 159 SER A N   1 
ATOM   1044 C  CA  . SER A 1 159 ? 11.257  6.814   4.754   1.00 11.51 ? 159 SER A CA  1 
ATOM   1045 C  C   . SER A 1 159 ? 12.678  7.022   5.276   1.00 11.51 ? 159 SER A C   1 
ATOM   1046 O  O   . SER A 1 159 ? 13.026  6.558   6.403   1.00 10.50 ? 159 SER A O   1 
ATOM   1047 C  CB  . SER A 1 159 ? 10.474  8.111   4.797   1.00 11.63 ? 159 SER A CB  1 
ATOM   1048 O  OG  . SER A 1 159 ? 10.549  8.687   6.084   1.00 11.14 ? 159 SER A OG  1 
ATOM   1049 N  N   . THR A 1 160 ? 13.465  7.752   4.503   1.00 11.72 ? 160 THR A N   1 
ATOM   1050 C  CA  . THR A 1 160 ? 14.827  8.179   4.902   1.00 12.31 ? 160 THR A CA  1 
ATOM   1051 C  C   . THR A 1 160 ? 14.767  8.876   6.270   1.00 12.84 ? 160 THR A C   1 
ATOM   1052 O  O   . THR A 1 160 ? 15.497  8.463   7.204   1.00 13.04 ? 160 THR A O   1 
ATOM   1053 C  CB  . THR A 1 160 ? 15.434  9.075   3.824   1.00 12.64 ? 160 THR A CB  1 
ATOM   1054 O  OG1 . THR A 1 160 ? 15.551  8.323   2.615   1.00 13.16 ? 160 THR A OG1 1 
ATOM   1055 C  CG2 . THR A 1 160 ? 16.799  9.599   4.216   1.00 12.51 ? 160 THR A CG2 1 
ATOM   1056 N  N   . GLU A 1 161 ? 13.910  9.891   6.391   1.00 12.82 ? 161 GLU A N   1 
ATOM   1057 C  CA  . GLU A 1 161 ? 13.945  10.867  7.510   1.00 13.17 ? 161 GLU A CA  1 
ATOM   1058 C  C   . GLU A 1 161 ? 13.205  10.346  8.740   1.00 13.49 ? 161 GLU A C   1 
ATOM   1059 O  O   . GLU A 1 161 ? 13.383  10.920  9.813   1.00 13.62 ? 161 GLU A O   1 
ATOM   1060 C  CB  . GLU A 1 161 ? 13.319  12.187  7.061   1.00 12.73 ? 161 GLU A CB  1 
ATOM   1061 C  CG  . GLU A 1 161 ? 14.073  12.868  5.929   1.00 12.27 ? 161 GLU A CG  1 
ATOM   1062 C  CD  . GLU A 1 161 ? 13.684  12.406  4.533   1.00 12.59 ? 161 GLU A CD  1 
ATOM   1063 O  OE1 . GLU A 1 161 ? 12.774  11.532  4.394   1.00 12.31 ? 161 GLU A OE1 1 
ATOM   1064 O  OE2 . GLU A 1 161 ? 14.275  12.894  3.590   1.00 12.32 ? 161 GLU A OE2 1 
ATOM   1065 N  N   . ALA A 1 162 ? 12.346  9.335   8.603   1.00 15.19 ? 162 ALA A N   1 
ATOM   1066 C  CA  . ALA A 1 162 ? 11.419  8.947   9.692   1.00 15.79 ? 162 ALA A CA  1 
ATOM   1067 C  C   . ALA A 1 162 ? 11.931  7.692   10.394  1.00 18.27 ? 162 ALA A C   1 
ATOM   1068 O  O   . ALA A 1 162 ? 12.508  6.817   9.747   1.00 17.38 ? 162 ALA A O   1 
ATOM   1069 C  CB  . ALA A 1 162 ? 10.010  8.784   9.189   1.00 15.86 ? 162 ALA A CB  1 
ATOM   1070 N  N   . PRO A 1 163 ? 11.740  7.590   11.741  1.00 21.32 ? 163 PRO A N   1 
ATOM   1071 C  CA  . PRO A 1 163 ? 12.193  6.434   12.530  1.00 23.41 ? 163 PRO A CA  1 
ATOM   1072 C  C   . PRO A 1 163 ? 11.458  5.111   12.268  1.00 23.61 ? 163 PRO A C   1 
ATOM   1073 O  O   . PRO A 1 163 ? 11.020  4.479   13.222  1.00 24.65 ? 163 PRO A O   1 
ATOM   1074 C  CB  . PRO A 1 163 ? 11.907  6.843   13.986  1.00 24.34 ? 163 PRO A CB  1 
ATOM   1075 C  CG  . PRO A 1 163 ? 11.796  8.349   13.940  1.00 24.48 ? 163 PRO A CG  1 
ATOM   1076 C  CD  . PRO A 1 163 ? 11.156  8.635   12.595  1.00 22.20 ? 163 PRO A CD  1 
ATOM   1077 N  N   . GLY A 1 164 ? 11.364  4.686   11.007  1.00 21.28 ? 164 GLY A N   1 
ATOM   1078 C  CA  . GLY A 1 164 ? 10.618  3.477   10.608  1.00 20.30 ? 164 GLY A CA  1 
ATOM   1079 C  C   . GLY A 1 164 ? 11.335  2.205   11.053  1.00 19.76 ? 164 GLY A C   1 
ATOM   1080 O  O   . GLY A 1 164 ? 12.358  2.277   11.724  1.00 20.00 ? 164 GLY A O   1 
ATOM   1081 N  N   . PRO A 1 165 ? 10.803  0.996   10.766  1.00 19.53 ? 165 PRO A N   1 
ATOM   1082 C  CA  . PRO A 1 165 ? 9.519   0.837   10.087  1.00 17.73 ? 165 PRO A CA  1 
ATOM   1083 C  C   . PRO A 1 165 ? 8.274   0.955   10.983  1.00 15.60 ? 165 PRO A C   1 
ATOM   1084 O  O   . PRO A 1 165 ? 8.348   0.907   12.201  1.00 15.56 ? 165 PRO A O   1 
ATOM   1085 C  CB  . PRO A 1 165 ? 9.622   -0.581  9.510   1.00 18.45 ? 165 PRO A CB  1 
ATOM   1086 C  CG  . PRO A 1 165 ? 10.444  -1.325  10.554  1.00 20.11 ? 165 PRO A CG  1 
ATOM   1087 C  CD  . PRO A 1 165 ? 11.435  -0.300  11.064  1.00 19.71 ? 165 PRO A CD  1 
ATOM   1088 N  N   . TYR A 1 166 ? 7.150   1.160   10.311  1.00 13.45 ? 166 TYR A N   1 
ATOM   1089 C  CA  . TYR A 1 166 ? 5.776   1.198   10.847  1.00 12.40 ? 166 TYR A CA  1 
ATOM   1090 C  C   . TYR A 1 166 ? 5.068   0.003   10.208  1.00 12.07 ? 166 TYR A C   1 
ATOM   1091 O  O   . TYR A 1 166 ? 5.153   -0.160  8.973   1.00 11.42 ? 166 TYR A O   1 
ATOM   1092 C  CB  . TYR A 1 166 ? 5.134   2.549   10.525  1.00 12.35 ? 166 TYR A CB  1 
ATOM   1093 C  CG  . TYR A 1 166 ? 5.942   3.755   10.959  1.00 11.72 ? 166 TYR A CG  1 
ATOM   1094 C  CD1 . TYR A 1 166 ? 5.777   4.307   12.211  1.00 11.15 ? 166 TYR A CD1 1 
ATOM   1095 C  CD2 . TYR A 1 166 ? 6.851   4.359   10.103  1.00 11.17 ? 166 TYR A CD2 1 
ATOM   1096 C  CE1 . TYR A 1 166 ? 6.503   5.419   12.618  1.00 11.45 ? 166 TYR A CE1 1 
ATOM   1097 C  CE2 . TYR A 1 166 ? 7.574   5.479   10.484  1.00 11.10 ? 166 TYR A CE2 1 
ATOM   1098 C  CZ  . TYR A 1 166 ? 7.411   6.004   11.755  1.00 11.07 ? 166 TYR A CZ  1 
ATOM   1099 O  OH  . TYR A 1 166 ? 8.109   7.111   12.158  1.00 10.83 ? 166 TYR A OH  1 
ATOM   1100 N  N   . THR A 1 167 ? 4.445   -0.832  11.031  1.00 11.34 ? 167 THR A N   1 
ATOM   1101 C  CA  . THR A 1 167 ? 4.019   -2.185  10.625  1.00 11.37 ? 167 THR A CA  1 
ATOM   1102 C  C   . THR A 1 167 ? 2.544   -2.415  10.965  1.00 10.79 ? 167 THR A C   1 
ATOM   1103 O  O   . THR A 1 167 ? 2.134   -2.192  12.121  1.00 10.55 ? 167 THR A O   1 
ATOM   1104 C  CB  . THR A 1 167 ? 4.945   -3.231  11.246  1.00 11.64 ? 167 THR A CB  1 
ATOM   1105 O  OG1 . THR A 1 167 ? 6.269   -3.037  10.734  1.00 12.00 ? 167 THR A OG1 1 
ATOM   1106 C  CG2 . THR A 1 167 ? 4.504   -4.636  10.916  1.00 11.88 ? 167 THR A CG2 1 
ATOM   1107 N  N   . VAL A 1 168 ? 1.796   -2.922  9.993   1.00 10.22 ? 168 VAL A N   1 
ATOM   1108 C  CA  . VAL A 1 168 ? 0.447   -3.500  10.242  1.00 9.52  ? 168 VAL A CA  1 
ATOM   1109 C  C   . VAL A 1 168 ? 0.392   -4.898  9.647   1.00 9.26  ? 168 VAL A C   1 
ATOM   1110 O  O   . VAL A 1 168 ? 1.245   -5.257  8.834   1.00 8.70  ? 168 VAL A O   1 
ATOM   1111 C  CB  . VAL A 1 168 ? -0.677  -2.619  9.680   1.00 9.68  ? 168 VAL A CB  1 
ATOM   1112 C  CG1 . VAL A 1 168 ? -0.758  -1.301  10.433  1.00 9.32  ? 168 VAL A CG1 1 
ATOM   1113 C  CG2 . VAL A 1 168 ? -0.551  -2.425  8.174   1.00 9.34  ? 168 VAL A CG2 1 
ATOM   1114 N  N   . PHE A 1 169 ? -0.602  -5.655  10.079  1.00 9.31  ? 169 PHE A N   1 
ATOM   1115 C  CA  . PHE A 1 169 ? -0.995  -6.962  9.519   1.00 9.21  ? 169 PHE A CA  1 
ATOM   1116 C  C   . PHE A 1 169 ? -2.481  -6.917  9.164   1.00 8.77  ? 169 PHE A C   1 
ATOM   1117 O  O   . PHE A 1 169 ? -3.298  -6.588  10.026  1.00 8.07  ? 169 PHE A O   1 
ATOM   1118 C  CB  . PHE A 1 169 ? -0.736  -8.074  10.530  1.00 9.88  ? 169 PHE A CB  1 
ATOM   1119 C  CG  . PHE A 1 169 ? 0.710   -8.335  10.826  1.00 10.41 ? 169 PHE A CG  1 
ATOM   1120 C  CD1 . PHE A 1 169 ? 1.397   -7.563  11.747  1.00 11.27 ? 169 PHE A CD1 1 
ATOM   1121 C  CD2 . PHE A 1 169 ? 1.379   -9.367  10.191  1.00 11.04 ? 169 PHE A CD2 1 
ATOM   1122 C  CE1 . PHE A 1 169 ? 2.729   -7.834  12.030  1.00 11.85 ? 169 PHE A CE1 1 
ATOM   1123 C  CE2 . PHE A 1 169 ? 2.704   -9.641  10.484  1.00 11.56 ? 169 PHE A CE2 1 
ATOM   1124 C  CZ  . PHE A 1 169 ? 3.390   -8.854  11.376  1.00 11.90 ? 169 PHE A CZ  1 
ATOM   1125 N  N   . GLU A 1 170 ? -2.811  -7.282  7.923   1.00 8.39  ? 170 GLU A N   1 
ATOM   1126 C  CA  . GLU A 1 170 ? -4.194  -7.408  7.423   1.00 8.23  ? 170 GLU A CA  1 
ATOM   1127 C  C   . GLU A 1 170 ? -4.409  -8.866  7.055   1.00 8.60  ? 170 GLU A C   1 
ATOM   1128 O  O   . GLU A 1 170 ? -3.455  -9.526  6.606   1.00 9.01  ? 170 GLU A O   1 
ATOM   1129 C  CB  . GLU A 1 170 ? -4.437  -6.489  6.233   1.00 8.17  ? 170 GLU A CB  1 
ATOM   1130 C  CG  . GLU A 1 170 ? -5.854  -6.542  5.694   1.00 8.24  ? 170 GLU A CG  1 
ATOM   1131 C  CD  . GLU A 1 170 ? -6.908  -6.145  6.729   1.00 8.51  ? 170 GLU A CD  1 
ATOM   1132 O  OE1 . GLU A 1 170 ? -6.792  -5.026  7.322   1.00 7.89  ? 170 GLU A OE1 1 
ATOM   1133 O  OE2 . GLU A 1 170 ? -7.838  -6.960  6.948   1.00 8.64  ? 170 GLU A OE2 1 
ATOM   1134 N  N   . THR A 1 171 ? -5.621  -9.352  7.270   1.00 8.79  ? 171 THR A N   1 
ATOM   1135 C  CA  . THR A 1 171 ? -5.960  -10.785 7.117   1.00 9.21  ? 171 THR A CA  1 
ATOM   1136 C  C   . THR A 1 171 ? -7.243  -10.922 6.309   1.00 9.02  ? 171 THR A C   1 
ATOM   1137 O  O   . THR A 1 171 ? -8.200  -10.158 6.520   1.00 8.54  ? 171 THR A O   1 
ATOM   1138 C  CB  . THR A 1 171 ? -6.061  -11.515 8.460   1.00 9.36  ? 171 THR A CB  1 
ATOM   1139 O  OG1 . THR A 1 171 ? -4.856  -11.259 9.192   1.00 10.42 ? 171 THR A OG1 1 
ATOM   1140 C  CG2 . THR A 1 171 ? -6.236  -12.999 8.282   1.00 9.07  ? 171 THR A CG2 1 
ATOM   1141 N  N   . THR A 1 172 ? -7.224  -11.903 5.422   1.00 9.16  ? 172 THR A N   1 
ATOM   1142 C  CA  . THR A 1 172 ? -8.293  -12.191 4.448   1.00 9.10  ? 172 THR A CA  1 
ATOM   1143 C  C   . THR A 1 172 ? -8.691  -13.649 4.623   1.00 9.85  ? 172 THR A C   1 
ATOM   1144 O  O   . THR A 1 172 ? -7.788  -14.515 4.591   1.00 9.56  ? 172 THR A O   1 
ATOM   1145 C  CB  . THR A 1 172 ? -7.794  -11.960 3.016   1.00 9.02  ? 172 THR A CB  1 
ATOM   1146 O  OG1 . THR A 1 172 ? -6.954  -10.801 2.954   1.00 8.26  ? 172 THR A OG1 1 
ATOM   1147 C  CG2 . THR A 1 172 ? -8.948  -11.836 2.045   1.00 9.10  ? 172 THR A CG2 1 
ATOM   1148 N  N   . THR A 1 173 ? -9.985  -13.909 4.789   1.00 10.27 ? 173 THR A N   1 
ATOM   1149 C  CA  . THR A 1 173 ? -10.524 -15.280 4.858   1.00 10.79 ? 173 THR A CA  1 
ATOM   1150 C  C   . THR A 1 173 ? -10.816 -15.708 3.428   1.00 10.65 ? 173 THR A C   1 
ATOM   1151 O  O   . THR A 1 173 ? -11.463 -14.968 2.710   1.00 9.58  ? 173 THR A O   1 
ATOM   1152 C  CB  . THR A 1 173 ? -11.742 -15.420 5.779   1.00 12.13 ? 173 THR A CB  1 
ATOM   1153 O  OG1 . THR A 1 173 ? -12.905 -15.066 5.039   1.00 15.98 ? 173 THR A OG1 1 
ATOM   1154 C  CG2 . THR A 1 173 ? -11.642 -14.554 7.010   1.00 11.23 ? 173 THR A CG2 1 
ATOM   1155 N  N   . ILE A 1 174 ? -10.301 -16.875 3.045   1.00 10.44 ? 174 ILE A N   1 
ATOM   1156 C  CA  . ILE A 1 174 ? -10.414 -17.400 1.657   1.00 10.85 ? 174 ILE A CA  1 
ATOM   1157 C  C   . ILE A 1 174 ? -11.327 -18.624 1.710   1.00 11.01 ? 174 ILE A C   1 
ATOM   1158 O  O   . ILE A 1 174 ? -11.007 -19.568 2.444   1.00 10.15 ? 174 ILE A O   1 
ATOM   1159 C  CB  . ILE A 1 174 ? -9.046  -17.778 1.059   1.00 11.05 ? 174 ILE A CB  1 
ATOM   1160 C  CG1 . ILE A 1 174 ? -7.956  -16.737 1.331   1.00 10.93 ? 174 ILE A CG1 1 
ATOM   1161 C  CG2 . ILE A 1 174 ? -9.219  -18.086 -0.426  1.00 11.55 ? 174 ILE A CG2 1 
ATOM   1162 C  CD1 . ILE A 1 174 ? -8.151  -15.385 0.690   1.00 10.84 ? 174 ILE A CD1 1 
ATOM   1163 N  N   . ILE A 1 175 ? -12.413 -18.605 0.952   1.00 12.28 ? 175 ILE A N   1 
ATOM   1164 C  CA  . ILE A 1 175 ? -13.395 -19.726 0.886   1.00 13.75 ? 175 ILE A CA  1 
ATOM   1165 C  C   . ILE A 1 175 ? -12.839 -20.794 -0.046  1.00 15.31 ? 175 ILE A C   1 
ATOM   1166 O  O   . ILE A 1 175 ? -12.546 -20.493 -1.198  1.00 15.47 ? 175 ILE A O   1 
ATOM   1167 C  CB  . ILE A 1 175 ? -14.767 -19.249 0.369   1.00 13.97 ? 175 ILE A CB  1 
ATOM   1168 C  CG1 . ILE A 1 175 ? -15.248 -17.969 1.064   1.00 13.88 ? 175 ILE A CG1 1 
ATOM   1169 C  CG2 . ILE A 1 175 ? -15.782 -20.370 0.473   1.00 13.70 ? 175 ILE A CG2 1 
ATOM   1170 C  CD1 . ILE A 1 175 ? -15.396 -18.085 2.559   1.00 13.50 ? 175 ILE A CD1 1 
ATOM   1171 N  N   . PRO A 1 176 ? -12.764 -22.077 0.374   1.00 17.69 ? 176 PRO A N   1 
ATOM   1172 C  CA  . PRO A 1 176 ? -12.224 -23.128 -0.490  1.00 18.49 ? 176 PRO A CA  1 
ATOM   1173 C  C   . PRO A 1 176 ? -13.165 -23.412 -1.668  1.00 20.99 ? 176 PRO A C   1 
ATOM   1174 O  O   . PRO A 1 176 ? -12.734 -23.951 -2.698  1.00 24.24 ? 176 PRO A O   1 
ATOM   1175 C  CB  . PRO A 1 176 ? -12.120 -24.337 0.439   1.00 18.61 ? 176 PRO A CB  1 
ATOM   1176 C  CG  . PRO A 1 176 ? -13.215 -24.113 1.457   1.00 18.11 ? 176 PRO A CG  1 
ATOM   1177 C  CD  . PRO A 1 176 ? -13.254 -22.607 1.656   1.00 18.08 ? 176 PRO A CD  1 
ATOM   1178 O  OXT . PRO A 1 176 ? -14.366 -23.111 -1.618  1.00 20.01 ? 176 PRO A OXT 1 
HETATM 1179 CA CA  . CA  B 2 .   ? -7.238  15.669  0.703   1.00 10.72 2 201 CA  A CA  1 
HETATM 1180 CA CA  . CA  C 2 .   ? -9.455  -8.353  6.023   1.00 7.94  2 202 CA  A CA  1 
HETATM 1181 HG HG1 . 72I D 3 .   ? 11.523  -2.337  5.836   0.50 25.96 ? 203 72I A HG1 1 
HETATM 1182 I  I1  . 72I D 3 .   ? 9.742   -0.523  4.722   0.50 21.02 ? 203 72I A I1  1 
HETATM 1183 I  I2  . 72I D 3 .   ? 12.488  -3.954  3.817   0.50 22.90 ? 203 72I A I2  1 
HETATM 1184 I  I3  . 72I D 3 .   ? 10.637  -4.055  7.788   0.50 31.01 ? 203 72I A I3  1 
HETATM 1185 I  I4  . 72I D 3 .   ? 13.760  -1.111  7.011   0.50 27.06 ? 203 72I A I4  1 
HETATM 1186 HG HG1 . 72I E 3 .   ? -4.998  21.551  -1.080  0.80 15.07 ? 204 72I A HG1 1 
HETATM 1187 I  I1  . 72I E 3 .   ? -2.514  20.690  -2.064  0.80 14.77 ? 204 72I A I1  1 
HETATM 1188 I  I2  . 72I E 3 .   ? -5.346  22.833  1.361   0.80 17.05 ? 204 72I A I2  1 
HETATM 1189 I  I3  . 72I E 3 .   ? -6.795  22.158  -2.992  0.80 18.70 ? 204 72I A I3  1 
HETATM 1190 HG HG1 . 72I F 3 .   ? 16.248  1.398   -7.727  0.70 16.34 ? 205 72I A HG1 1 
HETATM 1191 I  I1  . 72I F 3 .   ? 15.153  -1.150  -7.895  0.70 16.68 ? 205 72I A I1  1 
HETATM 1192 I  I2  . 72I F 3 .   ? 16.112  2.528   -10.234 0.70 24.16 ? 205 72I A I2  1 
HETATM 1193 I  I3  . 72I F 3 .   ? 14.963  3.172   -6.019  0.70 19.35 ? 205 72I A I3  1 
HETATM 1194 I  I4  . 72I F 3 .   ? 18.919  1.299   -7.053  0.70 17.59 ? 205 72I A I4  1 
HETATM 1195 HG HG1 A 72I G 3 .   ? 7.444   22.673  1.741   0.50 20.03 ? 206 72I A HG1 1 
HETATM 1196 HG HG1 B 72I G 3 .   ? 8.377   22.535  1.144   0.50 36.97 ? 206 72I A HG1 1 
HETATM 1197 I  I1  A 72I G 3 .   ? 6.988   22.348  4.395   0.50 15.54 ? 206 72I A I1  1 
HETATM 1198 I  I1  B 72I G 3 .   ? 7.591   21.644  3.634   0.50 31.13 ? 206 72I A I1  1 
HETATM 1199 I  I2  A 72I G 3 .   ? 10.243  23.020  1.211   0.50 16.24 ? 206 72I A I2  1 
HETATM 1200 I  I2  B 72I G 3 .   ? 11.088  22.157  0.993   0.50 39.77 ? 206 72I A I2  1 
HETATM 1201 I  I3  A 72I G 3 .   ? 6.294   25.026  1.076   0.50 21.75 ? 206 72I A I3  1 
HETATM 1202 I  I3  B 72I G 3 .   ? 7.662   25.115  0.524   0.50 29.87 ? 206 72I A I3  1 
HETATM 1203 I  I4  A 72I G 3 .   ? 6.510   20.477  0.418   0.50 14.28 ? 206 72I A I4  1 
HETATM 1204 I  I4  B 72I G 3 .   ? 6.922   20.847  -0.561  0.50 44.50 ? 206 72I A I4  1 
HETATM 1205 HG HG1 . 72I H 3 .   ? 6.914   1.743   -15.366 0.50 48.26 ? 207 72I A HG1 1 
HETATM 1206 I  I1  . 72I H 3 .   ? 6.042   1.730   -12.704 0.50 31.02 ? 207 72I A I1  1 
HETATM 1207 I  I2  . 72I H 3 .   ? 5.012   2.141   -17.296 0.50 40.33 ? 207 72I A I2  1 
HETATM 1208 I  I3  . 72I H 3 .   ? 8.763   -0.250  -15.850 0.50 45.34 ? 207 72I A I3  1 
HETATM 1209 O  O   . HOH I 4 .   ? 1.703   20.527  7.646   1.00 19.08 ? 301 HOH A O   1 
HETATM 1210 O  O   . HOH I 4 .   ? 3.404   12.092  -7.336  1.00 13.60 ? 302 HOH A O   1 
HETATM 1211 O  O   . HOH I 4 .   ? -0.618  -20.452 -3.283  1.00 7.39  ? 303 HOH A O   1 
HETATM 1212 O  O   . HOH I 4 .   ? 7.702   8.319   14.225  1.00 6.89  ? 304 HOH A O   1 
HETATM 1213 O  O   . HOH I 4 .   ? 8.416   -7.904  0.545   1.00 14.54 ? 305 HOH A O   1 
HETATM 1214 O  O   . HOH I 4 .   ? -4.731  -18.328 2.099   1.00 7.60  ? 306 HOH A O   1 
HETATM 1215 O  O   . HOH I 4 .   ? -12.543 -9.160  -5.459  1.00 13.16 ? 307 HOH A O   1 
HETATM 1216 O  O   . HOH I 4 .   ? 14.547  -5.727  -1.945  1.00 11.68 ? 308 HOH A O   1 
HETATM 1217 O  O   . HOH I 4 .   ? -8.060  6.611   1.829   1.00 12.23 ? 309 HOH A O   1 
HETATM 1218 O  O   . HOH I 4 .   ? 12.292  10.210  -2.702  1.00 15.06 ? 310 HOH A O   1 
HETATM 1219 O  O   . HOH I 4 .   ? -7.601  3.046   -4.393  1.00 11.96 ? 311 HOH A O   1 
HETATM 1220 O  O   . HOH I 4 .   ? -11.465 16.850  -4.410  1.00 12.49 ? 312 HOH A O   1 
HETATM 1221 O  O   . HOH I 4 .   ? 2.669   -12.504 -9.215  1.00 7.23  ? 313 HOH A O   1 
HETATM 1222 O  O   . HOH I 4 .   ? -7.035  -14.708 -9.003  1.00 7.75  ? 314 HOH A O   1 
HETATM 1223 O  O   . HOH I 4 .   ? 9.205   9.576   -1.239  1.00 11.43 ? 315 HOH A O   1 
HETATM 1224 O  O   . HOH I 4 .   ? 16.835  11.725  0.603   1.00 14.16 ? 316 HOH A O   1 
HETATM 1225 O  O   . HOH I 4 .   ? 15.745  18.963  14.199  1.00 18.45 ? 317 HOH A O   1 
HETATM 1226 O  O   . HOH I 4 .   ? -0.342  15.045  10.666  1.00 17.01 ? 318 HOH A O   1 
HETATM 1227 O  O   . HOH I 4 .   ? 5.220   20.732  8.939   1.00 19.93 ? 319 HOH A O   1 
HETATM 1228 O  O   . HOH I 4 .   ? -14.513 -10.648 -3.677  1.00 11.67 ? 320 HOH A O   1 
HETATM 1229 O  O   . HOH I 4 .   ? -3.800  2.981   -5.027  1.00 7.24  ? 321 HOH A O   1 
HETATM 1230 O  O   . HOH I 4 .   ? -0.878  12.787  6.899   1.00 11.21 ? 322 HOH A O   1 
HETATM 1231 O  O   . HOH I 4 .   ? -17.736 -7.455  -2.248  1.00 11.65 ? 323 HOH A O   1 
HETATM 1232 O  O   . HOH I 4 .   ? -13.160 17.566  -1.428  1.00 15.72 ? 324 HOH A O   1 
HETATM 1233 O  O   . HOH I 4 .   ? -13.346 1.708   -2.926  1.00 17.70 ? 325 HOH A O   1 
HETATM 1234 O  O   . HOH I 4 .   ? -11.161 1.165   4.223   1.00 10.51 ? 326 HOH A O   1 
HETATM 1235 O  O   . HOH I 4 .   ? -14.082 -21.122 -5.480  1.00 13.32 ? 327 HOH A O   1 
HETATM 1236 O  O   . HOH I 4 .   ? -5.745  2.718   -11.776 1.00 23.33 ? 328 HOH A O   1 
HETATM 1237 O  O   . HOH I 4 .   ? -17.755 -2.701  4.168   1.00 9.05  ? 329 HOH A O   1 
HETATM 1238 O  O   . HOH I 4 .   ? -7.638  21.501  7.844   1.00 20.61 ? 330 HOH A O   1 
HETATM 1239 O  O   . HOH I 4 .   ? 6.924   15.132  5.450   1.00 4.37  ? 331 HOH A O   1 
HETATM 1240 O  O   . HOH I 4 .   ? -10.115 3.736   -4.767  1.00 11.20 ? 332 HOH A O   1 
HETATM 1241 O  O   . HOH I 4 .   ? -7.452  -16.824 -7.359  1.00 13.21 ? 333 HOH A O   1 
HETATM 1242 O  O   . HOH I 4 .   ? -17.223 -11.037 1.033   1.00 12.53 ? 334 HOH A O   1 
HETATM 1243 O  O   . HOH I 4 .   ? 4.566   14.452  -3.605  1.00 10.69 ? 335 HOH A O   1 
HETATM 1244 O  O   . HOH I 4 .   ? -12.797 -5.523  4.128   1.00 6.79  ? 336 HOH A O   1 
HETATM 1245 O  O   . HOH I 4 .   ? -10.786 8.089   -2.888  1.00 20.47 ? 337 HOH A O   1 
HETATM 1246 O  O   . HOH I 4 .   ? -8.076  6.671   5.767   1.00 6.78  ? 338 HOH A O   1 
HETATM 1247 O  O   . HOH I 4 .   ? -5.785  11.598  2.823   1.00 13.55 ? 339 HOH A O   1 
HETATM 1248 O  O   . HOH I 4 .   ? -11.998 -2.840  3.072   1.00 7.06  ? 340 HOH A O   1 
HETATM 1249 O  O   . HOH I 4 .   ? 9.844   23.137  8.591   1.00 16.83 ? 341 HOH A O   1 
HETATM 1250 O  O   . HOH I 4 .   ? -9.848  -3.286  -10.752 1.00 5.31  ? 342 HOH A O   1 
HETATM 1251 O  O   . HOH I 4 .   ? 3.370   15.416  -1.393  1.00 8.46  ? 343 HOH A O   1 
HETATM 1252 O  O   . HOH I 4 .   ? -8.729  11.135  0.346   1.00 11.68 ? 344 HOH A O   1 
HETATM 1253 O  O   . HOH I 4 .   ? -5.321  -3.991  3.473   1.00 6.61  ? 345 HOH A O   1 
HETATM 1254 O  O   . HOH I 4 .   ? -4.373  -13.022 -11.890 1.00 7.97  ? 346 HOH A O   1 
HETATM 1255 O  O   . HOH I 4 .   ? -6.056  -24.086 -2.384  1.00 13.67 ? 347 HOH A O   1 
HETATM 1256 O  O   . HOH I 4 .   ? 9.263   0.254   -11.710 1.00 14.06 ? 348 HOH A O   1 
HETATM 1257 O  O   . HOH I 4 .   ? -3.074  12.153  8.990   1.00 14.44 ? 349 HOH A O   1 
HETATM 1258 O  O   . HOH I 4 .   ? -1.305  -18.363 -7.238  1.00 5.87  ? 350 HOH A O   1 
HETATM 1259 O  O   . HOH I 4 .   ? -10.367 -11.950 7.563   1.00 9.41  ? 351 HOH A O   1 
HETATM 1260 O  O   . HOH I 4 .   ? 0.476   4.563   -14.467 1.00 7.92  ? 352 HOH A O   1 
HETATM 1261 O  O   . HOH I 4 .   ? -9.246  14.730  1.597   1.00 12.28 ? 353 HOH A O   1 
HETATM 1262 O  O   . HOH I 4 .   ? -9.886  3.064   -0.219  1.00 9.33  ? 354 HOH A O   1 
HETATM 1263 O  O   . HOH I 4 .   ? -12.044 -12.301 -10.211 1.00 27.14 ? 355 HOH A O   1 
HETATM 1264 O  O   . HOH I 4 .   ? 18.531  8.668   -1.585  1.00 0.59  ? 356 HOH A O   1 
HETATM 1265 O  O   . HOH I 4 .   ? 5.256   8.855   -16.180 1.00 4.93  ? 357 HOH A O   1 
HETATM 1266 O  O   . HOH I 4 .   ? -9.983  10.892  -2.065  1.00 3.32  ? 358 HOH A O   1 
HETATM 1267 O  O   . HOH I 4 .   ? 2.513   -20.231 -2.524  1.00 0.90  ? 359 HOH A O   1 
HETATM 1268 O  O   . HOH I 4 .   ? -15.452 -13.504 -3.956  1.00 3.10  ? 360 HOH A O   1 
HETATM 1269 O  O   . HOH I 4 .   ? -11.136 14.313  -0.670  1.00 11.47 ? 361 HOH A O   1 
HETATM 1270 O  O   . HOH I 4 .   ? 0.272   17.708  15.162  1.00 17.75 ? 362 HOH A O   1 
HETATM 1271 O  O   . HOH I 4 .   ? 2.906   -18.220 4.606   1.00 9.28  ? 363 HOH A O   1 
HETATM 1272 O  O   . HOH I 4 .   ? 9.613   15.903  -5.727  1.00 10.93 ? 364 HOH A O   1 
HETATM 1273 O  O   . HOH I 4 .   ? -10.295 6.110   -6.416  1.00 22.93 ? 365 HOH A O   1 
HETATM 1274 O  O   . HOH I 4 .   ? -6.089  -21.748 -7.220  1.00 16.36 ? 366 HOH A O   1 
HETATM 1275 O  O   . HOH I 4 .   ? 1.380   19.326  13.549  1.00 4.82  ? 367 HOH A O   1 
HETATM 1276 O  O   . HOH I 4 .   ? -3.725  -17.921 -8.889  1.00 19.16 ? 368 HOH A O   1 
HETATM 1277 O  O   . HOH I 4 .   ? -8.585  6.436   -10.480 1.00 10.65 ? 369 HOH A O   1 
HETATM 1278 O  O   . HOH I 4 .   ? -1.539  -12.411 12.441  1.00 3.55  ? 370 HOH A O   1 
HETATM 1279 O  O   . HOH I 4 .   ? -9.425  9.161   1.780   1.00 17.76 ? 371 HOH A O   1 
HETATM 1280 O  O   . HOH I 4 .   ? 2.349   17.989  17.499  1.00 13.20 ? 372 HOH A O   1 
HETATM 1281 O  O   . HOH I 4 .   ? -7.444  20.612  10.372  1.00 29.30 ? 373 HOH A O   1 
HETATM 1282 O  O   . HOH I 4 .   ? 5.839   -5.944  15.179  1.00 2.77  ? 374 HOH A O   1 
HETATM 1283 O  O   . HOH I 4 .   ? 2.577   24.329  5.215   1.00 9.78  ? 375 HOH A O   1 
# 
